data_6QDM
#
_entry.id   6QDM
#
_cell.length_a   157.392
_cell.length_b   97.610
_cell.length_c   148.882
_cell.angle_alpha   90.00
_cell.angle_beta   93.41
_cell.angle_gamma   90.00
#
_symmetry.space_group_name_H-M   'C 1 2 1'
#
_entity_poly.entity_id   1
_entity_poly.type   'polypeptide(L)'
_entity_poly.pdbx_seq_one_letter_code
;MVARVQTAEEIRDEGNAAVKDQDYIKADELYTEALQLTTDEDKALRPVLYRNRAMARLKRDDFEGAQSDCTKALEFDGAD
VKALFRRSLAREQLGNVGPAFQDAKEALRLSPNDKGIVEVLQRLVKANNDKIKQTTSLANKVTDMEKLAFRGEAKDTEQK
MTALNNLLVLCRESESGATGVWNQGALVPFVLNLINDASENEEVTVTAIRILDETIKNSVRCMKFLAMHDPDGPKSVRFV
CRLMCKKSTKDFVDATGILVQRVFNAMAKMDRQKEMKPDPEVAEANKIWIIRVLLELQEMLQDPKVGAVQRETCIDLFLK
NLMHMDGGIPRGWSWKFVEERGLLALLDVASQIPELCEYPVSAETRQHVAICLQRLEEDMVFDTKRTIFKEKVDMFFNAL
ISRCTNDDEGHKYRIKLSCFLITMLQGPVDIGINLITNDQLTPIMLEMAASQDHLMQGIAAELIVATVSKHERAINMLKV
GIPVLRALYDSEDPTVKVRALVGLCKIGAAGGDDISKATMKEEAVISLAKTCKKFLLETEKYSVDIRRYACEGLSYLSLD
ADVKEWIVDDSLLLKALVLLAKKAGALCVYTLATIYANLSNAFEKPKVDEEMVKLAQFAKHHVPETHPKDTEEYVEKRVR
ALVEEGAVPACVAVSKTESKNALELIARSLLAFAEYEDLRGRIIAEGGTVLCLRLTKEASGEGKIKAGHAIAKLGAKADP
MISFPGQRAYEVVKPLCDLLHPDVEGKANYDSLLTLTNLASVSDSIRGRILKEKAIPKIEEFWFMTDHEHLRAAAAELLL
NLLFFEKFYEETVAPGTDRLKLWVLYSAEVEEERLSRASAAGFAILTEDENACARIMDEIKSWPEVFKDIAMHEDAETQR
RGLMGIANIMHSSNKLCSEIVSSEVFRVLVAVTKL(UNK)(UNK)(UNK)(UNK)(UNK)(UNK)(UNK)(UNK)(UNK)
(UNK)(UNK)(UNK)(UNK)(UNK)(UNK)(UNK)(UNK)(UNK)(UNK)(UNK)(UNK)(UNK)(UNK)(UNK)(UNK)
(UNK)(UNK)(UNK)(UNK)(UNK)(UNK)(UNK)(UNK)(UNK)(UNK)(UNK)(UNK)(UNK)(UNK)(UNK)(UNK)
(UNK)(UNK)(UNK)(UNK)(UNK)(UNK)(UNK)
;
_entity_poly.pdbx_strand_id   A,B
#
# COMPACT_ATOMS: atom_id res chain seq x y z
N THR A 136 12.16 14.36 58.21
CA THR A 136 13.29 15.23 58.51
C THR A 136 14.61 14.70 57.99
N SER A 137 14.59 13.48 57.45
CA SER A 137 15.78 12.97 56.76
C SER A 137 16.09 13.85 55.55
N LEU A 138 15.05 14.36 54.89
CA LEU A 138 15.18 15.49 53.98
C LEU A 138 15.79 16.70 54.70
N ALA A 139 15.27 17.02 55.92
CA ALA A 139 15.66 18.23 56.67
C ALA A 139 17.05 18.15 57.28
N ASN A 140 17.58 16.93 57.46
CA ASN A 140 18.94 16.66 57.87
C ASN A 140 19.91 16.58 56.67
N LYS A 141 19.43 16.11 55.50
CA LYS A 141 20.29 16.07 54.32
C LYS A 141 20.41 17.43 53.65
N VAL A 142 19.51 18.37 53.94
CA VAL A 142 19.74 19.76 53.55
C VAL A 142 20.58 20.52 54.57
N THR A 143 20.68 20.01 55.81
CA THR A 143 21.50 20.64 56.83
C THR A 143 22.98 20.39 56.53
N ASP A 144 23.27 19.17 56.09
CA ASP A 144 24.65 18.82 55.76
C ASP A 144 25.16 19.70 54.63
N MET A 145 24.42 19.74 53.52
CA MET A 145 24.83 20.55 52.37
C MET A 145 24.74 22.04 52.67
N GLU A 146 23.95 22.42 53.69
CA GLU A 146 23.83 23.82 54.11
C GLU A 146 25.10 24.34 54.75
N LYS A 147 25.68 23.56 55.67
CA LYS A 147 26.89 24.10 56.28
C LYS A 147 28.03 24.18 55.28
N LEU A 148 28.16 23.22 54.37
CA LEU A 148 29.24 23.15 53.38
C LEU A 148 29.08 24.16 52.24
N ALA A 149 28.00 24.92 52.21
CA ALA A 149 27.81 25.95 51.19
C ALA A 149 27.83 27.35 51.78
N PHE A 150 27.03 27.58 52.81
CA PHE A 150 26.85 28.92 53.34
C PHE A 150 27.42 29.12 54.74
N ARG A 151 27.28 28.17 55.65
CA ARG A 151 27.68 28.39 57.03
C ARG A 151 29.13 28.05 57.28
N GLY A 152 29.95 27.99 56.23
CA GLY A 152 31.38 27.91 56.42
C GLY A 152 31.93 26.57 56.85
N GLU A 153 31.68 25.52 56.05
CA GLU A 153 32.31 24.19 56.24
C GLU A 153 33.00 23.83 54.93
N ALA A 154 34.19 24.39 54.69
CA ALA A 154 34.89 24.13 53.42
C ALA A 154 36.35 24.50 53.57
N LYS A 155 37.25 23.53 53.36
CA LYS A 155 38.68 23.84 53.21
C LYS A 155 39.11 23.70 51.75
N ASP A 156 38.14 23.58 50.82
CA ASP A 156 38.39 23.42 49.38
C ASP A 156 37.20 23.98 48.62
N THR A 157 37.48 24.56 47.45
CA THR A 157 36.45 25.11 46.58
C THR A 157 35.67 24.01 45.88
N GLU A 158 36.36 22.98 45.39
CA GLU A 158 35.67 21.97 44.62
C GLU A 158 34.76 21.10 45.48
N GLN A 159 35.02 20.94 46.80
CA GLN A 159 34.04 20.21 47.61
C GLN A 159 32.79 21.05 47.86
N LYS A 160 32.94 22.37 47.90
CA LYS A 160 31.76 23.22 47.93
C LYS A 160 30.98 23.09 46.63
N MET A 161 31.72 23.04 45.52
CA MET A 161 31.10 22.75 44.23
C MET A 161 30.44 21.37 44.24
N THR A 162 31.00 20.42 44.96
CA THR A 162 30.35 19.11 45.07
C THR A 162 29.05 19.19 45.84
N ALA A 163 29.01 19.96 46.94
CA ALA A 163 27.75 20.11 47.67
C ALA A 163 26.71 20.86 46.85
N LEU A 164 27.15 21.85 46.06
CA LEU A 164 26.27 22.59 45.17
C LEU A 164 25.70 21.70 44.08
N ASN A 165 26.55 20.90 43.43
CA ASN A 165 26.07 20.08 42.32
C ASN A 165 25.21 18.93 42.84
N ASN A 166 25.44 18.49 44.08
CA ASN A 166 24.50 17.58 44.73
C ASN A 166 23.16 18.25 44.97
N LEU A 167 23.16 19.50 45.43
CA LEU A 167 21.86 20.10 45.67
C LEU A 167 21.18 20.46 44.37
N LEU A 168 21.93 20.81 43.34
CA LEU A 168 21.29 21.13 42.09
C LEU A 168 20.58 19.90 41.54
N VAL A 169 21.23 18.73 41.60
CA VAL A 169 20.55 17.50 41.22
C VAL A 169 19.40 17.21 42.20
N LEU A 170 19.60 17.53 43.48
CA LEU A 170 18.64 17.12 44.50
C LEU A 170 17.35 17.91 44.39
N CYS A 171 17.44 19.21 44.15
CA CYS A 171 16.22 20.00 43.93
C CYS A 171 15.64 19.72 42.55
N ARG A 172 16.46 19.42 41.53
CA ARG A 172 15.88 19.18 40.21
C ARG A 172 15.18 17.83 40.11
N GLU A 173 15.42 16.90 41.04
CA GLU A 173 14.81 15.58 40.93
C GLU A 173 13.39 15.50 41.49
N SER A 174 13.08 16.20 42.58
CA SER A 174 11.73 16.16 43.15
C SER A 174 11.25 17.57 43.50
N GLU A 175 9.92 17.73 43.63
CA GLU A 175 9.40 18.95 44.23
C GLU A 175 9.78 19.03 45.70
N SER A 176 9.95 17.86 46.35
CA SER A 176 10.33 17.86 47.76
C SER A 176 11.74 18.43 47.95
N GLY A 177 12.56 18.37 46.90
CA GLY A 177 13.85 19.04 46.96
C GLY A 177 13.67 20.55 47.06
N ALA A 178 12.77 21.12 46.22
CA ALA A 178 12.49 22.54 46.29
C ALA A 178 11.79 22.94 47.58
N THR A 179 11.11 21.97 48.21
CA THR A 179 10.54 22.23 49.53
C THR A 179 11.63 22.26 50.60
N GLY A 180 12.52 21.27 50.63
CA GLY A 180 13.50 21.23 51.72
C GLY A 180 14.56 22.30 51.60
N VAL A 181 14.99 22.62 50.36
CA VAL A 181 16.02 23.65 50.19
C VAL A 181 15.48 25.03 50.52
N TRP A 182 14.18 25.22 50.37
CA TRP A 182 13.57 26.51 50.68
C TRP A 182 13.73 26.81 52.16
N ASN A 183 13.45 25.82 52.99
CA ASN A 183 13.74 25.89 54.42
C ASN A 183 12.99 27.06 55.06
N GLN A 184 11.72 27.22 54.69
CA GLN A 184 10.92 28.38 55.08
C GLN A 184 11.64 29.69 54.74
N GLY A 185 12.23 29.73 53.55
CA GLY A 185 12.87 30.93 53.09
C GLY A 185 14.24 31.16 53.65
N ALA A 186 14.84 30.14 54.26
CA ALA A 186 16.19 30.29 54.77
C ALA A 186 17.23 30.34 53.65
N LEU A 187 16.85 29.99 52.42
CA LEU A 187 17.79 29.83 51.30
C LEU A 187 18.29 31.15 50.75
N VAL A 188 17.35 32.01 50.41
CA VAL A 188 17.68 33.24 49.68
C VAL A 188 18.66 34.17 50.39
N PRO A 189 18.66 34.31 51.72
CA PRO A 189 19.66 35.21 52.34
C PRO A 189 21.06 34.64 52.35
N PHE A 190 21.18 33.32 52.49
CA PHE A 190 22.47 32.69 52.33
C PHE A 190 23.02 32.98 50.95
N VAL A 191 22.16 32.83 49.93
CA VAL A 191 22.64 33.07 48.58
C VAL A 191 22.99 34.54 48.40
N LEU A 192 22.19 35.46 48.95
CA LEU A 192 22.45 36.86 48.68
C LEU A 192 23.72 37.34 49.37
N ASN A 193 24.06 36.79 50.53
CA ASN A 193 25.36 37.11 51.08
C ASN A 193 26.48 36.42 50.33
N LEU A 194 26.16 35.38 49.55
CA LEU A 194 27.17 34.77 48.67
C LEU A 194 27.44 35.60 47.41
N ILE A 195 26.44 36.28 46.89
CA ILE A 195 26.61 37.01 45.65
C ILE A 195 27.53 38.21 45.87
N ASN A 196 27.49 38.79 47.05
CA ASN A 196 28.19 40.01 47.48
C ASN A 196 29.67 39.82 47.86
N ASP A 197 30.19 38.63 47.60
CA ASP A 197 31.62 38.34 47.49
C ASP A 197 32.24 38.76 46.15
N ALA A 198 33.32 39.53 46.22
CA ALA A 198 34.11 39.87 45.03
C ALA A 198 35.20 38.85 44.76
N SER A 199 35.45 37.99 45.72
CA SER A 199 36.45 36.96 45.65
C SER A 199 35.89 35.62 45.22
N GLU A 200 34.63 35.57 44.76
CA GLU A 200 33.97 34.27 44.62
C GLU A 200 34.07 33.79 43.19
N ASN A 201 34.28 32.49 43.05
CA ASN A 201 34.33 31.90 41.74
C ASN A 201 33.00 32.12 41.01
N GLU A 202 33.09 32.17 39.68
CA GLU A 202 31.92 32.39 38.84
C GLU A 202 30.99 31.18 38.89
N GLU A 203 31.53 30.01 38.64
CA GLU A 203 30.66 28.86 38.46
C GLU A 203 29.95 28.52 39.77
N VAL A 204 30.56 28.83 40.92
CA VAL A 204 29.93 28.61 42.23
C VAL A 204 28.69 29.46 42.41
N THR A 205 28.81 30.75 42.12
CA THR A 205 27.68 31.64 42.30
C THR A 205 26.58 31.29 41.30
N VAL A 206 26.98 30.98 40.06
CA VAL A 206 25.98 30.64 39.06
C VAL A 206 25.35 29.30 39.40
N THR A 207 26.07 28.45 40.13
CA THR A 207 25.42 27.24 40.62
C THR A 207 24.37 27.58 41.66
N ALA A 208 24.63 28.58 42.50
CA ALA A 208 23.59 28.90 43.47
C ALA A 208 22.35 29.43 42.76
N ILE A 209 22.55 30.16 41.66
CA ILE A 209 21.38 30.62 40.92
C ILE A 209 20.66 29.46 40.24
N ARG A 210 21.40 28.46 39.75
CA ARG A 210 20.77 27.30 39.14
C ARG A 210 19.95 26.51 40.14
N ILE A 211 20.26 26.63 41.42
CA ILE A 211 19.35 26.11 42.44
C ILE A 211 18.16 27.03 42.70
N LEU A 212 18.39 28.33 42.67
CA LEU A 212 17.33 29.23 43.15
C LEU A 212 16.18 29.33 42.15
N ASP A 213 16.50 29.33 40.85
CA ASP A 213 15.45 29.42 39.82
C ASP A 213 14.68 28.11 39.71
N GLU A 214 15.32 27.00 40.03
CA GLU A 214 14.57 25.78 40.21
C GLU A 214 13.67 25.86 41.43
N THR A 215 14.10 26.63 42.45
CA THR A 215 13.29 26.73 43.67
C THR A 215 12.04 27.54 43.43
N ILE A 216 12.13 28.57 42.60
CA ILE A 216 11.02 29.49 42.49
C ILE A 216 10.08 29.09 41.36
N LYS A 217 10.16 27.84 40.92
CA LYS A 217 9.19 27.42 39.93
C LYS A 217 7.82 27.28 40.54
N ASN A 218 7.75 27.09 41.86
CA ASN A 218 6.48 27.20 42.57
C ASN A 218 5.95 28.63 42.51
N SER A 219 4.66 28.78 42.16
CA SER A 219 4.03 30.10 42.14
C SER A 219 3.83 30.66 43.53
N VAL A 220 3.69 29.77 44.53
CA VAL A 220 3.58 30.20 45.92
C VAL A 220 4.89 30.81 46.38
N ARG A 221 5.98 30.08 46.15
CA ARG A 221 7.29 30.47 46.64
C ARG A 221 7.84 31.68 45.89
N CYS A 222 7.57 31.78 44.59
CA CYS A 222 8.15 32.90 43.87
C CYS A 222 7.43 34.19 44.22
N MET A 223 6.11 34.14 44.39
CA MET A 223 5.42 35.37 44.76
C MET A 223 5.73 35.76 46.20
N LYS A 224 5.93 34.78 47.10
CA LYS A 224 6.46 35.10 48.42
C LYS A 224 7.85 35.70 48.30
N PHE A 225 8.62 35.24 47.34
CA PHE A 225 9.97 35.74 47.16
C PHE A 225 9.94 37.18 46.67
N LEU A 226 8.92 37.57 45.91
CA LEU A 226 9.04 38.79 45.14
C LEU A 226 9.10 40.02 46.03
N ALA A 227 8.20 40.13 47.00
CA ALA A 227 8.16 41.30 47.87
C ALA A 227 8.86 41.03 49.21
N MET A 228 9.63 39.95 49.30
CA MET A 228 10.19 39.68 50.62
C MET A 228 11.47 40.47 50.89
N HIS A 229 11.94 41.27 49.91
CA HIS A 229 13.13 42.11 49.99
C HIS A 229 12.84 43.58 50.30
N ASP A 230 11.61 43.90 50.83
CA ASP A 230 11.27 45.24 51.30
C ASP A 230 9.87 45.17 51.89
N PRO A 231 9.67 45.77 53.08
CA PRO A 231 8.29 46.00 53.51
C PRO A 231 7.46 46.80 52.47
N ASP A 232 8.11 47.70 51.76
CA ASP A 232 7.52 48.35 50.62
C ASP A 232 7.58 47.45 49.39
N GLY A 233 6.63 47.60 48.48
CA GLY A 233 6.52 46.75 47.31
C GLY A 233 7.59 46.96 46.26
N PRO A 234 7.54 48.14 45.62
CA PRO A 234 8.30 48.33 44.37
C PRO A 234 9.80 48.44 44.58
N LYS A 235 10.26 48.70 45.80
CA LYS A 235 11.69 48.69 46.02
C LYS A 235 12.19 47.27 46.15
N SER A 236 11.36 46.35 46.64
CA SER A 236 11.73 44.94 46.54
C SER A 236 11.69 44.46 45.10
N VAL A 237 10.77 45.03 44.31
CA VAL A 237 10.78 44.78 42.87
C VAL A 237 12.11 45.21 42.26
N ARG A 238 12.51 46.47 42.50
CA ARG A 238 13.76 46.96 41.92
C ARG A 238 14.96 46.21 42.46
N PHE A 239 14.89 45.73 43.71
CA PHE A 239 16.01 44.97 44.24
C PHE A 239 16.18 43.66 43.48
N VAL A 240 15.08 43.04 43.04
CA VAL A 240 15.25 41.83 42.23
C VAL A 240 15.69 42.18 40.83
N CYS A 241 15.23 43.30 40.29
CA CYS A 241 15.64 43.68 38.93
C CYS A 241 17.10 44.09 38.84
N ARG A 242 17.65 44.66 39.90
CA ARG A 242 19.05 45.02 39.89
C ARG A 242 19.93 43.90 40.35
N LEU A 243 19.43 42.67 40.37
CA LEU A 243 20.31 41.55 40.65
C LEU A 243 21.24 41.24 39.49
N MET A 244 20.89 41.64 38.29
CA MET A 244 21.84 41.41 37.22
C MET A 244 22.99 42.41 37.26
N CYS A 245 22.83 43.58 37.88
CA CYS A 245 23.93 44.55 37.90
C CYS A 245 24.95 44.30 39.01
N LYS A 246 24.89 43.16 39.68
CA LYS A 246 25.94 42.84 40.64
C LYS A 246 27.25 42.56 39.93
N LYS A 247 27.23 41.68 38.91
CA LYS A 247 28.41 41.29 38.12
C LYS A 247 28.13 41.43 36.63
N SER A 248 29.17 41.24 35.82
CA SER A 248 29.11 41.52 34.38
C SER A 248 29.58 40.37 33.49
N THR A 249 29.72 39.17 34.04
CA THR A 249 30.04 38.07 33.18
C THR A 249 28.80 37.70 32.37
N LYS A 250 29.02 37.05 31.23
CA LYS A 250 27.86 36.72 30.42
C LYS A 250 27.02 35.64 31.07
N ASP A 251 27.67 34.70 31.78
CA ASP A 251 26.94 33.58 32.36
C ASP A 251 26.08 34.02 33.54
N PHE A 252 26.60 34.92 34.35
CA PHE A 252 25.81 35.42 35.46
C PHE A 252 24.62 36.19 34.95
N VAL A 253 24.80 36.99 33.90
CA VAL A 253 23.65 37.76 33.46
C VAL A 253 22.62 36.87 32.77
N ASP A 254 23.05 35.79 32.07
CA ASP A 254 22.04 34.92 31.46
C ASP A 254 21.24 34.14 32.52
N ALA A 255 21.88 33.78 33.67
CA ALA A 255 21.14 33.08 34.73
C ALA A 255 20.21 34.02 35.51
N THR A 256 20.58 35.30 35.64
CA THR A 256 19.66 36.26 36.26
C THR A 256 18.45 36.51 35.37
N GLY A 257 18.65 36.47 34.04
CA GLY A 257 17.50 36.52 33.14
C GLY A 257 16.63 35.27 33.22
N ILE A 258 17.22 34.15 33.64
CA ILE A 258 16.36 33.02 33.98
C ILE A 258 15.54 33.31 35.23
N LEU A 259 16.13 34.05 36.19
CA LEU A 259 15.38 34.39 37.41
C LEU A 259 14.17 35.26 37.14
N VAL A 260 14.33 36.28 36.30
CA VAL A 260 13.19 37.11 35.94
C VAL A 260 12.19 36.36 35.05
N GLN A 261 12.68 35.43 34.22
CA GLN A 261 11.80 34.60 33.44
C GLN A 261 10.87 33.78 34.32
N ARG A 262 11.39 33.19 35.38
CA ARG A 262 10.52 32.40 36.25
C ARG A 262 9.49 33.26 36.99
N VAL A 263 9.73 34.57 37.13
CA VAL A 263 8.72 35.46 37.69
C VAL A 263 7.54 35.61 36.73
N PHE A 264 7.83 35.85 35.45
CA PHE A 264 6.69 35.85 34.54
C PHE A 264 5.99 34.51 34.54
N ASN A 265 6.75 33.44 34.73
CA ASN A 265 6.10 32.14 34.82
C ASN A 265 5.32 31.97 36.11
N ALA A 266 5.60 32.77 37.14
CA ALA A 266 4.83 32.67 38.37
C ALA A 266 3.56 33.53 38.36
N MET A 267 3.62 34.74 37.77
CA MET A 267 2.47 35.64 37.80
C MET A 267 1.36 35.17 36.87
N ALA A 268 1.63 35.15 35.55
CA ALA A 268 0.60 34.86 34.57
C ALA A 268 0.35 33.38 34.46
N LYS A 269 1.13 32.58 35.17
CA LYS A 269 1.09 31.14 35.02
C LYS A 269 1.15 30.79 33.54
N MET A 270 2.29 31.16 32.92
CA MET A 270 2.63 30.88 31.53
C MET A 270 3.98 30.19 31.50
N ASP A 271 4.26 29.51 30.39
CA ASP A 271 5.57 28.87 30.20
C ASP A 271 5.94 28.80 28.73
N ARG A 272 6.97 29.54 28.31
CA ARG A 272 7.45 29.40 26.95
C ARG A 272 8.19 28.09 26.73
N GLN A 273 8.71 27.50 27.81
CA GLN A 273 9.42 26.22 27.73
C GLN A 273 8.47 25.05 27.54
N LYS A 274 7.22 25.15 28.01
CA LYS A 274 6.27 24.07 27.88
C LYS A 274 5.04 24.50 27.10
N GLU A 275 5.15 25.60 26.34
CA GLU A 275 4.07 26.09 25.49
C GLU A 275 2.82 26.39 26.29
N MET A 276 2.98 26.73 27.55
CA MET A 276 1.84 26.85 28.45
C MET A 276 1.29 28.27 28.36
N LYS A 277 0.03 28.39 27.95
CA LYS A 277 -0.53 29.72 27.82
C LYS A 277 -0.82 30.31 29.21
N PRO A 278 -0.80 31.62 29.33
CA PRO A 278 -1.15 32.25 30.60
C PRO A 278 -2.64 32.15 30.85
N ASP A 279 -3.01 32.34 32.11
CA ASP A 279 -4.41 32.40 32.46
C ASP A 279 -4.83 33.85 32.60
N PRO A 280 -5.72 34.35 31.74
CA PRO A 280 -6.16 35.76 31.87
C PRO A 280 -6.95 36.02 33.13
N GLU A 281 -7.36 34.96 33.82
CA GLU A 281 -7.94 35.12 35.13
C GLU A 281 -6.90 35.67 36.12
N VAL A 282 -5.75 34.96 36.29
CA VAL A 282 -4.72 35.33 37.28
C VAL A 282 -3.84 36.48 36.82
N ALA A 283 -3.92 36.88 35.57
CA ALA A 283 -3.15 38.03 35.13
C ALA A 283 -3.74 39.32 35.71
N GLU A 284 -5.03 39.55 35.48
CA GLU A 284 -5.68 40.73 36.04
C GLU A 284 -5.86 40.62 37.54
N ALA A 285 -5.75 39.42 38.13
CA ALA A 285 -5.88 39.27 39.58
C ALA A 285 -4.68 39.89 40.31
N ASN A 286 -3.54 40.06 39.64
CA ASN A 286 -2.38 40.67 40.28
C ASN A 286 -1.69 41.64 39.32
N LYS A 287 -2.50 42.46 38.64
CA LYS A 287 -2.00 43.44 37.68
C LYS A 287 -1.06 44.48 38.33
N ILE A 288 -1.25 44.79 39.62
CA ILE A 288 -0.48 45.86 40.27
C ILE A 288 0.98 45.47 40.41
N TRP A 289 1.27 44.18 40.52
CA TRP A 289 2.67 43.75 40.52
C TRP A 289 3.32 44.02 39.16
N ILE A 290 2.56 43.77 38.08
CA ILE A 290 3.14 43.86 36.75
C ILE A 290 3.47 45.29 36.43
N ILE A 291 2.59 46.24 36.78
CA ILE A 291 2.97 47.56 36.34
C ILE A 291 4.23 48.05 37.07
N ARG A 292 4.47 47.57 38.29
CA ARG A 292 5.70 47.90 39.01
C ARG A 292 6.90 47.38 38.25
N VAL A 293 6.76 46.16 37.73
CA VAL A 293 7.88 45.56 37.02
C VAL A 293 8.16 46.27 35.72
N LEU A 294 7.12 46.62 34.97
CA LEU A 294 7.40 47.25 33.69
C LEU A 294 8.05 48.59 33.89
N LEU A 295 7.64 49.32 34.94
CA LEU A 295 8.32 50.58 35.19
C LEU A 295 9.78 50.33 35.49
N GLU A 296 10.08 49.25 36.24
CA GLU A 296 11.47 49.02 36.58
C GLU A 296 12.27 48.74 35.34
N LEU A 297 11.71 47.97 34.43
CA LEU A 297 12.48 47.63 33.24
C LEU A 297 12.66 48.83 32.34
N GLN A 298 11.61 49.62 32.14
CA GLN A 298 11.87 50.77 31.31
C GLN A 298 12.66 51.86 32.04
N GLU A 299 12.83 51.75 33.36
CA GLU A 299 13.84 52.55 34.07
C GLU A 299 15.25 52.06 33.77
N MET A 300 15.47 50.74 33.78
CA MET A 300 16.79 50.19 33.52
C MET A 300 17.20 50.37 32.09
N LEU A 301 16.25 50.58 31.19
CA LEU A 301 16.70 50.73 29.81
C LEU A 301 17.35 52.08 29.60
N GLN A 302 16.97 53.12 30.34
CA GLN A 302 17.68 54.38 30.20
C GLN A 302 18.51 54.74 31.44
N ASP A 303 18.75 53.77 32.30
CA ASP A 303 19.57 54.00 33.49
C ASP A 303 21.04 53.86 33.10
N PRO A 304 21.81 54.95 33.08
CA PRO A 304 23.21 54.83 32.68
C PRO A 304 24.09 54.13 33.68
N LYS A 305 23.59 53.81 34.85
CA LYS A 305 24.39 53.03 35.78
C LYS A 305 24.34 51.54 35.50
N VAL A 306 23.74 51.13 34.39
CA VAL A 306 23.63 49.72 34.03
C VAL A 306 24.50 49.42 32.81
N GLY A 307 25.32 48.37 32.91
CA GLY A 307 26.21 47.98 31.82
C GLY A 307 25.47 47.37 30.64
N ALA A 308 26.21 47.16 29.56
CA ALA A 308 25.58 46.81 28.28
C ALA A 308 25.07 45.38 28.27
N VAL A 309 25.84 44.43 28.80
CA VAL A 309 25.39 43.05 28.71
C VAL A 309 24.09 42.85 29.53
N GLN A 310 23.91 43.59 30.62
CA GLN A 310 22.65 43.48 31.35
C GLN A 310 21.51 44.13 30.58
N ARG A 311 21.75 45.29 29.98
CA ARG A 311 20.68 45.95 29.25
C ARG A 311 20.23 45.08 28.08
N GLU A 312 21.16 44.36 27.46
CA GLU A 312 20.73 43.41 26.44
C GLU A 312 19.84 42.36 27.05
N THR A 313 20.16 41.90 28.26
CA THR A 313 19.31 40.84 28.77
C THR A 313 17.91 41.33 29.10
N CYS A 314 17.76 42.58 29.52
CA CYS A 314 16.42 43.15 29.69
C CYS A 314 15.66 43.14 28.38
N ILE A 315 16.34 43.50 27.30
CA ILE A 315 15.61 43.49 26.04
C ILE A 315 15.21 42.07 25.69
N ASP A 316 16.04 41.08 26.01
CA ASP A 316 15.61 39.73 25.73
C ASP A 316 14.41 39.32 26.56
N LEU A 317 14.23 39.91 27.73
CA LEU A 317 13.02 39.58 28.48
C LEU A 317 11.78 40.19 27.86
N PHE A 318 11.90 41.40 27.30
CA PHE A 318 10.76 41.91 26.55
C PHE A 318 10.45 41.05 25.34
N LEU A 319 11.45 40.51 24.68
CA LEU A 319 11.18 39.73 23.48
C LEU A 319 10.42 38.47 23.85
N LYS A 320 10.87 37.78 24.88
CA LYS A 320 10.31 36.47 25.21
C LYS A 320 8.96 36.58 25.94
N ASN A 321 8.89 37.37 27.01
CA ASN A 321 7.75 37.25 27.90
C ASN A 321 6.64 38.22 27.61
N LEU A 322 6.90 39.26 26.84
CA LEU A 322 5.88 40.26 26.66
C LEU A 322 4.82 39.83 25.68
N MET A 323 5.20 39.39 24.48
CA MET A 323 4.24 39.26 23.38
C MET A 323 3.33 38.03 23.49
N HIS A 324 2.01 38.28 23.44
CA HIS A 324 1.02 37.22 23.40
C HIS A 324 0.98 36.51 22.05
N MET A 325 1.46 37.17 20.98
CA MET A 325 1.64 36.46 19.73
C MET A 325 2.74 35.43 19.88
N ASP A 326 3.65 35.66 20.81
CA ASP A 326 4.74 34.77 21.24
C ASP A 326 4.40 34.08 22.56
N GLY A 327 3.13 34.08 22.94
CA GLY A 327 2.66 33.37 24.12
C GLY A 327 3.12 34.01 25.40
N GLY A 328 3.02 35.33 25.48
CA GLY A 328 3.44 36.05 26.66
C GLY A 328 2.31 36.70 27.43
N ILE A 329 2.47 37.96 27.77
CA ILE A 329 1.46 38.76 28.47
C ILE A 329 0.33 39.12 27.51
N PRO A 330 -0.94 38.98 27.91
CA PRO A 330 -2.04 39.12 26.93
C PRO A 330 -2.25 40.48 26.32
N ARG A 331 -3.37 40.57 25.61
CA ARG A 331 -3.61 41.65 24.68
C ARG A 331 -3.85 42.93 25.46
N GLY A 332 -3.52 44.06 24.82
CA GLY A 332 -3.75 45.33 25.44
C GLY A 332 -2.59 45.79 26.27
N TRP A 333 -1.87 44.85 26.89
CA TRP A 333 -0.69 45.20 27.68
C TRP A 333 0.35 45.88 26.82
N SER A 334 0.64 45.29 25.68
CA SER A 334 1.56 45.91 24.75
C SER A 334 0.98 47.19 24.18
N TRP A 335 -0.34 47.27 24.09
CA TRP A 335 -0.96 48.51 23.63
C TRP A 335 -0.75 49.64 24.64
N LYS A 336 -0.78 49.31 25.93
CA LYS A 336 -0.46 50.26 27.00
C LYS A 336 1.00 50.69 26.98
N PHE A 337 1.90 49.75 26.68
CA PHE A 337 3.32 50.08 26.58
C PHE A 337 3.59 51.03 25.42
N VAL A 338 2.94 50.82 24.28
CA VAL A 338 3.09 51.74 23.15
C VAL A 338 2.45 53.09 23.47
N GLU A 339 1.27 53.06 24.11
CA GLU A 339 0.59 54.29 24.54
C GLU A 339 1.42 55.03 25.58
N GLU A 340 2.32 54.31 26.23
CA GLU A 340 3.22 54.88 27.21
C GLU A 340 4.59 55.11 26.60
N ARG A 341 5.50 55.68 27.39
CA ARG A 341 6.76 56.18 26.86
C ARG A 341 7.84 55.11 26.71
N GLY A 342 7.56 53.83 26.96
CA GLY A 342 8.60 52.83 26.77
C GLY A 342 9.02 52.58 25.34
N LEU A 343 8.08 52.67 24.39
CA LEU A 343 8.49 52.54 23.00
C LEU A 343 9.50 53.63 22.63
N LEU A 344 9.33 54.83 23.17
CA LEU A 344 10.28 55.88 22.83
C LEU A 344 11.66 55.59 23.41
N ALA A 345 11.71 54.89 24.54
CA ALA A 345 13.01 54.47 25.06
C ALA A 345 13.62 53.50 24.08
N LEU A 346 12.82 52.60 23.50
CA LEU A 346 13.46 51.68 22.57
C LEU A 346 13.95 52.40 21.34
N LEU A 347 13.25 53.43 20.92
CA LEU A 347 13.76 54.13 19.75
C LEU A 347 15.03 54.91 20.06
N ASP A 348 15.17 55.40 21.28
CA ASP A 348 16.47 55.94 21.62
C ASP A 348 17.52 54.85 21.63
N VAL A 349 17.17 53.65 22.09
CA VAL A 349 18.18 52.61 22.15
C VAL A 349 18.61 52.19 20.74
N ALA A 350 17.70 52.19 19.78
CA ALA A 350 18.13 51.83 18.44
C ALA A 350 19.03 52.89 17.83
N SER A 351 18.98 54.12 18.33
CA SER A 351 19.87 55.17 17.85
C SER A 351 21.16 55.29 18.67
N GLN A 352 21.83 54.16 18.89
CA GLN A 352 23.04 54.12 19.69
C GLN A 352 24.06 53.17 19.04
N ILE A 353 25.30 53.29 19.49
CA ILE A 353 26.46 52.48 19.12
C ILE A 353 27.41 52.49 20.31
N PRO A 354 28.33 51.55 20.41
CA PRO A 354 29.36 51.67 21.45
C PRO A 354 30.24 52.92 21.33
N GLU A 355 30.38 53.47 20.14
CA GLU A 355 31.26 54.61 19.91
C GLU A 355 30.63 55.94 20.26
N LEU A 356 29.30 56.02 20.20
CA LEU A 356 28.54 57.19 20.55
C LEU A 356 27.35 56.71 21.36
N CYS A 357 27.41 56.94 22.65
CA CYS A 357 26.36 56.46 23.49
C CYS A 357 26.29 57.42 24.65
N GLU A 358 25.13 57.40 25.31
CA GLU A 358 24.94 58.05 26.59
C GLU A 358 24.90 57.04 27.71
N TYR A 359 24.98 55.75 27.39
CA TYR A 359 24.80 54.67 28.34
C TYR A 359 25.31 53.39 27.70
N PRO A 360 25.70 52.38 28.47
CA PRO A 360 26.46 51.27 27.87
C PRO A 360 25.72 50.46 26.82
N VAL A 361 26.18 50.56 25.58
CA VAL A 361 25.61 49.85 24.44
C VAL A 361 26.74 49.08 23.79
N SER A 362 26.53 47.81 23.50
CA SER A 362 27.48 47.10 22.66
C SER A 362 26.92 46.97 21.24
N ALA A 363 27.76 46.46 20.33
CA ALA A 363 27.27 46.25 18.97
C ALA A 363 26.36 45.05 18.89
N GLU A 364 26.47 44.12 19.86
CA GLU A 364 25.56 42.99 19.96
C GLU A 364 24.14 43.42 20.33
N THR A 365 23.98 44.63 20.89
CA THR A 365 22.69 45.09 21.38
C THR A 365 21.71 45.37 20.26
N ARG A 366 22.17 45.96 19.18
CA ARG A 366 21.27 46.38 18.12
C ARG A 366 20.52 45.19 17.54
N GLN A 367 21.17 44.04 17.39
CA GLN A 367 20.44 42.93 16.80
C GLN A 367 19.43 42.36 17.79
N HIS A 368 19.62 42.59 19.10
CA HIS A 368 18.61 42.30 20.14
C HIS A 368 17.44 43.29 20.09
N VAL A 369 17.72 44.50 19.66
CA VAL A 369 16.69 45.50 19.54
C VAL A 369 15.84 45.26 18.31
N ALA A 370 16.47 45.01 17.17
CA ALA A 370 15.69 45.02 15.93
C ALA A 370 14.68 43.89 15.89
N ILE A 371 15.02 42.74 16.46
CA ILE A 371 14.08 41.64 16.50
C ILE A 371 12.91 41.98 17.39
N CYS A 372 13.18 42.53 18.54
CA CYS A 372 12.07 42.77 19.43
C CYS A 372 11.21 43.89 18.89
N LEU A 373 11.77 44.80 18.10
CA LEU A 373 10.93 45.78 17.42
C LEU A 373 10.04 45.13 16.34
N GLN A 374 10.58 44.18 15.57
CA GLN A 374 9.76 43.45 14.59
C GLN A 374 8.70 42.56 15.23
N ARG A 375 9.00 42.01 16.42
CA ARG A 375 8.04 41.23 17.20
C ARG A 375 6.94 42.11 17.79
N LEU A 376 7.26 43.35 18.13
CA LEU A 376 6.22 44.27 18.52
C LEU A 376 5.35 44.61 17.33
N GLU A 377 5.95 44.78 16.15
CA GLU A 377 5.12 45.00 14.98
C GLU A 377 4.27 43.77 14.66
N GLU A 378 4.75 42.57 15.03
CA GLU A 378 3.97 41.32 14.92
C GLU A 378 2.89 41.20 15.99
N ASP A 379 2.99 41.97 17.09
CA ASP A 379 2.02 41.97 18.19
C ASP A 379 0.96 43.05 18.09
N MET A 380 1.15 44.07 17.25
CA MET A 380 0.11 45.09 17.01
C MET A 380 -0.84 44.60 15.92
N VAL A 381 -1.85 43.81 16.31
CA VAL A 381 -2.66 43.09 15.34
C VAL A 381 -3.74 43.94 14.67
N PHE A 382 -4.18 45.02 15.28
CA PHE A 382 -5.24 45.82 14.70
C PHE A 382 -4.68 47.04 14.00
N ASP A 383 -5.32 47.39 12.89
CA ASP A 383 -4.85 48.49 12.07
C ASP A 383 -5.11 49.84 12.71
N THR A 384 -6.01 49.89 13.70
CA THR A 384 -6.12 51.07 14.56
C THR A 384 -4.80 51.32 15.28
N LYS A 385 -4.24 50.25 15.85
CA LYS A 385 -2.96 50.30 16.54
C LYS A 385 -1.76 50.40 15.60
N ARG A 386 -1.82 49.83 14.38
CA ARG A 386 -0.71 50.08 13.47
C ARG A 386 -0.72 51.54 13.00
N THR A 387 -1.92 52.14 12.89
CA THR A 387 -2.05 53.58 12.64
C THR A 387 -1.35 54.36 13.74
N ILE A 388 -1.63 53.98 14.99
CA ILE A 388 -1.04 54.65 16.15
C ILE A 388 0.48 54.46 16.22
N PHE A 389 0.96 53.29 15.82
CA PHE A 389 2.39 52.97 15.86
C PHE A 389 3.15 53.82 14.85
N LYS A 390 2.60 53.94 13.65
CA LYS A 390 3.26 54.82 12.70
C LYS A 390 3.22 56.25 13.23
N GLU A 391 2.16 56.61 13.97
CA GLU A 391 2.03 57.99 14.46
C GLU A 391 3.01 58.36 15.57
N LYS A 392 3.42 57.39 16.41
CA LYS A 392 4.48 57.65 17.40
C LYS A 392 5.86 57.75 16.74
N VAL A 393 6.14 56.83 15.82
CA VAL A 393 7.51 56.81 15.34
C VAL A 393 7.78 57.96 14.39
N ASP A 394 6.76 58.52 13.74
CA ASP A 394 7.08 59.69 12.92
C ASP A 394 7.39 60.91 13.76
N MET A 395 6.81 61.03 14.94
CA MET A 395 7.20 62.14 15.80
C MET A 395 8.65 62.01 16.21
N PHE A 396 9.10 60.78 16.52
CA PHE A 396 10.50 60.61 16.89
C PHE A 396 11.43 60.99 15.73
N PHE A 397 11.08 60.53 14.54
CA PHE A 397 11.90 60.77 13.36
C PHE A 397 11.97 62.24 13.01
N ASN A 398 10.83 62.90 12.98
CA ASN A 398 10.84 64.28 12.52
C ASN A 398 11.45 65.18 13.57
N ALA A 399 11.45 64.77 14.85
CA ALA A 399 12.25 65.54 15.81
C ALA A 399 13.73 65.37 15.50
N LEU A 400 14.13 64.17 15.04
CA LEU A 400 15.55 64.03 14.76
C LEU A 400 15.94 64.87 13.57
N ILE A 401 15.10 64.90 12.53
CA ILE A 401 15.46 65.71 11.38
C ILE A 401 15.27 67.21 11.63
N SER A 402 14.47 67.59 12.64
CA SER A 402 14.46 69.00 13.07
C SER A 402 15.80 69.36 13.69
N ARG A 403 16.48 68.35 14.25
CA ARG A 403 17.76 68.54 14.92
C ARG A 403 18.95 68.22 14.03
N CYS A 404 18.73 67.81 12.77
CA CYS A 404 19.81 67.61 11.79
C CYS A 404 20.34 68.94 11.30
N THR A 405 21.18 69.57 12.11
CA THR A 405 21.80 70.82 11.72
C THR A 405 23.27 70.56 11.35
N ASN A 406 23.85 71.54 10.65
CA ASN A 406 25.26 71.46 10.28
C ASN A 406 26.19 71.65 11.45
N ASP A 407 25.69 72.04 12.62
CA ASP A 407 26.58 72.33 13.73
C ASP A 407 27.24 71.06 14.25
N ASP A 408 28.33 71.27 15.02
CA ASP A 408 29.02 70.14 15.64
C ASP A 408 28.10 69.43 16.62
N GLU A 409 27.21 70.17 17.30
CA GLU A 409 26.13 69.49 18.02
C GLU A 409 25.28 68.69 17.05
N GLY A 410 24.98 69.26 15.87
CA GLY A 410 24.06 68.68 14.90
C GLY A 410 24.57 67.52 14.11
N HIS A 411 25.86 67.22 14.16
CA HIS A 411 26.39 66.04 13.48
C HIS A 411 25.93 64.75 14.17
N LYS A 412 25.89 64.74 15.50
CA LYS A 412 25.62 63.50 16.20
C LYS A 412 24.17 63.09 16.08
N TYR A 413 23.27 64.02 15.74
CA TYR A 413 21.89 63.61 15.46
C TYR A 413 21.84 62.92 14.11
N ARG A 414 22.68 63.34 13.15
CA ARG A 414 22.81 62.61 11.90
C ARG A 414 23.37 61.22 12.15
N ILE A 415 24.28 61.12 13.08
CA ILE A 415 24.87 59.80 13.30
C ILE A 415 23.87 58.89 14.02
N LYS A 416 23.08 59.44 14.96
CA LYS A 416 22.05 58.62 15.61
C LYS A 416 20.96 58.19 14.64
N LEU A 417 20.64 59.03 13.63
CA LEU A 417 19.74 58.61 12.58
C LEU A 417 20.31 57.43 11.81
N SER A 418 21.61 57.46 11.58
CA SER A 418 22.22 56.32 10.90
C SER A 418 22.16 55.07 11.75
N CYS A 419 22.37 55.18 13.05
CA CYS A 419 22.24 54.03 13.95
C CYS A 419 20.81 53.53 14.03
N PHE A 420 19.84 54.44 13.88
CA PHE A 420 18.42 54.10 13.89
C PHE A 420 17.98 53.32 12.65
N LEU A 421 18.34 53.81 11.47
CA LEU A 421 17.76 53.23 10.27
C LEU A 421 18.26 51.83 10.03
N ILE A 422 19.50 51.55 10.40
CA ILE A 422 20.00 50.20 10.26
C ILE A 422 19.29 49.25 11.22
N THR A 423 18.94 49.74 12.41
CA THR A 423 18.16 48.94 13.35
C THR A 423 16.75 48.71 12.82
N MET A 424 16.26 49.62 11.97
CA MET A 424 15.00 49.40 11.27
C MET A 424 15.12 48.28 10.25
N LEU A 425 16.12 48.39 9.41
CA LEU A 425 16.19 47.44 8.34
C LEU A 425 16.51 46.06 8.83
N GLN A 426 17.15 45.93 9.99
CA GLN A 426 17.45 44.58 10.42
C GLN A 426 16.22 43.86 10.92
N GLY A 427 15.20 44.60 11.31
CA GLY A 427 14.02 44.00 11.87
C GLY A 427 12.76 44.32 11.09
N PRO A 428 11.98 45.30 11.63
CA PRO A 428 10.77 45.72 10.93
C PRO A 428 11.16 46.42 9.65
N VAL A 429 11.44 45.57 8.68
CA VAL A 429 11.82 46.03 7.37
C VAL A 429 10.69 46.84 6.79
N ASP A 430 9.44 46.48 7.13
CA ASP A 430 8.26 47.02 6.47
C ASP A 430 8.09 48.52 6.66
N ILE A 431 8.34 49.02 7.86
CA ILE A 431 8.07 50.43 8.12
C ILE A 431 9.21 51.31 7.54
N GLY A 432 10.45 50.81 7.62
CA GLY A 432 11.56 51.68 7.29
C GLY A 432 11.62 52.01 5.82
N ILE A 433 11.19 51.10 4.94
CA ILE A 433 11.20 51.38 3.50
C ILE A 433 10.18 52.48 3.17
N ASN A 434 9.09 52.53 3.95
CA ASN A 434 8.14 53.63 3.85
C ASN A 434 8.79 54.94 4.26
N LEU A 435 9.82 54.86 5.09
CA LEU A 435 10.61 56.06 5.34
C LEU A 435 11.79 56.27 4.36
N ILE A 436 12.19 55.22 3.60
CA ILE A 436 13.23 55.32 2.54
C ILE A 436 12.73 56.14 1.36
N THR A 437 11.44 56.04 1.06
CA THR A 437 10.85 56.82 0.00
C THR A 437 10.86 58.32 0.30
N ASN A 438 11.07 58.71 1.56
CA ASN A 438 11.35 60.12 1.90
C ASN A 438 12.66 60.53 1.26
N ASP A 439 12.59 61.53 0.38
CA ASP A 439 13.68 61.81 -0.55
C ASP A 439 14.79 62.67 0.05
N GLN A 440 14.60 63.22 1.26
CA GLN A 440 15.56 64.08 1.96
C GLN A 440 16.76 63.33 2.52
N LEU A 441 16.72 61.99 2.47
CA LEU A 441 17.69 61.12 3.15
C LEU A 441 19.05 61.08 2.45
N THR A 442 19.04 60.80 1.15
CA THR A 442 20.29 60.49 0.46
C THR A 442 21.32 61.64 0.39
N PRO A 443 20.95 62.93 0.39
CA PRO A 443 22.01 63.96 0.44
C PRO A 443 22.70 64.04 1.80
N ILE A 444 21.99 63.70 2.88
CA ILE A 444 22.61 63.58 4.20
C ILE A 444 23.52 62.37 4.25
N MET A 445 23.14 61.28 3.55
CA MET A 445 24.08 60.17 3.37
C MET A 445 25.36 60.61 2.61
N LEU A 446 25.21 61.50 1.63
CA LEU A 446 26.38 62.01 0.93
C LEU A 446 27.19 62.99 1.78
N GLU A 447 26.54 63.78 2.62
CA GLU A 447 27.26 64.72 3.46
C GLU A 447 28.14 63.97 4.44
N MET A 448 27.58 62.97 5.10
CA MET A 448 28.45 62.26 6.03
C MET A 448 29.44 61.38 5.30
N ALA A 449 29.18 61.03 4.04
CA ALA A 449 30.25 60.34 3.30
C ALA A 449 31.36 61.31 2.89
N ALA A 450 31.03 62.57 2.58
CA ALA A 450 32.06 63.57 2.25
C ALA A 450 32.69 64.20 3.50
N SER A 451 32.13 63.93 4.69
CA SER A 451 32.69 64.44 5.92
C SER A 451 34.05 63.80 6.11
N GLN A 452 34.89 64.44 6.94
CA GLN A 452 36.24 63.94 7.17
C GLN A 452 36.37 63.11 8.44
N ASP A 453 35.30 63.02 9.23
CA ASP A 453 35.28 62.02 10.28
C ASP A 453 35.11 60.63 9.66
N HIS A 454 36.02 59.72 9.99
CA HIS A 454 35.96 58.35 9.48
C HIS A 454 34.91 57.50 10.20
N LEU A 455 34.52 57.86 11.41
CA LEU A 455 33.43 57.12 12.04
C LEU A 455 32.13 57.36 11.31
N MET A 456 31.90 58.59 10.85
CA MET A 456 30.66 58.86 10.14
C MET A 456 30.63 58.15 8.77
N GLN A 457 31.80 58.02 8.09
CA GLN A 457 31.85 57.32 6.80
C GLN A 457 31.68 55.81 6.96
N GLY A 458 32.29 55.21 7.98
CA GLY A 458 32.11 53.78 8.16
C GLY A 458 30.67 53.45 8.54
N ILE A 459 30.02 54.34 9.30
CA ILE A 459 28.62 54.04 9.58
C ILE A 459 27.76 54.28 8.33
N ALA A 460 28.17 55.16 7.41
CA ALA A 460 27.40 55.25 6.16
C ALA A 460 27.57 54.02 5.29
N ALA A 461 28.72 53.40 5.32
CA ALA A 461 28.84 52.17 4.54
C ALA A 461 27.89 51.13 5.08
N GLU A 462 27.93 50.90 6.40
CA GLU A 462 27.01 49.84 6.82
C GLU A 462 25.55 50.27 6.76
N LEU A 463 25.26 51.56 6.61
CA LEU A 463 23.89 52.00 6.31
C LEU A 463 23.47 51.57 4.92
N ILE A 464 24.23 51.95 3.90
CA ILE A 464 23.74 51.69 2.55
C ILE A 464 23.83 50.22 2.22
N VAL A 465 24.65 49.46 2.92
CA VAL A 465 24.63 48.06 2.57
C VAL A 465 23.39 47.37 3.14
N ALA A 466 22.77 47.92 4.18
CA ALA A 466 21.49 47.40 4.67
C ALA A 466 20.29 47.90 3.86
N THR A 467 20.50 48.90 3.01
CA THR A 467 19.44 49.47 2.19
C THR A 467 19.06 48.56 1.04
N VAL A 468 20.00 47.77 0.54
CA VAL A 468 19.72 46.85 -0.56
C VAL A 468 18.80 45.74 -0.09
N SER A 469 17.56 45.72 -0.60
CA SER A 469 16.54 44.81 -0.08
C SER A 469 16.08 43.92 -1.24
N LYS A 470 15.01 43.11 -0.96
CA LYS A 470 14.17 42.45 -1.98
C LYS A 470 12.99 43.33 -2.48
N HIS A 471 13.01 44.64 -2.19
CA HIS A 471 12.09 45.57 -2.87
C HIS A 471 12.89 46.51 -3.80
N GLU A 472 12.69 46.41 -5.18
CA GLU A 472 13.34 47.28 -6.21
C GLU A 472 13.10 48.82 -6.10
N ARG A 473 12.28 49.33 -5.15
CA ARG A 473 12.11 50.78 -4.95
C ARG A 473 13.06 51.35 -3.91
N ALA A 474 13.83 50.46 -3.30
CA ALA A 474 15.00 50.84 -2.54
C ALA A 474 16.05 51.39 -3.48
N ILE A 475 16.09 50.89 -4.73
CA ILE A 475 17.02 51.38 -5.74
C ILE A 475 16.62 52.76 -6.20
N ASN A 476 15.36 53.18 -5.90
CA ASN A 476 14.92 54.56 -6.12
C ASN A 476 15.76 55.53 -5.29
N MET A 477 16.31 55.07 -4.17
CA MET A 477 17.33 55.84 -3.51
C MET A 477 18.72 55.32 -3.89
N LEU A 478 18.84 54.02 -4.13
CA LEU A 478 20.12 53.33 -4.18
C LEU A 478 20.78 53.33 -5.55
N LYS A 479 20.07 53.78 -6.58
CA LYS A 479 20.60 53.72 -7.94
C LYS A 479 21.82 54.64 -8.10
N VAL A 480 21.90 55.70 -7.29
CA VAL A 480 22.99 56.70 -7.32
C VAL A 480 24.24 56.35 -6.49
N GLY A 481 24.10 55.64 -5.38
CA GLY A 481 25.21 55.42 -4.47
C GLY A 481 26.14 54.29 -4.82
N ILE A 482 25.98 53.74 -6.01
CA ILE A 482 26.66 52.52 -6.43
C ILE A 482 28.17 52.72 -6.49
N PRO A 483 28.67 53.78 -7.14
CA PRO A 483 30.12 54.00 -7.16
C PRO A 483 30.65 54.54 -5.85
N VAL A 484 29.77 54.98 -4.93
CA VAL A 484 30.24 55.66 -3.72
C VAL A 484 31.01 54.70 -2.85
N LEU A 485 30.40 53.56 -2.54
CA LEU A 485 31.12 52.58 -1.76
C LEU A 485 32.26 52.01 -2.58
N ARG A 486 32.12 52.07 -3.91
CA ARG A 486 33.21 51.72 -4.81
C ARG A 486 34.42 52.63 -4.61
N ALA A 487 34.19 53.85 -4.09
CA ALA A 487 35.23 54.78 -3.63
C ALA A 487 35.64 54.58 -2.18
N LEU A 488 34.70 54.14 -1.33
CA LEU A 488 35.00 54.00 0.08
C LEU A 488 35.89 52.79 0.35
N TYR A 489 35.91 51.81 -0.55
CA TYR A 489 36.90 50.75 -0.42
C TYR A 489 38.30 51.27 -0.67
N ASP A 490 38.41 52.33 -1.47
CA ASP A 490 39.72 52.86 -1.79
C ASP A 490 40.40 53.51 -0.57
N SER A 491 39.63 53.98 0.41
CA SER A 491 40.25 54.47 1.64
C SER A 491 40.79 53.32 2.46
N GLU A 492 41.78 53.64 3.29
CA GLU A 492 42.63 52.65 3.92
C GLU A 492 42.32 52.48 5.39
N ASP A 493 41.39 53.25 5.88
CA ASP A 493 40.94 53.00 7.21
C ASP A 493 40.28 51.63 7.20
N PRO A 494 40.77 50.66 7.98
CA PRO A 494 40.15 49.34 7.95
C PRO A 494 38.74 49.31 8.53
N THR A 495 38.45 50.15 9.53
CA THR A 495 37.08 50.19 10.03
C THR A 495 36.14 50.71 8.97
N VAL A 496 36.64 51.57 8.10
CA VAL A 496 35.81 51.94 6.97
C VAL A 496 35.87 50.82 5.94
N LYS A 497 37.00 50.16 5.83
CA LYS A 497 37.22 49.28 4.69
C LYS A 497 36.35 48.03 4.78
N VAL A 498 36.19 47.43 5.95
CA VAL A 498 35.44 46.19 5.91
C VAL A 498 33.96 46.46 5.74
N ARG A 499 33.51 47.58 6.28
CA ARG A 499 32.15 47.98 6.04
C ARG A 499 31.95 48.38 4.60
N ALA A 500 32.99 48.86 3.92
CA ALA A 500 32.94 49.07 2.47
C ALA A 500 33.11 47.78 1.68
N LEU A 501 33.61 46.74 2.30
CA LEU A 501 33.73 45.45 1.63
C LEU A 501 32.37 44.78 1.52
N VAL A 502 31.59 44.85 2.59
CA VAL A 502 30.28 44.25 2.47
C VAL A 502 29.43 45.07 1.51
N GLY A 503 28.47 44.39 0.88
CA GLY A 503 27.64 45.05 -0.09
C GLY A 503 28.09 44.77 -1.50
N LEU A 504 29.37 45.06 -1.73
CA LEU A 504 30.00 44.45 -2.88
C LEU A 504 29.80 42.95 -2.79
N CYS A 505 29.90 42.41 -1.56
CA CYS A 505 29.56 41.02 -1.33
C CYS A 505 28.08 40.73 -1.54
N LYS A 506 27.24 41.74 -1.38
CA LYS A 506 25.82 41.50 -1.49
C LYS A 506 25.38 41.43 -2.95
N ILE A 507 25.95 42.30 -3.80
CA ILE A 507 25.57 42.42 -5.20
C ILE A 507 26.24 41.38 -6.10
N GLY A 508 27.04 40.48 -5.53
CA GLY A 508 27.60 39.41 -6.34
C GLY A 508 26.54 38.38 -6.77
N VAL A 525 34.79 38.42 -9.88
CA VAL A 525 33.85 38.57 -8.77
C VAL A 525 34.26 37.60 -7.66
N ILE A 526 35.24 36.76 -7.97
CA ILE A 526 35.78 35.85 -6.98
C ILE A 526 36.91 36.53 -6.21
N SER A 527 37.37 37.68 -6.72
CA SER A 527 38.41 38.48 -6.07
C SER A 527 37.88 39.15 -4.79
N LEU A 528 36.58 39.42 -4.69
CA LEU A 528 36.07 39.87 -3.41
C LEU A 528 36.18 38.77 -2.36
N ALA A 529 35.97 37.53 -2.76
CA ALA A 529 36.18 36.43 -1.82
C ALA A 529 37.63 36.26 -1.49
N LYS A 530 38.50 36.54 -2.44
CA LYS A 530 39.94 36.56 -2.16
C LYS A 530 40.31 37.67 -1.15
N THR A 531 39.61 38.81 -1.20
CA THR A 531 39.83 39.93 -0.25
C THR A 531 39.34 39.62 1.17
N CYS A 532 38.14 39.03 1.31
CA CYS A 532 37.67 38.63 2.64
C CYS A 532 38.53 37.55 3.21
N LYS A 533 39.10 36.78 2.33
CA LYS A 533 40.05 35.78 2.74
C LYS A 533 41.17 36.43 3.53
N LYS A 534 41.53 37.65 3.15
CA LYS A 534 42.66 38.32 3.75
C LYS A 534 42.35 38.78 5.16
N PHE A 535 41.11 39.25 5.40
CA PHE A 535 40.74 39.75 6.71
C PHE A 535 40.45 38.62 7.68
N LEU A 536 39.86 37.53 7.23
CA LEU A 536 39.39 36.53 8.19
C LEU A 536 40.52 35.69 8.77
N LEU A 537 41.56 35.40 7.97
CA LEU A 537 42.65 34.52 8.41
C LEU A 537 43.55 35.20 9.44
N GLU A 538 43.62 36.54 9.40
CA GLU A 538 44.36 37.34 10.37
C GLU A 538 43.61 37.42 11.66
N THR A 539 44.08 36.73 12.70
CA THR A 539 43.33 36.61 13.95
C THR A 539 43.85 37.52 15.04
N GLU A 540 45.10 37.36 15.42
CA GLU A 540 45.60 38.06 16.59
C GLU A 540 45.61 39.56 16.33
N LYS A 541 45.85 39.96 15.07
CA LYS A 541 45.97 41.39 14.76
C LYS A 541 44.60 42.05 14.79
N TYR A 542 43.60 41.44 14.18
CA TYR A 542 42.29 42.08 14.03
C TYR A 542 41.35 41.70 15.17
N SER A 543 40.42 42.62 15.46
CA SER A 543 39.47 42.46 16.55
C SER A 543 38.27 41.65 16.10
N VAL A 544 37.44 41.26 17.07
CA VAL A 544 36.25 40.52 16.72
C VAL A 544 35.20 41.43 16.12
N ASP A 545 35.24 42.72 16.43
CA ASP A 545 34.25 43.60 15.83
C ASP A 545 34.47 43.75 14.34
N ILE A 546 35.71 43.71 13.89
CA ILE A 546 35.92 43.77 12.45
C ILE A 546 35.59 42.44 11.81
N ARG A 547 36.02 41.36 12.44
CA ARG A 547 35.87 40.06 11.82
C ARG A 547 34.42 39.58 11.82
N ARG A 548 33.52 40.29 12.48
CA ARG A 548 32.09 40.01 12.26
C ARG A 548 31.66 40.44 10.86
N TYR A 549 32.15 41.59 10.39
CA TYR A 549 31.66 42.07 9.10
C TYR A 549 32.15 41.22 7.94
N ALA A 550 33.32 40.61 8.04
CA ALA A 550 33.74 39.77 6.93
C ALA A 550 32.85 38.54 6.85
N CYS A 551 32.38 38.04 7.99
CA CYS A 551 31.41 36.96 7.94
C CYS A 551 30.13 37.43 7.27
N GLU A 552 29.75 38.69 7.49
CA GLU A 552 28.53 39.12 6.80
C GLU A 552 28.78 39.20 5.29
N GLY A 553 29.98 39.64 4.89
CA GLY A 553 30.28 39.73 3.48
C GLY A 553 30.38 38.36 2.82
N LEU A 554 30.91 37.39 3.54
CA LEU A 554 31.05 36.05 2.98
C LEU A 554 29.71 35.31 2.96
N SER A 555 28.82 35.55 3.92
CA SER A 555 27.47 35.00 3.76
C SER A 555 26.78 35.62 2.55
N TYR A 556 26.99 36.91 2.30
CA TYR A 556 26.40 37.44 1.07
C TYR A 556 27.08 36.91 -0.18
N LEU A 557 28.32 36.43 -0.06
CA LEU A 557 29.04 35.76 -1.15
C LEU A 557 28.67 34.30 -1.32
N SER A 558 28.09 33.70 -0.31
CA SER A 558 27.81 32.28 -0.39
C SER A 558 26.54 31.98 -1.19
N LEU A 559 25.99 32.95 -1.93
CA LEU A 559 24.82 32.63 -2.76
C LEU A 559 25.25 31.88 -4.00
N ASP A 560 26.49 32.08 -4.46
CA ASP A 560 26.98 31.33 -5.60
C ASP A 560 27.34 29.89 -5.24
N ALA A 561 26.98 28.96 -6.13
CA ALA A 561 27.21 27.54 -5.88
C ALA A 561 28.68 27.18 -6.03
N ASP A 562 29.35 27.80 -7.01
CA ASP A 562 30.74 27.47 -7.34
C ASP A 562 31.73 28.02 -6.30
N VAL A 563 31.39 29.11 -5.58
CA VAL A 563 32.30 29.63 -4.56
C VAL A 563 32.23 28.78 -3.30
N LYS A 564 31.14 28.01 -3.14
CA LYS A 564 31.00 27.17 -1.96
C LYS A 564 32.06 26.11 -1.93
N GLU A 565 32.40 25.58 -3.11
CA GLU A 565 33.43 24.56 -3.17
C GLU A 565 34.80 25.15 -2.84
N TRP A 566 35.04 26.40 -3.26
CA TRP A 566 36.31 27.01 -2.89
C TRP A 566 36.37 27.26 -1.41
N ILE A 567 35.21 27.46 -0.81
CA ILE A 567 35.17 27.58 0.63
C ILE A 567 35.52 26.26 1.27
N VAL A 568 34.92 25.17 0.79
CA VAL A 568 35.16 23.94 1.51
C VAL A 568 36.60 23.46 1.31
N ASP A 569 37.25 23.85 0.21
CA ASP A 569 38.62 23.35 -0.04
C ASP A 569 39.60 23.90 0.98
N ASP A 570 39.24 25.00 1.65
CA ASP A 570 40.00 25.47 2.80
C ASP A 570 39.61 24.81 4.08
N SER A 571 40.65 24.60 4.90
CA SER A 571 40.41 23.98 6.21
C SER A 571 40.69 24.96 7.33
N LEU A 572 41.72 25.69 7.06
CA LEU A 572 42.18 26.70 7.99
C LEU A 572 41.21 27.87 8.03
N LEU A 573 40.38 28.03 6.99
CA LEU A 573 39.24 28.93 7.08
C LEU A 573 38.31 28.50 8.18
N LEU A 574 37.97 27.21 8.20
CA LEU A 574 37.10 26.71 9.25
C LEU A 574 37.78 26.80 10.59
N LYS A 575 39.09 26.64 10.63
CA LYS A 575 39.74 26.88 11.89
C LYS A 575 39.44 28.28 12.31
N ALA A 576 39.42 29.21 11.34
CA ALA A 576 39.09 30.59 11.65
C ALA A 576 37.63 30.74 12.08
N LEU A 577 36.75 29.91 11.54
CA LEU A 577 35.35 30.06 11.92
C LEU A 577 35.11 29.64 13.35
N VAL A 578 35.70 28.53 13.77
CA VAL A 578 35.54 28.12 15.16
C VAL A 578 36.23 29.12 16.10
N LEU A 579 37.41 29.60 15.73
CA LEU A 579 38.03 30.60 16.59
C LEU A 579 37.28 31.92 16.54
N LEU A 580 36.42 32.13 15.54
CA LEU A 580 35.51 33.28 15.57
C LEU A 580 34.33 33.07 16.52
N ALA A 581 33.62 31.96 16.38
CA ALA A 581 32.38 31.77 17.12
C ALA A 581 32.67 31.55 18.59
N LYS A 582 33.75 30.84 18.91
CA LYS A 582 34.09 30.62 20.30
C LYS A 582 34.78 31.82 20.97
N LYS A 583 35.20 32.85 20.23
CA LYS A 583 35.78 34.06 20.83
C LYS A 583 34.78 35.21 20.85
N ALA A 584 34.08 35.46 19.75
CA ALA A 584 32.99 36.45 19.64
C ALA A 584 31.66 35.93 20.19
N GLY A 585 31.54 34.64 20.49
CA GLY A 585 30.31 34.15 21.10
C GLY A 585 29.15 34.24 20.14
N ALA A 586 28.03 34.81 20.61
CA ALA A 586 26.80 34.89 19.85
C ALA A 586 26.67 36.19 19.06
N LEU A 587 27.79 36.68 18.55
CA LEU A 587 27.84 38.00 17.95
C LEU A 587 27.41 38.01 16.50
N CYS A 588 27.50 36.88 15.81
CA CYS A 588 27.44 36.73 14.36
C CYS A 588 26.46 35.63 13.93
N VAL A 589 25.26 35.67 14.48
CA VAL A 589 24.43 34.50 14.29
C VAL A 589 23.69 34.54 12.97
N TYR A 590 23.18 35.71 12.55
CA TYR A 590 22.45 35.75 11.29
C TYR A 590 23.29 35.26 10.15
N THR A 591 24.54 35.70 10.12
CA THR A 591 25.43 35.48 8.98
C THR A 591 26.02 34.08 8.99
N LEU A 592 26.47 33.63 10.15
CA LEU A 592 27.03 32.28 10.18
C LEU A 592 25.93 31.26 9.88
N ALA A 593 24.71 31.50 10.37
CA ALA A 593 23.68 30.56 9.95
C ALA A 593 23.34 30.75 8.49
N THR A 594 23.45 31.98 7.97
CA THR A 594 23.22 32.15 6.54
C THR A 594 24.20 31.32 5.75
N ILE A 595 25.45 31.24 6.19
CA ILE A 595 26.40 30.40 5.49
C ILE A 595 26.02 28.93 5.57
N TYR A 596 25.64 28.44 6.76
CA TYR A 596 25.33 27.01 6.82
C TYR A 596 24.11 26.66 5.98
N ALA A 597 23.15 27.58 5.91
CA ALA A 597 22.01 27.38 5.03
C ALA A 597 22.46 27.33 3.59
N ASN A 598 23.41 28.18 3.22
CA ASN A 598 23.84 28.13 1.83
C ASN A 598 24.67 26.89 1.54
N LEU A 599 25.38 26.37 2.53
CA LEU A 599 26.20 25.20 2.26
C LEU A 599 25.35 23.96 2.04
N SER A 600 24.39 23.70 2.90
CA SER A 600 23.53 22.56 2.59
C SER A 600 22.38 22.93 1.70
N ASN A 601 22.40 24.14 1.15
CA ASN A 601 21.37 24.67 0.27
C ASN A 601 20.02 24.73 0.96
N ALA A 602 20.02 25.06 2.27
CA ALA A 602 18.84 24.96 3.12
C ALA A 602 17.85 26.13 2.98
N PHE A 603 18.19 27.17 2.19
CA PHE A 603 17.23 28.24 1.86
C PHE A 603 16.16 27.69 0.94
N GLU A 604 16.58 26.99 -0.12
CA GLU A 604 15.73 26.28 -1.06
C GLU A 604 15.29 24.92 -0.53
N LYS A 605 15.61 24.63 0.74
CA LYS A 605 15.14 23.41 1.38
C LYS A 605 13.62 23.35 1.47
N PRO A 606 12.88 24.50 1.60
CA PRO A 606 11.48 24.52 1.09
C PRO A 606 11.40 24.28 -0.42
N LYS A 607 11.47 23.00 -0.86
CA LYS A 607 11.32 22.56 -2.25
C LYS A 607 9.84 22.49 -2.71
N VAL A 608 8.99 23.34 -2.12
CA VAL A 608 7.56 23.43 -2.42
C VAL A 608 7.34 23.86 -3.88
N ASP A 609 8.26 24.68 -4.43
CA ASP A 609 8.22 25.17 -5.81
C ASP A 609 8.81 24.18 -6.81
N GLU A 610 9.65 23.24 -6.35
CA GLU A 610 10.21 22.23 -7.26
C GLU A 610 9.13 21.29 -7.80
N GLU A 611 8.09 21.04 -7.00
CA GLU A 611 6.93 20.27 -7.49
C GLU A 611 6.31 20.91 -8.73
N MET A 612 6.27 22.24 -8.79
CA MET A 612 5.71 22.94 -9.95
C MET A 612 6.75 23.13 -11.06
N VAL A 613 8.04 23.26 -10.69
CA VAL A 613 9.12 23.30 -11.67
C VAL A 613 9.17 22.02 -12.52
N LYS A 614 9.03 20.85 -11.88
CA LYS A 614 8.95 19.60 -12.66
C LYS A 614 7.64 19.48 -13.43
N LEU A 615 6.60 20.24 -13.05
CA LEU A 615 5.39 20.30 -13.88
C LEU A 615 5.61 21.14 -15.13
N ALA A 616 6.53 22.12 -15.04
CA ALA A 616 7.06 22.82 -16.22
C ALA A 616 7.96 21.94 -17.07
N GLN A 617 8.72 21.03 -16.43
CA GLN A 617 9.49 20.02 -17.17
C GLN A 617 8.58 18.97 -17.81
N PHE A 618 7.34 18.79 -17.32
CA PHE A 618 6.33 17.99 -18.01
C PHE A 618 6.03 18.57 -19.41
N ALA A 619 6.25 19.87 -19.63
CA ALA A 619 6.16 20.46 -20.98
C ALA A 619 7.54 20.54 -21.63
N HIS A 622 14.53 21.72 -21.92
CA HIS A 622 15.51 22.09 -22.94
C HIS A 622 16.13 23.43 -22.67
N VAL A 623 15.29 24.37 -22.25
CA VAL A 623 15.73 25.77 -22.10
C VAL A 623 16.52 25.97 -20.79
N PRO A 624 16.03 25.52 -19.63
CA PRO A 624 16.59 25.99 -18.35
C PRO A 624 18.00 25.45 -18.13
N GLU A 625 18.61 25.85 -17.02
CA GLU A 625 19.96 25.41 -16.68
C GLU A 625 19.96 24.95 -15.22
N THR A 626 20.08 23.64 -14.99
CA THR A 626 20.35 23.17 -13.63
C THR A 626 21.84 23.28 -13.36
N HIS A 627 22.17 23.34 -12.09
CA HIS A 627 23.56 23.51 -11.82
C HIS A 627 24.06 22.37 -10.97
N PRO A 628 25.18 21.80 -11.38
CA PRO A 628 25.67 20.54 -10.78
C PRO A 628 26.27 20.69 -9.41
N LYS A 629 26.64 21.89 -8.99
CA LYS A 629 27.22 22.03 -7.65
C LYS A 629 26.18 21.85 -6.56
N ASP A 630 24.91 21.74 -6.91
CA ASP A 630 23.90 21.35 -5.93
C ASP A 630 23.41 19.92 -6.16
N THR A 631 24.34 19.01 -6.34
CA THR A 631 24.06 17.59 -6.49
C THR A 631 24.30 16.93 -5.14
N GLU A 632 23.55 15.86 -4.87
CA GLU A 632 23.58 15.28 -3.54
C GLU A 632 24.98 14.83 -3.11
N GLU A 633 25.82 14.40 -4.05
CA GLU A 633 27.17 13.96 -3.68
C GLU A 633 28.06 15.14 -3.25
N TYR A 634 27.91 16.28 -3.92
CA TYR A 634 28.70 17.45 -3.53
C TYR A 634 28.31 17.92 -2.15
N VAL A 635 27.03 17.91 -1.84
CA VAL A 635 26.66 18.30 -0.50
C VAL A 635 27.09 17.24 0.50
N GLU A 636 27.14 15.97 0.13
CA GLU A 636 27.68 15.03 1.11
C GLU A 636 29.15 15.30 1.41
N LYS A 637 29.90 15.75 0.40
CA LYS A 637 31.28 16.19 0.63
C LYS A 637 31.36 17.41 1.55
N ARG A 638 30.52 18.42 1.28
CA ARG A 638 30.55 19.65 2.05
C ARG A 638 30.24 19.34 3.50
N VAL A 639 29.18 18.56 3.75
CA VAL A 639 28.73 18.28 5.10
C VAL A 639 29.71 17.39 5.83
N ARG A 640 30.29 16.40 5.16
CA ARG A 640 31.22 15.61 5.93
C ARG A 640 32.47 16.43 6.29
N ALA A 641 32.83 17.43 5.45
CA ALA A 641 33.94 18.32 5.79
C ALA A 641 33.61 19.20 7.00
N LEU A 642 32.37 19.72 7.06
CA LEU A 642 31.99 20.61 8.16
C LEU A 642 31.89 19.83 9.46
N VAL A 643 31.37 18.60 9.41
CA VAL A 643 31.31 17.83 10.66
C VAL A 643 32.71 17.39 11.08
N GLU A 644 33.61 17.14 10.12
CA GLU A 644 35.00 16.82 10.47
C GLU A 644 35.71 18.01 11.13
N GLU A 645 35.33 19.23 10.79
CA GLU A 645 35.91 20.41 11.44
C GLU A 645 34.89 21.19 12.25
N GLY A 646 34.03 20.48 12.96
CA GLY A 646 33.36 21.06 14.10
C GLY A 646 32.35 22.15 13.89
N ALA A 647 31.24 21.90 13.20
CA ALA A 647 30.24 22.96 13.16
C ALA A 647 29.52 23.06 14.50
N VAL A 648 29.38 21.92 15.20
CA VAL A 648 28.47 21.89 16.37
C VAL A 648 28.89 22.81 17.51
N PRO A 649 30.15 22.88 17.95
CA PRO A 649 30.47 23.82 19.03
C PRO A 649 30.35 25.26 18.61
N ALA A 650 30.47 25.56 17.32
CA ALA A 650 30.15 26.90 16.84
C ALA A 650 28.65 27.15 16.91
N CYS A 651 27.86 26.08 16.79
CA CYS A 651 26.42 26.28 16.91
C CYS A 651 26.03 26.57 18.34
N VAL A 652 26.56 25.81 19.29
CA VAL A 652 26.15 26.07 20.65
C VAL A 652 26.75 27.36 21.16
N ALA A 653 27.84 27.85 20.59
CA ALA A 653 28.32 29.10 21.15
C ALA A 653 27.51 30.29 20.64
N VAL A 654 26.78 30.15 19.53
CA VAL A 654 25.96 31.25 19.04
C VAL A 654 24.49 31.04 19.36
N SER A 655 24.18 30.08 20.24
CA SER A 655 22.83 29.65 20.62
C SER A 655 22.20 30.53 21.69
N LYS A 656 22.94 31.49 22.23
CA LYS A 656 22.48 32.27 23.35
C LYS A 656 21.63 33.46 22.91
N THR A 657 21.21 33.50 21.65
CA THR A 657 20.34 34.54 21.12
C THR A 657 18.90 34.07 21.03
N GLU A 658 18.04 34.96 20.48
CA GLU A 658 16.61 34.77 20.25
C GLU A 658 16.21 34.95 18.78
N SER A 659 17.19 35.05 17.84
CA SER A 659 16.95 35.46 16.44
C SER A 659 16.31 34.32 15.65
N LYS A 660 14.97 34.35 15.57
CA LYS A 660 14.26 33.27 14.94
C LYS A 660 14.54 33.18 13.44
N ASN A 661 14.90 34.31 12.80
CA ASN A 661 15.41 34.22 11.43
C ASN A 661 16.62 33.30 11.40
N ALA A 662 17.60 33.63 12.24
CA ALA A 662 18.83 32.87 12.22
C ALA A 662 18.64 31.50 12.87
N LEU A 663 17.83 31.40 13.92
CA LEU A 663 17.64 30.09 14.54
C LEU A 663 16.83 29.15 13.67
N GLU A 664 15.99 29.69 12.80
CA GLU A 664 15.48 28.92 11.67
C GLU A 664 16.64 28.43 10.79
N LEU A 665 17.58 29.34 10.46
CA LEU A 665 18.59 28.90 9.51
C LEU A 665 19.46 27.82 10.11
N ILE A 666 19.70 27.88 11.40
CA ILE A 666 20.43 26.80 12.04
C ILE A 666 19.61 25.52 12.03
N ALA A 667 18.31 25.60 12.30
CA ALA A 667 17.64 24.31 12.35
C ALA A 667 17.64 23.67 10.97
N ARG A 668 17.51 24.49 9.93
CA ARG A 668 17.50 23.94 8.57
C ARG A 668 18.84 23.29 8.26
N SER A 669 19.93 23.86 8.73
CA SER A 669 21.20 23.23 8.43
C SER A 669 21.36 21.95 9.23
N LEU A 670 20.90 21.95 10.47
CA LEU A 670 21.10 20.75 11.27
C LEU A 670 20.32 19.59 10.71
N LEU A 671 19.21 19.88 10.05
CA LEU A 671 18.43 18.77 9.51
C LEU A 671 19.18 18.10 8.36
N ALA A 672 19.89 18.88 7.55
CA ALA A 672 20.68 18.26 6.51
C ALA A 672 21.92 17.61 7.09
N PHE A 673 22.35 18.04 8.27
CA PHE A 673 23.54 17.41 8.83
C PHE A 673 23.22 16.04 9.33
N ALA A 674 22.01 15.82 9.84
CA ALA A 674 21.75 14.51 10.40
C ALA A 674 21.22 13.53 9.37
N GLU A 675 21.50 13.80 8.10
CA GLU A 675 21.07 12.89 7.06
C GLU A 675 21.81 11.55 7.12
N TYR A 676 22.99 11.50 7.73
CA TYR A 676 23.83 10.31 7.65
C TYR A 676 24.27 9.81 9.01
N GLU A 677 24.30 8.50 9.15
CA GLU A 677 24.19 7.93 10.48
C GLU A 677 25.50 7.91 11.23
N ASP A 678 26.63 7.96 10.49
CA ASP A 678 27.95 7.77 11.07
C ASP A 678 28.42 8.97 11.89
N LEU A 679 27.94 10.16 11.52
CA LEU A 679 28.37 11.38 12.15
C LEU A 679 27.40 11.87 13.21
N ARG A 680 26.16 11.34 13.23
CA ARG A 680 25.15 11.85 14.16
C ARG A 680 25.46 11.44 15.59
N GLY A 681 26.14 10.30 15.78
CA GLY A 681 26.58 9.95 17.11
C GLY A 681 27.61 10.96 17.59
N ARG A 682 28.46 11.41 16.66
CA ARG A 682 29.45 12.46 16.94
C ARG A 682 28.79 13.81 17.21
N ILE A 683 27.70 14.09 16.50
CA ILE A 683 26.97 15.32 16.75
C ILE A 683 26.38 15.30 18.13
N ILE A 684 25.86 14.15 18.53
CA ILE A 684 25.35 14.02 19.87
C ILE A 684 26.49 14.09 20.88
N ALA A 685 27.68 13.61 20.50
CA ALA A 685 28.83 13.63 21.39
C ALA A 685 29.30 15.05 21.67
N GLU A 686 28.93 16.01 20.84
CA GLU A 686 29.29 17.39 21.11
C GLU A 686 28.14 18.22 21.67
N GLY A 687 27.13 17.56 22.25
CA GLY A 687 26.02 18.26 22.87
C GLY A 687 24.96 18.79 21.91
N GLY A 688 24.84 18.19 20.72
CA GLY A 688 23.87 18.69 19.77
C GLY A 688 22.43 18.51 20.24
N THR A 689 22.17 17.52 21.10
CA THR A 689 20.84 17.32 21.67
C THR A 689 20.41 18.48 22.56
N VAL A 690 21.31 18.96 23.42
CA VAL A 690 20.98 20.11 24.23
C VAL A 690 20.59 21.26 23.31
N LEU A 691 21.32 21.39 22.18
CA LEU A 691 21.05 22.45 21.23
C LEU A 691 19.67 22.29 20.58
N CYS A 692 19.37 21.11 20.03
CA CYS A 692 18.12 20.94 19.26
C CYS A 692 16.90 21.04 20.12
N LEU A 693 16.96 20.53 21.34
CA LEU A 693 15.80 20.69 22.20
C LEU A 693 15.57 22.16 22.52
N ARG A 694 16.66 22.90 22.81
CA ARG A 694 16.46 24.32 23.08
C ARG A 694 15.96 25.04 21.83
N LEU A 695 16.33 24.53 20.67
CA LEU A 695 15.87 25.14 19.43
C LEU A 695 14.39 24.92 19.23
N THR A 696 13.91 23.70 19.49
CA THR A 696 12.50 23.51 19.27
C THR A 696 11.68 24.19 20.34
N LYS A 697 12.33 24.64 21.42
CA LYS A 697 11.58 25.40 22.42
C LYS A 697 11.56 26.88 22.12
N GLU A 698 12.62 27.44 21.55
CA GLU A 698 12.71 28.90 21.46
C GLU A 698 12.97 29.45 20.04
N ALA A 699 12.63 28.71 18.97
CA ALA A 699 12.82 29.19 17.59
C ALA A 699 11.52 29.74 16.99
N SER A 700 11.54 30.05 15.67
CA SER A 700 10.29 30.34 14.96
C SER A 700 9.45 29.07 14.90
N GLY A 701 8.13 29.24 14.87
CA GLY A 701 7.27 28.08 14.88
C GLY A 701 7.41 27.24 13.63
N GLU A 702 7.79 27.89 12.50
CA GLU A 702 8.07 27.16 11.27
C GLU A 702 9.35 26.33 11.40
N GLY A 703 10.34 26.85 12.11
CA GLY A 703 11.56 26.12 12.36
C GLY A 703 11.43 25.00 13.36
N LYS A 704 10.37 25.01 14.17
CA LYS A 704 10.20 23.94 15.14
C LYS A 704 9.89 22.59 14.50
N ILE A 705 9.20 22.56 13.34
CA ILE A 705 8.99 21.30 12.65
C ILE A 705 10.33 20.70 12.25
N LYS A 706 11.19 21.51 11.64
CA LYS A 706 12.51 21.02 11.24
C LYS A 706 13.37 20.72 12.46
N ALA A 707 13.16 21.45 13.55
CA ALA A 707 13.96 21.26 14.75
C ALA A 707 13.64 19.91 15.36
N GLY A 708 12.36 19.59 15.50
CA GLY A 708 12.00 18.30 16.03
C GLY A 708 12.31 17.18 15.05
N HIS A 709 12.29 17.47 13.76
CA HIS A 709 12.67 16.46 12.80
C HIS A 709 14.15 16.14 12.88
N ALA A 710 14.98 17.15 13.16
CA ALA A 710 16.40 16.91 13.37
C ALA A 710 16.64 16.13 14.65
N ILE A 711 15.82 16.41 15.67
CA ILE A 711 15.88 15.64 16.90
C ILE A 711 15.50 14.20 16.62
N ALA A 712 14.56 13.99 15.69
CA ALA A 712 14.10 12.66 15.33
C ALA A 712 15.18 11.90 14.57
N LYS A 713 15.91 12.60 13.72
CA LYS A 713 16.96 11.90 13.02
C LYS A 713 18.15 11.59 13.92
N LEU A 714 18.38 12.37 14.98
CA LEU A 714 19.54 12.06 15.81
C LEU A 714 19.38 10.76 16.59
N GLY A 715 18.18 10.48 17.08
CA GLY A 715 17.95 9.36 17.96
C GLY A 715 17.24 8.14 17.41
N ALA A 716 17.40 7.92 16.10
CA ALA A 716 16.71 6.82 15.43
C ALA A 716 17.18 5.45 15.94
N LYS A 717 18.45 5.13 15.78
CA LYS A 717 18.93 3.82 16.23
C LYS A 717 19.99 3.97 17.30
N ALA A 718 19.76 4.92 18.18
CA ALA A 718 20.76 5.29 19.16
C ALA A 718 20.46 4.58 20.47
N ASP A 719 21.49 4.50 21.30
CA ASP A 719 21.37 4.07 22.68
C ASP A 719 20.96 5.30 23.51
N PRO A 720 19.74 5.30 24.03
CA PRO A 720 19.16 6.53 24.60
C PRO A 720 19.75 6.94 25.94
N MET A 721 20.39 6.03 26.67
CA MET A 721 21.02 6.36 27.95
C MET A 721 22.28 7.21 27.76
N ILE A 722 23.12 6.86 26.78
CA ILE A 722 24.28 7.68 26.48
C ILE A 722 23.85 8.99 25.83
N SER A 723 22.95 8.90 24.83
CA SER A 723 22.53 10.07 24.06
C SER A 723 21.53 10.99 24.79
N PHE A 724 20.84 10.52 25.86
CA PHE A 724 19.87 11.36 26.57
C PHE A 724 19.85 11.06 28.05
N PRO A 725 20.49 11.84 28.83
CA PRO A 725 20.39 11.65 30.28
C PRO A 725 19.19 12.34 30.94
N GLY A 726 18.25 11.55 31.48
CA GLY A 726 17.33 12.02 32.51
C GLY A 726 16.40 13.17 32.17
N GLN A 727 16.67 14.36 32.71
CA GLN A 727 15.82 15.52 32.42
C GLN A 727 15.82 15.83 30.95
N ARG A 728 16.98 15.66 30.31
CA ARG A 728 17.10 15.80 28.86
C ARG A 728 16.14 14.86 28.14
N ALA A 729 16.00 13.63 28.65
CA ALA A 729 15.06 12.71 28.01
C ALA A 729 13.62 13.08 28.27
N TYR A 730 13.27 13.59 29.48
CA TYR A 730 11.85 13.77 29.79
C TYR A 730 11.19 14.79 28.88
N GLU A 731 11.91 15.85 28.53
CA GLU A 731 11.31 16.89 27.72
C GLU A 731 11.34 16.52 26.26
N VAL A 732 11.84 15.33 25.92
CA VAL A 732 11.85 14.94 24.51
C VAL A 732 10.46 14.76 23.96
N VAL A 733 9.51 14.34 24.80
CA VAL A 733 8.22 13.84 24.33
C VAL A 733 7.40 14.97 23.73
N LYS A 734 7.40 16.12 24.40
CA LYS A 734 6.53 17.21 23.99
C LYS A 734 6.75 17.69 22.54
N PRO A 735 7.98 17.89 22.02
CA PRO A 735 8.09 18.42 20.67
C PRO A 735 7.65 17.45 19.60
N LEU A 736 8.17 16.22 19.66
CA LEU A 736 7.98 15.32 18.53
C LEU A 736 6.55 14.78 18.50
N CYS A 737 5.86 14.73 19.64
CA CYS A 737 4.47 14.30 19.60
C CYS A 737 3.61 15.35 18.96
N ASP A 738 4.15 16.55 18.82
CA ASP A 738 3.41 17.60 18.16
C ASP A 738 3.71 17.59 16.66
N LEU A 739 4.78 16.89 16.25
CA LEU A 739 5.13 16.72 14.84
C LEU A 739 4.31 15.64 14.14
N LEU A 740 3.64 14.76 14.90
CA LEU A 740 2.90 13.64 14.33
C LEU A 740 1.57 14.17 13.83
N HIS A 741 1.59 14.57 12.57
CA HIS A 741 0.40 15.06 11.88
C HIS A 741 0.41 14.24 10.60
N PRO A 742 -0.53 13.31 10.47
CA PRO A 742 -0.50 12.40 9.32
C PRO A 742 -0.78 13.11 8.03
N ASP A 743 -1.50 14.23 8.11
CA ASP A 743 -1.74 15.08 6.96
C ASP A 743 -0.49 15.83 6.50
N VAL A 744 0.59 15.87 7.32
CA VAL A 744 1.88 16.46 6.92
C VAL A 744 2.72 15.45 6.14
N GLU A 745 3.05 14.32 6.79
CA GLU A 745 3.79 13.24 6.12
C GLU A 745 5.09 13.76 5.50
N GLY A 746 6.02 14.05 6.38
CA GLY A 746 7.40 14.10 5.98
C GLY A 746 7.93 12.71 6.21
N LYS A 747 9.17 12.53 5.82
CA LYS A 747 9.86 11.27 6.13
C LYS A 747 10.35 11.30 7.57
N ALA A 748 9.54 11.94 8.44
CA ALA A 748 9.77 12.09 9.88
C ALA A 748 9.02 11.12 10.78
N ASN A 749 7.95 10.52 10.31
CA ASN A 749 7.07 9.76 11.17
C ASN A 749 7.69 8.45 11.63
N TYR A 750 8.33 7.72 10.70
CA TYR A 750 9.09 6.53 11.05
C TYR A 750 10.26 6.88 11.97
N ASP A 751 10.90 8.03 11.73
CA ASP A 751 11.98 8.46 12.62
C ASP A 751 11.42 8.75 14.01
N SER A 752 10.22 9.32 14.06
CA SER A 752 9.57 9.61 15.32
C SER A 752 9.32 8.32 16.08
N LEU A 753 8.73 7.34 15.41
CA LEU A 753 8.33 6.14 16.12
C LEU A 753 9.54 5.30 16.52
N LEU A 754 10.59 5.28 15.69
CA LEU A 754 11.76 4.51 16.10
C LEU A 754 12.44 5.15 17.30
N THR A 755 12.44 6.48 17.33
CA THR A 755 12.97 7.16 18.50
C THR A 755 12.18 6.80 19.76
N LEU A 756 10.85 6.83 19.66
CA LEU A 756 9.99 6.59 20.82
C LEU A 756 10.07 5.16 21.30
N THR A 757 10.24 4.24 20.36
CA THR A 757 10.33 2.83 20.71
C THR A 757 11.65 2.57 21.44
N ASN A 758 12.74 3.26 21.05
CA ASN A 758 13.95 3.15 21.86
C ASN A 758 13.71 3.73 23.24
N LEU A 759 12.92 4.81 23.29
CA LEU A 759 12.70 5.45 24.57
C LEU A 759 11.86 4.60 25.50
N ALA A 760 10.96 3.81 24.97
CA ALA A 760 10.04 3.17 25.88
C ALA A 760 10.64 1.99 26.60
N SER A 761 11.95 1.77 26.52
CA SER A 761 12.49 0.56 27.11
C SER A 761 13.27 0.84 28.38
N VAL A 762 13.38 2.08 28.81
CA VAL A 762 14.27 2.45 29.89
C VAL A 762 13.54 2.51 31.22
N SER A 763 12.48 3.30 31.31
CA SER A 763 11.88 3.48 32.62
C SER A 763 10.43 3.86 32.48
N ASP A 764 9.69 3.67 33.58
CA ASP A 764 8.26 3.96 33.61
C ASP A 764 7.95 5.45 33.50
N SER A 765 8.82 6.32 34.02
CA SER A 765 8.52 7.74 33.93
C SER A 765 8.59 8.23 32.49
N ILE A 766 9.40 7.56 31.66
CA ILE A 766 9.47 7.87 30.24
C ILE A 766 8.14 7.59 29.57
N ARG A 767 7.68 6.34 29.66
CA ARG A 767 6.53 5.94 28.88
C ARG A 767 5.23 6.48 29.46
N GLY A 768 5.21 6.83 30.76
CA GLY A 768 4.00 7.39 31.36
C GLY A 768 3.70 8.81 30.92
N ARG A 769 4.74 9.62 30.72
CA ARG A 769 4.54 10.99 30.30
C ARG A 769 4.05 11.09 28.87
N ILE A 770 4.19 10.02 28.08
CA ILE A 770 3.79 10.05 26.67
C ILE A 770 2.27 9.98 26.52
N LEU A 771 1.62 9.21 27.39
CA LEU A 771 0.19 9.10 27.25
C LEU A 771 -0.46 10.43 27.60
N LYS A 772 0.16 11.19 28.53
CA LYS A 772 -0.40 12.48 28.95
C LYS A 772 -0.43 13.46 27.80
N GLU A 773 0.42 13.24 26.81
CA GLU A 773 0.55 14.12 25.68
C GLU A 773 -0.46 13.78 24.59
N LYS A 774 -1.48 12.99 24.92
CA LYS A 774 -2.48 12.60 23.95
C LYS A 774 -1.80 11.99 22.72
N ALA A 775 -0.85 11.11 22.98
CA ALA A 775 -0.17 10.50 21.86
C ALA A 775 -1.01 9.39 21.26
N ILE A 776 -1.89 8.80 22.07
CA ILE A 776 -2.52 7.53 21.70
C ILE A 776 -3.41 7.70 20.48
N PRO A 777 -4.25 8.74 20.39
CA PRO A 777 -5.04 8.87 19.17
C PRO A 777 -4.17 9.20 17.97
N LYS A 778 -2.97 9.79 18.18
CA LYS A 778 -2.02 10.03 17.08
C LYS A 778 -1.41 8.74 16.56
N ILE A 779 -1.03 7.85 17.46
CA ILE A 779 -0.42 6.57 17.09
C ILE A 779 -1.45 5.62 16.47
N GLU A 780 -2.71 5.68 16.92
CA GLU A 780 -3.69 4.74 16.38
C GLU A 780 -3.91 4.94 14.90
N GLU A 781 -3.96 6.18 14.41
CA GLU A 781 -4.27 6.38 12.99
C GLU A 781 -3.17 5.84 12.08
N PHE A 782 -1.91 5.92 12.52
CA PHE A 782 -0.85 5.29 11.77
C PHE A 782 -0.95 3.77 11.86
N TRP A 783 -1.45 3.29 12.98
CA TRP A 783 -1.69 1.89 13.22
C TRP A 783 -2.96 1.36 12.56
N PHE A 784 -3.78 2.24 11.98
CA PHE A 784 -4.99 1.89 11.23
C PHE A 784 -4.73 1.77 9.75
N MET A 785 -3.54 2.16 9.33
CA MET A 785 -3.15 2.27 7.93
C MET A 785 -2.90 0.91 7.30
N THR A 786 -3.20 0.83 6.01
CA THR A 786 -3.06 -0.37 5.19
C THR A 786 -1.89 -0.26 4.20
N ASP A 787 -1.70 0.90 3.57
CA ASP A 787 -0.70 1.00 2.51
C ASP A 787 0.72 0.96 3.03
N HIS A 788 0.99 1.63 4.15
CA HIS A 788 2.37 1.83 4.52
C HIS A 788 2.89 0.67 5.36
N GLU A 789 4.19 0.49 5.26
CA GLU A 789 4.93 -0.63 5.84
C GLU A 789 5.85 -0.15 6.94
N HIS A 790 6.56 0.96 6.72
CA HIS A 790 7.51 1.39 7.74
C HIS A 790 6.76 1.94 8.94
N LEU A 791 5.60 2.56 8.70
CA LEU A 791 4.86 3.25 9.77
C LEU A 791 4.16 2.28 10.69
N ARG A 792 3.33 1.42 10.13
CA ARG A 792 2.47 0.66 11.00
C ARG A 792 3.23 -0.32 11.90
N ALA A 793 4.30 -0.94 11.40
CA ALA A 793 5.09 -1.82 12.27
C ALA A 793 5.89 -1.06 13.32
N ALA A 794 6.29 0.18 13.03
CA ALA A 794 6.94 0.96 14.09
C ALA A 794 5.92 1.38 15.15
N ALA A 795 4.67 1.68 14.74
CA ALA A 795 3.63 1.98 15.71
C ALA A 795 3.32 0.75 16.52
N ALA A 796 3.41 -0.42 15.91
CA ALA A 796 3.20 -1.65 16.63
C ALA A 796 4.31 -1.94 17.62
N GLU A 797 5.59 -1.73 17.23
CA GLU A 797 6.72 -1.99 18.13
C GLU A 797 6.77 -0.99 19.28
N LEU A 798 6.31 0.23 19.02
CA LEU A 798 6.08 1.20 20.06
C LEU A 798 5.03 0.67 21.03
N LEU A 799 3.86 0.31 20.50
CA LEU A 799 2.78 -0.18 21.32
C LEU A 799 3.09 -1.54 21.93
N LEU A 800 4.03 -2.27 21.35
CA LEU A 800 4.58 -3.41 22.03
C LEU A 800 5.31 -2.99 23.29
N ASN A 801 6.21 -1.99 23.19
CA ASN A 801 6.97 -1.64 24.39
C ASN A 801 6.12 -0.91 25.42
N LEU A 802 5.05 -0.23 24.99
CA LEU A 802 4.24 0.59 25.90
C LEU A 802 3.24 -0.21 26.74
N LEU A 803 3.17 -1.53 26.59
CA LEU A 803 2.29 -2.32 27.43
C LEU A 803 2.90 -2.64 28.79
N PHE A 804 4.14 -2.23 29.02
CA PHE A 804 4.70 -2.34 30.34
C PHE A 804 4.04 -1.37 31.32
N PHE A 805 3.51 -0.27 30.82
CA PHE A 805 2.87 0.69 31.69
C PHE A 805 1.58 0.08 32.21
N GLU A 806 1.37 0.12 33.53
CA GLU A 806 0.31 -0.70 34.08
C GLU A 806 -1.03 -0.21 33.57
N LYS A 807 -1.18 1.09 33.53
CA LYS A 807 -2.48 1.65 33.27
C LYS A 807 -2.85 1.54 31.80
N PHE A 808 -1.87 1.60 30.92
CA PHE A 808 -2.16 1.41 29.51
C PHE A 808 -2.49 -0.05 29.18
N TYR A 809 -1.85 -0.96 29.88
CA TYR A 809 -2.21 -2.36 29.80
C TYR A 809 -3.68 -2.56 30.07
N GLU A 810 -4.21 -1.84 31.07
CA GLU A 810 -5.65 -1.93 31.41
C GLU A 810 -6.55 -0.99 30.64
N GLU A 811 -6.01 0.04 30.00
CA GLU A 811 -6.86 0.83 29.10
C GLU A 811 -7.17 0.02 27.86
N THR A 812 -6.25 -0.86 27.48
CA THR A 812 -6.63 -1.70 26.35
C THR A 812 -7.62 -2.79 26.74
N VAL A 813 -7.50 -3.36 27.93
CA VAL A 813 -8.49 -4.34 28.37
C VAL A 813 -9.82 -3.68 28.71
N ALA A 814 -9.86 -2.36 28.87
CA ALA A 814 -11.08 -1.68 29.33
C ALA A 814 -12.20 -1.75 28.29
N PRO A 815 -13.44 -1.96 28.72
CA PRO A 815 -14.57 -2.21 27.79
C PRO A 815 -14.97 -1.05 26.92
N GLY A 816 -14.51 0.17 27.15
CA GLY A 816 -14.93 1.23 26.25
C GLY A 816 -14.30 1.13 24.87
N THR A 817 -13.11 0.55 24.78
CA THR A 817 -12.32 0.46 23.55
C THR A 817 -12.56 -0.84 22.79
N ASP A 818 -12.33 -0.76 21.47
CA ASP A 818 -12.40 -1.92 20.59
C ASP A 818 -11.02 -2.29 20.02
N ARG A 819 -9.96 -2.11 20.83
CA ARG A 819 -8.57 -2.29 20.41
C ARG A 819 -8.15 -3.74 20.41
N LEU A 820 -8.69 -4.56 21.31
CA LEU A 820 -8.25 -5.94 21.30
C LEU A 820 -8.65 -6.66 20.05
N LYS A 821 -9.63 -6.15 19.32
CA LYS A 821 -9.88 -6.69 18.00
C LYS A 821 -8.65 -6.57 17.14
N LEU A 822 -8.03 -5.41 17.10
CA LEU A 822 -6.93 -5.24 16.18
C LEU A 822 -5.67 -5.95 16.65
N TRP A 823 -5.55 -6.20 17.96
CA TRP A 823 -4.34 -6.89 18.39
C TRP A 823 -4.28 -8.31 17.92
N VAL A 824 -5.39 -8.88 17.49
CA VAL A 824 -5.39 -10.24 17.01
C VAL A 824 -5.63 -10.28 15.51
N LEU A 825 -6.50 -9.41 15.01
CA LEU A 825 -6.67 -9.32 13.58
C LEU A 825 -5.40 -8.88 12.88
N TYR A 826 -4.51 -8.16 13.57
CA TYR A 826 -3.27 -7.87 12.90
C TYR A 826 -2.33 -9.06 12.88
N SER A 827 -2.58 -10.10 13.66
CA SER A 827 -1.87 -11.34 13.43
C SER A 827 -2.46 -12.16 12.30
N ALA A 828 -3.69 -11.86 11.89
CA ALA A 828 -4.39 -12.67 10.90
C ALA A 828 -4.09 -12.23 9.47
N GLU A 829 -4.18 -10.92 9.17
CA GLU A 829 -3.77 -10.48 7.85
C GLU A 829 -2.26 -10.53 7.98
N VAL A 830 -1.70 -11.64 7.50
CA VAL A 830 -0.36 -12.08 7.85
C VAL A 830 0.46 -12.21 6.57
N GLU A 831 0.19 -11.29 5.64
CA GLU A 831 1.04 -11.18 4.46
C GLU A 831 2.46 -10.72 4.81
N GLU A 832 2.65 -9.91 5.85
CA GLU A 832 3.98 -9.52 6.29
C GLU A 832 4.33 -10.09 7.68
N GLU A 833 5.60 -9.91 8.07
CA GLU A 833 6.13 -10.41 9.34
C GLU A 833 6.35 -9.30 10.35
N ARG A 834 6.40 -8.06 9.87
CA ARG A 834 6.75 -6.92 10.72
C ARG A 834 5.65 -6.64 11.72
N LEU A 835 4.40 -6.68 11.26
CA LEU A 835 3.27 -6.33 12.09
C LEU A 835 2.78 -7.56 12.80
N SER A 836 2.96 -8.73 12.17
CA SER A 836 2.50 -9.96 12.78
C SER A 836 3.33 -10.32 13.99
N ARG A 837 4.64 -10.04 13.98
CA ARG A 837 5.42 -10.42 15.15
C ARG A 837 5.05 -9.60 16.37
N ALA A 838 4.76 -8.31 16.17
CA ALA A 838 4.34 -7.46 17.28
C ALA A 838 2.97 -7.87 17.79
N SER A 839 2.01 -8.01 16.88
CA SER A 839 0.67 -8.32 17.33
C SER A 839 0.56 -9.72 17.90
N ALA A 840 1.55 -10.59 17.70
CA ALA A 840 1.54 -11.83 18.47
C ALA A 840 2.32 -11.75 19.78
N ALA A 841 3.36 -10.92 19.86
CA ALA A 841 4.05 -10.80 21.15
C ALA A 841 3.16 -10.07 22.16
N GLY A 842 2.51 -8.99 21.70
CA GLY A 842 1.60 -8.29 22.58
C GLY A 842 0.43 -9.16 22.97
N PHE A 843 0.01 -10.02 22.06
CA PHE A 843 -1.02 -10.96 22.44
C PHE A 843 -0.53 -11.90 23.55
N ALA A 844 0.74 -12.34 23.48
CA ALA A 844 1.28 -13.20 24.52
C ALA A 844 1.42 -12.49 25.87
N ILE A 845 1.43 -11.16 25.85
CA ILE A 845 1.45 -10.38 27.10
C ILE A 845 0.05 -10.16 27.65
N LEU A 846 -0.91 -9.90 26.76
CA LEU A 846 -2.27 -9.58 27.15
C LEU A 846 -3.04 -10.77 27.70
N THR A 847 -2.75 -11.96 27.21
CA THR A 847 -3.57 -13.08 27.61
C THR A 847 -3.16 -13.72 28.93
N GLU A 848 -2.20 -13.13 29.65
CA GLU A 848 -1.92 -13.65 30.97
C GLU A 848 -3.03 -13.33 31.95
N ASP A 849 -3.86 -12.31 31.66
CA ASP A 849 -5.00 -11.91 32.48
C ASP A 849 -6.27 -12.63 32.07
N GLU A 850 -7.05 -13.10 33.06
CA GLU A 850 -8.23 -13.91 32.75
C GLU A 850 -9.33 -13.07 32.08
N ASN A 851 -9.58 -11.86 32.58
CA ASN A 851 -10.66 -11.04 32.05
C ASN A 851 -10.32 -10.54 30.66
N ALA A 852 -9.02 -10.43 30.38
CA ALA A 852 -8.61 -10.16 29.02
C ALA A 852 -8.94 -11.34 28.11
N CYS A 853 -8.86 -12.58 28.63
CA CYS A 853 -9.22 -13.74 27.81
C CYS A 853 -10.72 -13.83 27.60
N ALA A 854 -11.51 -13.44 28.58
CA ALA A 854 -12.93 -13.57 28.33
C ALA A 854 -13.37 -12.55 27.28
N ARG A 855 -12.73 -11.37 27.22
CA ARG A 855 -13.21 -10.41 26.22
C ARG A 855 -12.86 -10.79 24.79
N ILE A 856 -12.03 -11.81 24.58
CA ILE A 856 -11.70 -12.22 23.22
C ILE A 856 -12.89 -12.87 22.55
N MET A 857 -13.50 -13.84 23.24
CA MET A 857 -14.44 -14.76 22.62
C MET A 857 -15.74 -14.08 22.33
N ASP A 858 -16.32 -13.42 23.32
CA ASP A 858 -17.64 -12.85 23.17
C ASP A 858 -17.60 -11.64 22.23
N GLU A 859 -16.50 -10.88 22.21
CA GLU A 859 -16.46 -9.65 21.45
C GLU A 859 -16.04 -9.85 19.99
N ILE A 860 -15.59 -11.05 19.60
CA ILE A 860 -15.14 -11.31 18.23
C ILE A 860 -16.06 -12.35 17.59
N LYS A 861 -16.90 -11.89 16.67
CA LYS A 861 -17.57 -12.84 15.81
C LYS A 861 -16.55 -13.49 14.87
N SER A 862 -16.80 -14.76 14.52
CA SER A 862 -15.98 -15.54 13.57
C SER A 862 -14.50 -15.66 13.98
N TRP A 863 -14.21 -15.76 15.28
CA TRP A 863 -12.85 -15.85 15.82
C TRP A 863 -12.02 -17.12 15.55
N PRO A 864 -12.58 -18.34 15.52
CA PRO A 864 -11.71 -19.51 15.35
C PRO A 864 -11.14 -19.58 13.96
N GLU A 865 -11.73 -18.86 13.01
CA GLU A 865 -11.09 -18.70 11.71
C GLU A 865 -9.74 -18.05 11.87
N VAL A 866 -9.68 -17.01 12.73
CA VAL A 866 -8.43 -16.31 13.02
C VAL A 866 -7.46 -17.24 13.73
N PHE A 867 -7.96 -18.06 14.64
CA PHE A 867 -6.99 -18.88 15.34
C PHE A 867 -6.49 -20.03 14.50
N LYS A 868 -7.33 -20.56 13.61
CA LYS A 868 -6.85 -21.62 12.72
C LYS A 868 -5.90 -21.06 11.70
N ASP A 869 -6.02 -19.77 11.37
CA ASP A 869 -5.05 -19.19 10.47
C ASP A 869 -3.73 -18.96 11.16
N ILE A 870 -3.74 -18.62 12.45
CA ILE A 870 -2.45 -18.42 13.09
C ILE A 870 -1.89 -19.73 13.60
N ALA A 871 -2.68 -20.80 13.55
CA ALA A 871 -2.17 -22.14 13.78
C ALA A 871 -1.55 -22.75 12.51
N MET A 872 -2.36 -22.95 11.46
CA MET A 872 -1.86 -23.35 10.13
C MET A 872 -1.22 -22.10 9.54
N HIS A 873 0.01 -21.82 9.99
CA HIS A 873 0.60 -20.49 9.87
C HIS A 873 1.86 -20.56 9.03
N GLU A 874 2.08 -19.48 8.27
CA GLU A 874 3.21 -19.45 7.35
C GLU A 874 4.50 -19.16 8.11
N ASP A 875 4.62 -18.00 8.71
CA ASP A 875 5.79 -17.75 9.52
C ASP A 875 5.73 -18.62 10.78
N ALA A 876 6.91 -19.00 11.27
CA ALA A 876 7.11 -19.79 12.49
C ALA A 876 7.22 -18.93 13.75
N GLU A 877 7.87 -17.77 13.66
CA GLU A 877 8.08 -16.97 14.87
C GLU A 877 6.77 -16.33 15.37
N THR A 878 6.01 -15.73 14.44
CA THR A 878 4.69 -15.21 14.75
C THR A 878 3.80 -16.31 15.32
N GLN A 879 3.85 -17.48 14.72
CA GLN A 879 3.00 -18.56 15.19
C GLN A 879 3.39 -19.01 16.59
N ARG A 880 4.69 -19.10 16.89
CA ARG A 880 5.06 -19.68 18.20
C ARG A 880 4.83 -18.68 19.34
N ARG A 881 4.98 -17.36 19.09
CA ARG A 881 4.62 -16.36 20.11
C ARG A 881 3.12 -16.37 20.37
N GLY A 882 2.36 -16.52 19.28
CA GLY A 882 0.92 -16.52 19.39
C GLY A 882 0.45 -17.72 20.15
N LEU A 883 1.12 -18.86 19.97
CA LEU A 883 0.59 -20.03 20.65
C LEU A 883 0.80 -19.99 22.15
N MET A 884 1.84 -19.32 22.64
CA MET A 884 1.92 -19.18 24.10
C MET A 884 0.93 -18.15 24.64
N GLY A 885 0.64 -17.11 23.84
CA GLY A 885 -0.48 -16.27 24.23
C GLY A 885 -1.83 -16.93 24.12
N ILE A 886 -1.91 -18.09 23.46
CA ILE A 886 -3.11 -18.92 23.48
C ILE A 886 -3.03 -19.95 24.60
N ALA A 887 -1.83 -20.35 24.97
CA ALA A 887 -1.65 -21.35 26.00
C ALA A 887 -2.09 -20.80 27.34
N ASN A 888 -1.71 -19.56 27.61
CA ASN A 888 -2.16 -19.01 28.86
C ASN A 888 -3.66 -18.73 28.89
N ILE A 889 -4.36 -18.77 27.76
CA ILE A 889 -5.80 -18.55 27.79
C ILE A 889 -6.51 -19.70 28.49
N MET A 890 -6.31 -20.90 27.98
CA MET A 890 -6.91 -22.09 28.56
C MET A 890 -6.32 -22.41 29.91
N HIS A 891 -5.14 -21.89 30.22
CA HIS A 891 -4.68 -22.00 31.58
C HIS A 891 -5.53 -21.16 32.51
N SER A 892 -6.12 -20.09 31.98
CA SER A 892 -6.83 -19.14 32.83
C SER A 892 -8.23 -19.65 33.18
N SER A 893 -9.09 -19.81 32.20
CA SER A 893 -10.47 -20.18 32.46
C SER A 893 -10.76 -21.51 31.78
N ASN A 894 -11.49 -22.36 32.47
CA ASN A 894 -11.78 -23.69 31.91
C ASN A 894 -13.04 -23.65 31.05
N LYS A 895 -13.91 -22.68 31.29
CA LYS A 895 -15.08 -22.58 30.43
C LYS A 895 -14.69 -22.11 29.02
N LEU A 896 -13.70 -21.20 28.93
CA LEU A 896 -13.16 -20.77 27.63
C LEU A 896 -12.40 -21.90 26.95
N CYS A 897 -11.64 -22.67 27.72
CA CYS A 897 -10.95 -23.83 27.18
C CYS A 897 -11.97 -24.89 26.72
N SER A 898 -13.12 -24.95 27.40
CA SER A 898 -14.23 -25.82 27.03
C SER A 898 -14.82 -25.39 25.70
N GLU A 899 -14.78 -24.09 25.41
CA GLU A 899 -15.21 -23.60 24.12
C GLU A 899 -14.11 -23.72 23.08
N ILE A 900 -12.93 -24.16 23.49
CA ILE A 900 -11.85 -24.50 22.55
C ILE A 900 -11.88 -25.95 22.11
N VAL A 901 -12.18 -26.91 22.99
CA VAL A 901 -12.20 -28.28 22.46
C VAL A 901 -13.36 -28.49 21.49
N SER A 902 -14.50 -27.87 21.78
CA SER A 902 -15.68 -27.88 20.92
C SER A 902 -15.49 -27.07 19.66
N SER A 903 -14.41 -26.34 19.56
CA SER A 903 -14.22 -25.49 18.41
C SER A 903 -13.43 -26.21 17.34
N GLU A 904 -13.08 -25.45 16.31
CA GLU A 904 -12.43 -25.99 15.12
C GLU A 904 -10.93 -26.08 15.32
N VAL A 905 -10.37 -25.15 16.11
CA VAL A 905 -8.92 -24.95 16.17
C VAL A 905 -8.23 -26.02 16.98
N PHE A 906 -9.01 -26.89 17.60
CA PHE A 906 -8.43 -27.85 18.51
C PHE A 906 -7.55 -28.85 17.77
N ARG A 907 -7.90 -29.16 16.51
CA ARG A 907 -7.19 -30.20 15.75
C ARG A 907 -5.86 -29.69 15.25
N VAL A 908 -5.76 -28.40 14.90
CA VAL A 908 -4.46 -27.92 14.47
C VAL A 908 -3.57 -27.68 15.68
N LEU A 909 -4.18 -27.36 16.83
CA LEU A 909 -3.35 -27.22 18.02
C LEU A 909 -2.72 -28.54 18.37
N VAL A 910 -3.51 -29.62 18.32
CA VAL A 910 -2.92 -30.89 18.63
C VAL A 910 -2.00 -31.34 17.52
N ALA A 911 -2.18 -30.81 16.30
CA ALA A 911 -1.29 -31.21 15.21
C ALA A 911 0.13 -30.71 15.43
N VAL A 912 0.30 -29.51 15.98
CA VAL A 912 1.66 -28.96 16.05
C VAL A 912 2.56 -29.58 17.15
N THR A 913 1.96 -30.10 18.21
CA THR A 913 2.71 -30.64 19.34
C THR A 913 3.55 -31.87 19.01
N LYS A 914 3.27 -32.53 17.89
CA LYS A 914 3.90 -33.78 17.51
C LYS A 914 5.18 -33.59 16.66
N LEU A 915 5.66 -32.36 16.49
CA LEU A 915 6.83 -32.10 15.66
C LEU A 915 8.13 -32.33 16.42
N UNK A 916 7.55 -25.72 18.62
CA UNK A 916 8.62 -26.40 19.33
C UNK A 916 8.41 -26.00 20.78
N UNK A 917 8.64 -24.73 21.08
CA UNK A 917 8.44 -24.28 22.45
C UNK A 917 6.97 -24.30 22.85
N UNK A 918 6.06 -24.14 21.89
CA UNK A 918 4.64 -24.15 22.24
C UNK A 918 4.12 -25.56 22.48
N UNK A 919 4.98 -26.55 22.25
CA UNK A 919 4.61 -27.96 22.43
C UNK A 919 4.25 -28.25 23.88
N UNK A 920 5.19 -28.01 24.80
CA UNK A 920 4.91 -28.09 26.24
C UNK A 920 3.91 -27.03 26.72
N UNK A 921 3.69 -25.95 25.96
CA UNK A 921 2.59 -25.02 26.28
C UNK A 921 1.24 -25.71 26.10
N UNK A 922 1.05 -26.39 24.96
CA UNK A 922 -0.17 -27.17 24.74
C UNK A 922 -0.30 -28.32 25.76
N UNK A 923 0.82 -28.98 26.07
CA UNK A 923 0.83 -30.01 27.11
C UNK A 923 0.37 -29.46 28.45
N UNK A 924 0.78 -28.24 28.79
CA UNK A 924 0.30 -27.58 30.00
C UNK A 924 -1.19 -27.27 29.91
N UNK A 925 -1.65 -26.88 28.72
CA UNK A 925 -3.08 -26.64 28.51
C UNK A 925 -3.92 -27.90 28.76
N UNK A 926 -3.39 -29.08 28.39
CA UNK A 926 -4.11 -30.36 28.53
C UNK A 926 -4.38 -30.78 29.98
N UNK A 927 -3.58 -30.29 30.94
CA UNK A 927 -3.74 -30.61 32.35
C UNK A 927 -5.05 -30.06 32.94
N UNK A 928 -5.76 -29.18 32.24
CA UNK A 928 -6.97 -28.62 32.83
C UNK A 928 -8.05 -29.68 33.00
N UNK A 929 -8.15 -30.64 32.06
CA UNK A 929 -9.18 -31.71 32.08
C UNK A 929 -8.80 -32.78 33.10
N THR B 136 7.56 5.79 -38.27
CA THR B 136 8.09 6.24 -36.99
C THR B 136 6.94 6.53 -36.01
N SER B 137 5.69 6.53 -36.49
CA SER B 137 4.57 6.70 -35.56
C SER B 137 4.50 5.53 -34.58
N LEU B 138 4.82 4.31 -35.06
CA LEU B 138 5.05 3.18 -34.15
C LEU B 138 6.14 3.52 -33.13
N ALA B 139 7.30 3.99 -33.63
CA ALA B 139 8.41 4.22 -32.73
C ALA B 139 8.19 5.45 -31.85
N ASN B 140 7.41 6.43 -32.31
CA ASN B 140 7.21 7.61 -31.48
C ASN B 140 6.15 7.36 -30.41
N LYS B 141 5.17 6.51 -30.70
CA LYS B 141 4.18 6.22 -29.69
C LYS B 141 4.68 5.19 -28.68
N VAL B 142 5.67 4.36 -29.05
CA VAL B 142 6.39 3.60 -28.02
C VAL B 142 7.51 4.40 -27.38
N THR B 143 7.85 5.59 -27.91
CA THR B 143 8.73 6.52 -27.21
C THR B 143 8.00 7.16 -26.02
N ASP B 144 6.69 7.44 -26.21
CA ASP B 144 5.88 8.07 -25.15
C ASP B 144 5.65 7.15 -23.94
N MET B 145 4.96 6.01 -24.17
CA MET B 145 4.51 5.14 -23.09
C MET B 145 5.65 4.44 -22.36
N GLU B 146 6.78 4.27 -23.03
CA GLU B 146 7.92 3.59 -22.40
C GLU B 146 8.47 4.39 -21.22
N LYS B 147 8.74 5.68 -21.43
CA LYS B 147 9.32 6.49 -20.37
C LYS B 147 8.34 6.67 -19.25
N LEU B 148 7.06 6.84 -19.60
CA LEU B 148 5.98 7.08 -18.65
C LEU B 148 5.55 5.85 -17.89
N ALA B 149 6.13 4.69 -18.21
CA ALA B 149 5.84 3.44 -17.51
C ALA B 149 7.02 2.93 -16.71
N PHE B 150 8.15 2.78 -17.34
CA PHE B 150 9.26 2.14 -16.67
C PHE B 150 10.34 3.11 -16.22
N ARG B 151 10.61 4.16 -17.00
CA ARG B 151 11.78 4.97 -16.73
C ARG B 151 11.53 6.05 -15.69
N GLY B 152 10.48 5.89 -14.89
CA GLY B 152 10.25 6.64 -13.66
C GLY B 152 9.86 8.09 -13.81
N GLU B 153 9.00 8.40 -14.77
CA GLU B 153 8.44 9.73 -14.94
C GLU B 153 6.94 9.55 -15.03
N ALA B 154 6.31 9.45 -13.86
CA ALA B 154 4.86 9.29 -13.74
C ALA B 154 4.58 9.74 -12.31
N LYS B 155 3.85 10.84 -12.16
CA LYS B 155 3.56 11.36 -10.85
C LYS B 155 2.22 10.89 -10.33
N ASP B 156 1.69 9.82 -10.94
CA ASP B 156 0.48 9.21 -10.45
C ASP B 156 0.54 7.73 -10.83
N THR B 157 0.01 6.90 -9.92
CA THR B 157 -0.04 5.46 -10.14
C THR B 157 -1.10 5.13 -11.18
N GLU B 158 -2.26 5.80 -11.11
CA GLU B 158 -3.31 5.42 -12.05
C GLU B 158 -2.96 5.88 -13.46
N GLN B 159 -2.21 6.96 -13.63
CA GLN B 159 -1.87 7.29 -15.00
C GLN B 159 -0.83 6.33 -15.58
N LYS B 160 0.01 5.74 -14.72
CA LYS B 160 0.91 4.66 -15.15
C LYS B 160 0.11 3.40 -15.51
N MET B 161 -0.92 3.10 -14.71
CA MET B 161 -1.84 2.03 -15.05
C MET B 161 -2.53 2.29 -16.40
N THR B 162 -2.83 3.56 -16.69
CA THR B 162 -3.39 3.93 -17.98
C THR B 162 -2.39 3.69 -19.10
N ALA B 163 -1.10 3.98 -18.85
CA ALA B 163 -0.09 3.70 -19.86
C ALA B 163 0.01 2.21 -20.12
N LEU B 164 -0.22 1.43 -19.06
CA LEU B 164 -0.24 -0.02 -19.24
C LEU B 164 -1.40 -0.43 -20.12
N ASN B 165 -2.61 0.04 -19.81
CA ASN B 165 -3.75 -0.45 -20.57
C ASN B 165 -3.74 0.12 -21.98
N ASN B 166 -3.11 1.28 -22.21
CA ASN B 166 -2.91 1.75 -23.58
C ASN B 166 -2.08 0.72 -24.32
N LEU B 167 -1.00 0.27 -23.69
CA LEU B 167 -0.17 -0.68 -24.39
C LEU B 167 -0.83 -2.05 -24.50
N LEU B 168 -1.63 -2.42 -23.52
CA LEU B 168 -2.32 -3.70 -23.49
C LEU B 168 -3.36 -3.82 -24.60
N VAL B 169 -4.08 -2.74 -24.90
CA VAL B 169 -4.91 -2.79 -26.09
C VAL B 169 -4.03 -2.83 -27.35
N LEU B 170 -2.89 -2.13 -27.28
CA LEU B 170 -2.08 -1.91 -28.48
C LEU B 170 -1.47 -3.19 -29.05
N CYS B 171 -0.86 -4.01 -28.19
CA CYS B 171 -0.23 -5.24 -28.66
C CYS B 171 -1.25 -6.33 -29.00
N ARG B 172 -2.41 -6.37 -28.29
CA ARG B 172 -3.42 -7.40 -28.51
C ARG B 172 -4.18 -7.21 -29.82
N GLU B 173 -4.16 -5.98 -30.37
CA GLU B 173 -4.97 -5.76 -31.57
C GLU B 173 -4.30 -6.36 -32.80
N SER B 174 -3.00 -6.12 -32.95
CA SER B 174 -2.23 -6.48 -34.14
C SER B 174 -0.92 -7.15 -33.77
N GLU B 175 -0.39 -7.90 -34.75
CA GLU B 175 0.93 -8.51 -34.63
C GLU B 175 2.05 -7.46 -34.71
N SER B 176 1.89 -6.49 -35.61
CA SER B 176 2.90 -5.45 -35.80
C SER B 176 3.01 -4.54 -34.59
N GLY B 177 1.93 -4.42 -33.81
CA GLY B 177 1.99 -3.61 -32.59
C GLY B 177 2.91 -4.19 -31.54
N ALA B 178 2.75 -5.48 -31.23
CA ALA B 178 3.68 -6.08 -30.29
C ALA B 178 5.09 -6.19 -30.89
N THR B 179 5.21 -6.19 -32.24
CA THR B 179 6.54 -6.11 -32.82
C THR B 179 7.19 -4.79 -32.45
N GLY B 180 6.41 -3.70 -32.55
CA GLY B 180 6.96 -2.42 -32.18
C GLY B 180 7.22 -2.32 -30.69
N VAL B 181 6.42 -3.04 -29.89
CA VAL B 181 6.56 -3.06 -28.43
C VAL B 181 7.82 -3.80 -27.99
N TRP B 182 8.27 -4.74 -28.81
CA TRP B 182 9.35 -5.63 -28.44
C TRP B 182 10.67 -4.89 -28.16
N ASN B 183 11.06 -3.95 -29.00
CA ASN B 183 12.20 -3.05 -28.73
C ASN B 183 13.50 -3.86 -28.55
N GLN B 184 13.68 -4.89 -29.39
CA GLN B 184 14.79 -5.85 -29.27
C GLN B 184 14.88 -6.46 -27.87
N GLY B 185 13.72 -6.70 -27.26
CA GLY B 185 13.71 -7.31 -25.95
C GLY B 185 13.94 -6.36 -24.81
N ALA B 186 13.83 -5.05 -25.02
CA ALA B 186 14.01 -4.14 -23.91
C ALA B 186 12.90 -4.28 -22.89
N LEU B 187 11.82 -4.98 -23.22
CA LEU B 187 10.68 -5.09 -22.31
C LEU B 187 11.02 -5.92 -21.08
N VAL B 188 11.66 -7.06 -21.28
CA VAL B 188 11.90 -7.99 -20.19
C VAL B 188 12.83 -7.39 -19.13
N PRO B 189 13.81 -6.52 -19.45
CA PRO B 189 14.56 -5.90 -18.35
C PRO B 189 13.70 -4.95 -17.51
N PHE B 190 12.84 -4.18 -18.18
CA PHE B 190 11.95 -3.22 -17.52
C PHE B 190 11.03 -3.94 -16.54
N VAL B 191 10.40 -5.01 -17.01
CA VAL B 191 9.47 -5.74 -16.19
C VAL B 191 10.20 -6.43 -15.06
N LEU B 192 11.41 -6.94 -15.31
CA LEU B 192 12.05 -7.69 -14.24
C LEU B 192 12.51 -6.81 -13.08
N ASN B 193 12.93 -5.56 -13.34
CA ASN B 193 13.23 -4.64 -12.23
C ASN B 193 11.97 -4.16 -11.58
N LEU B 194 10.85 -4.25 -12.31
CA LEU B 194 9.56 -3.89 -11.73
C LEU B 194 9.09 -4.93 -10.74
N ILE B 195 9.22 -6.19 -11.08
CA ILE B 195 8.73 -7.22 -10.19
C ILE B 195 9.66 -7.31 -9.01
N ASN B 196 10.95 -7.15 -9.29
CA ASN B 196 12.02 -7.28 -8.31
C ASN B 196 11.96 -6.14 -7.27
N ASP B 197 11.28 -5.05 -7.60
CA ASP B 197 10.83 -4.03 -6.65
C ASP B 197 9.66 -4.58 -5.82
N ALA B 198 9.73 -4.38 -4.51
CA ALA B 198 8.74 -4.88 -3.58
C ALA B 198 7.56 -3.94 -3.43
N SER B 199 7.79 -2.72 -3.83
CA SER B 199 7.01 -1.57 -3.45
C SER B 199 5.87 -1.29 -4.41
N GLU B 200 5.54 -2.27 -5.25
CA GLU B 200 4.58 -2.04 -6.30
C GLU B 200 3.24 -2.70 -6.00
N ASN B 201 2.21 -1.98 -6.43
CA ASN B 201 0.83 -2.41 -6.41
C ASN B 201 0.66 -3.69 -7.24
N GLU B 202 -0.35 -4.48 -6.86
CA GLU B 202 -0.59 -5.77 -7.52
C GLU B 202 -1.13 -5.59 -8.93
N GLU B 203 -2.18 -4.80 -9.10
CA GLU B 203 -2.80 -4.81 -10.42
C GLU B 203 -1.89 -4.20 -11.47
N VAL B 204 -0.98 -3.31 -11.06
CA VAL B 204 0.04 -2.81 -11.99
C VAL B 204 0.87 -3.98 -12.54
N THR B 205 1.29 -4.87 -11.64
CA THR B 205 2.15 -5.98 -11.99
C THR B 205 1.43 -6.99 -12.87
N VAL B 206 0.18 -7.32 -12.52
CA VAL B 206 -0.52 -8.33 -13.30
C VAL B 206 -0.87 -7.78 -14.67
N THR B 207 -1.05 -6.47 -14.76
CA THR B 207 -1.17 -5.92 -16.10
C THR B 207 0.16 -5.99 -16.85
N ALA B 208 1.31 -5.87 -16.18
CA ALA B 208 2.56 -5.99 -16.96
C ALA B 208 2.76 -7.40 -17.54
N ILE B 209 2.35 -8.42 -16.78
CA ILE B 209 2.41 -9.79 -17.30
C ILE B 209 1.39 -10.04 -18.42
N ARG B 210 0.19 -9.45 -18.35
CA ARG B 210 -0.71 -9.55 -19.51
C ARG B 210 -0.18 -8.78 -20.71
N ILE B 211 0.83 -7.91 -20.50
CA ILE B 211 1.57 -7.36 -21.64
C ILE B 211 2.52 -8.42 -22.22
N LEU B 212 3.16 -9.17 -21.34
CA LEU B 212 4.24 -10.05 -21.79
C LEU B 212 3.73 -11.28 -22.54
N ASP B 213 2.61 -11.86 -22.08
CA ASP B 213 2.12 -13.09 -22.70
C ASP B 213 1.57 -12.83 -24.09
N GLU B 214 1.01 -11.65 -24.31
CA GLU B 214 0.68 -11.26 -25.68
C GLU B 214 1.97 -11.01 -26.47
N THR B 215 3.05 -10.57 -25.79
CA THR B 215 4.30 -10.27 -26.51
C THR B 215 5.08 -11.51 -26.97
N ILE B 216 5.06 -12.59 -26.19
CA ILE B 216 5.84 -13.79 -26.48
C ILE B 216 5.01 -14.84 -27.21
N LYS B 217 3.93 -14.43 -27.87
CA LYS B 217 3.14 -15.38 -28.64
C LYS B 217 3.93 -15.91 -29.82
N ASN B 218 4.83 -15.12 -30.39
CA ASN B 218 5.73 -15.65 -31.40
C ASN B 218 6.64 -16.67 -30.75
N SER B 219 6.82 -17.82 -31.40
CA SER B 219 7.77 -18.79 -30.88
C SER B 219 9.21 -18.32 -31.07
N VAL B 220 9.47 -17.52 -32.10
CA VAL B 220 10.80 -16.96 -32.29
C VAL B 220 11.10 -16.00 -31.15
N ARG B 221 10.11 -15.15 -30.82
CA ARG B 221 10.30 -14.21 -29.72
C ARG B 221 10.44 -14.95 -28.41
N CYS B 222 9.75 -16.08 -28.25
CA CYS B 222 9.80 -16.80 -26.99
C CYS B 222 11.12 -17.57 -26.86
N MET B 223 11.68 -18.07 -27.96
CA MET B 223 13.01 -18.69 -27.84
C MET B 223 14.10 -17.67 -27.63
N LYS B 224 13.93 -16.46 -28.16
CA LYS B 224 14.80 -15.37 -27.75
C LYS B 224 14.59 -15.05 -26.28
N PHE B 225 13.35 -15.14 -25.82
CA PHE B 225 13.06 -14.78 -24.45
C PHE B 225 13.67 -15.76 -23.47
N LEU B 226 13.65 -17.03 -23.80
CA LEU B 226 13.94 -17.99 -22.75
C LEU B 226 15.43 -18.00 -22.38
N ALA B 227 16.32 -17.98 -23.36
CA ALA B 227 17.73 -18.14 -23.05
C ALA B 227 18.42 -16.80 -22.80
N MET B 228 17.66 -15.70 -22.61
CA MET B 228 18.23 -14.40 -22.30
C MET B 228 18.31 -14.14 -20.76
N HIS B 229 18.00 -15.17 -19.95
CA HIS B 229 18.13 -15.13 -18.53
C HIS B 229 19.34 -15.97 -17.98
N ASP B 230 20.27 -16.41 -18.81
CA ASP B 230 21.50 -17.15 -18.42
C ASP B 230 22.10 -17.74 -19.69
N PRO B 231 23.38 -17.53 -20.01
CA PRO B 231 23.97 -18.27 -21.14
C PRO B 231 23.98 -19.76 -20.94
N ASP B 232 24.02 -20.23 -19.71
CA ASP B 232 23.79 -21.64 -19.43
C ASP B 232 22.32 -21.94 -19.66
N GLY B 233 22.02 -23.12 -20.14
CA GLY B 233 20.65 -23.41 -20.52
C GLY B 233 19.70 -23.49 -19.35
N PRO B 234 19.86 -24.52 -18.52
CA PRO B 234 18.77 -24.90 -17.61
C PRO B 234 18.50 -23.88 -16.54
N LYS B 235 19.45 -22.99 -16.27
CA LYS B 235 19.23 -21.93 -15.31
C LYS B 235 18.54 -20.73 -15.90
N SER B 236 18.72 -20.46 -17.19
CA SER B 236 17.81 -19.48 -17.75
C SER B 236 16.41 -20.07 -17.81
N VAL B 237 16.29 -21.39 -17.87
CA VAL B 237 14.96 -22.01 -17.70
C VAL B 237 14.42 -21.81 -16.29
N ARG B 238 15.22 -22.14 -15.28
CA ARG B 238 14.79 -22.07 -13.88
C ARG B 238 14.50 -20.66 -13.42
N PHE B 239 15.18 -19.67 -13.98
CA PHE B 239 14.89 -18.30 -13.59
C PHE B 239 13.48 -17.92 -13.96
N VAL B 240 13.07 -18.29 -15.17
CA VAL B 240 11.71 -17.96 -15.60
C VAL B 240 10.68 -18.84 -14.89
N CYS B 241 11.04 -20.07 -14.55
CA CYS B 241 10.08 -20.85 -13.78
C CYS B 241 9.95 -20.36 -12.35
N ARG B 242 11.01 -19.84 -11.75
CA ARG B 242 10.90 -19.31 -10.41
C ARG B 242 10.52 -17.87 -10.41
N LEU B 243 10.07 -17.34 -11.53
CA LEU B 243 9.48 -16.02 -11.42
C LEU B 243 8.18 -16.02 -10.63
N MET B 244 7.47 -17.14 -10.54
CA MET B 244 6.22 -17.11 -9.78
C MET B 244 6.44 -17.02 -8.28
N CYS B 245 7.64 -17.31 -7.79
CA CYS B 245 7.92 -17.19 -6.38
C CYS B 245 8.38 -15.78 -5.94
N LYS B 246 8.31 -14.79 -6.84
CA LYS B 246 8.60 -13.42 -6.42
C LYS B 246 7.53 -12.93 -5.44
N LYS B 247 6.26 -13.05 -5.81
CA LYS B 247 5.14 -12.63 -4.96
C LYS B 247 4.18 -13.80 -4.73
N SER B 248 3.21 -13.60 -3.82
CA SER B 248 2.38 -14.74 -3.41
C SER B 248 0.88 -14.45 -3.41
N THR B 249 0.41 -13.39 -4.07
CA THR B 249 -1.02 -13.24 -4.27
C THR B 249 -1.48 -14.20 -5.38
N LYS B 250 -2.75 -14.60 -5.33
CA LYS B 250 -3.22 -15.64 -6.23
C LYS B 250 -3.34 -15.14 -7.66
N ASP B 251 -3.60 -13.86 -7.85
CA ASP B 251 -3.74 -13.32 -9.20
C ASP B 251 -2.39 -13.30 -9.94
N PHE B 252 -1.30 -13.04 -9.22
CA PHE B 252 0.04 -13.03 -9.79
C PHE B 252 0.43 -14.44 -10.24
N VAL B 253 0.12 -15.42 -9.41
CA VAL B 253 0.46 -16.78 -9.77
C VAL B 253 -0.35 -17.17 -11.00
N ASP B 254 -1.59 -16.68 -11.09
CA ASP B 254 -2.37 -17.00 -12.29
C ASP B 254 -1.82 -16.32 -13.53
N ALA B 255 -1.18 -15.15 -13.40
CA ALA B 255 -0.59 -14.52 -14.59
C ALA B 255 0.70 -15.18 -15.06
N THR B 256 1.49 -15.70 -14.12
CA THR B 256 2.71 -16.40 -14.50
C THR B 256 2.41 -17.75 -15.16
N GLY B 257 1.33 -18.41 -14.71
CA GLY B 257 1.01 -19.66 -15.36
C GLY B 257 0.65 -19.49 -16.81
N ILE B 258 0.20 -18.29 -17.19
CA ILE B 258 -0.08 -18.03 -18.60
C ILE B 258 1.22 -17.92 -19.43
N LEU B 259 2.29 -17.37 -18.85
CA LEU B 259 3.55 -17.32 -19.61
C LEU B 259 4.09 -18.71 -19.84
N VAL B 260 4.10 -19.53 -18.80
CA VAL B 260 4.61 -20.88 -19.02
C VAL B 260 3.72 -21.65 -19.98
N GLN B 261 2.43 -21.35 -19.98
CA GLN B 261 1.58 -21.92 -21.00
C GLN B 261 2.04 -21.47 -22.37
N ARG B 262 2.37 -20.17 -22.51
CA ARG B 262 2.80 -19.70 -23.82
C ARG B 262 4.14 -20.28 -24.22
N VAL B 263 4.91 -20.74 -23.25
CA VAL B 263 6.15 -21.45 -23.55
C VAL B 263 5.82 -22.78 -24.22
N PHE B 264 4.88 -23.52 -23.67
CA PHE B 264 4.53 -24.73 -24.41
C PHE B 264 3.90 -24.37 -25.75
N ASN B 265 3.17 -23.28 -25.81
CA ASN B 265 2.59 -22.84 -27.08
C ASN B 265 3.62 -22.36 -28.08
N ALA B 266 4.83 -22.04 -27.62
CA ALA B 266 5.91 -21.71 -28.55
C ALA B 266 6.71 -22.94 -28.99
N MET B 267 6.97 -23.90 -28.11
CA MET B 267 7.81 -25.04 -28.49
C MET B 267 7.08 -25.97 -29.45
N ALA B 268 5.97 -26.57 -29.00
CA ALA B 268 5.32 -27.59 -29.81
C ALA B 268 4.47 -27.00 -30.91
N LYS B 269 4.33 -25.67 -30.97
CA LYS B 269 3.37 -25.01 -31.82
C LYS B 269 1.96 -25.58 -31.59
N MET B 270 1.50 -25.38 -30.36
CA MET B 270 0.16 -25.77 -29.95
C MET B 270 -0.57 -24.58 -29.33
N ASP B 271 -1.90 -24.69 -29.34
CA ASP B 271 -2.74 -23.73 -28.65
C ASP B 271 -4.04 -24.45 -28.31
N ARG B 272 -4.28 -24.71 -27.03
CA ARG B 272 -5.57 -25.29 -26.67
C ARG B 272 -6.70 -24.28 -26.82
N GLN B 273 -6.37 -22.98 -26.76
CA GLN B 273 -7.37 -21.90 -26.90
C GLN B 273 -7.79 -21.66 -28.35
N LYS B 274 -6.92 -22.02 -29.31
CA LYS B 274 -7.19 -21.92 -30.73
C LYS B 274 -7.31 -23.29 -31.38
N GLU B 275 -7.51 -24.33 -30.56
CA GLU B 275 -7.79 -25.69 -31.01
C GLU B 275 -6.66 -26.24 -31.89
N MET B 276 -5.45 -25.69 -31.73
CA MET B 276 -4.33 -25.96 -32.63
C MET B 276 -3.48 -27.08 -32.05
N LYS B 277 -3.32 -28.14 -32.80
CA LYS B 277 -2.58 -29.34 -32.44
C LYS B 277 -1.07 -29.11 -32.57
N PRO B 278 -0.25 -29.83 -31.79
CA PRO B 278 1.21 -29.64 -31.85
C PRO B 278 1.80 -30.20 -33.13
N ASP B 279 3.00 -29.72 -33.47
CA ASP B 279 3.76 -30.26 -34.61
C ASP B 279 4.93 -31.13 -34.15
N PRO B 280 4.96 -32.45 -34.41
CA PRO B 280 6.10 -33.26 -33.95
C PRO B 280 7.39 -32.99 -34.72
N GLU B 281 7.31 -32.24 -35.82
CA GLU B 281 8.49 -31.75 -36.54
C GLU B 281 9.29 -30.80 -35.66
N VAL B 282 8.65 -29.75 -35.12
CA VAL B 282 9.36 -28.76 -34.31
C VAL B 282 9.62 -29.23 -32.90
N ALA B 283 9.03 -30.34 -32.46
CA ALA B 283 9.29 -30.84 -31.10
C ALA B 283 10.69 -31.41 -30.97
N GLU B 284 11.06 -32.31 -31.86
CA GLU B 284 12.40 -32.86 -31.74
C GLU B 284 13.46 -31.84 -32.11
N ALA B 285 13.08 -30.75 -32.78
CA ALA B 285 14.09 -29.75 -33.10
C ALA B 285 14.60 -29.00 -31.87
N ASN B 286 13.83 -28.97 -30.75
CA ASN B 286 14.21 -28.35 -29.45
C ASN B 286 13.81 -29.25 -28.25
N LYS B 287 14.01 -30.56 -28.43
CA LYS B 287 13.79 -31.52 -27.37
C LYS B 287 14.61 -31.22 -26.12
N ILE B 288 15.79 -30.60 -26.26
CA ILE B 288 16.61 -30.42 -25.04
C ILE B 288 16.03 -29.33 -24.16
N TRP B 289 15.49 -28.25 -24.75
CA TRP B 289 14.82 -27.25 -23.95
C TRP B 289 13.67 -27.90 -23.23
N ILE B 290 12.99 -28.83 -23.93
CA ILE B 290 11.78 -29.42 -23.37
C ILE B 290 12.12 -30.20 -22.11
N ILE B 291 13.13 -31.06 -22.18
CA ILE B 291 13.39 -31.86 -20.99
C ILE B 291 14.02 -31.03 -19.86
N ARG B 292 14.68 -29.90 -20.16
CA ARG B 292 15.10 -29.06 -19.04
C ARG B 292 13.92 -28.51 -18.27
N VAL B 293 12.85 -28.10 -19.00
CA VAL B 293 11.70 -27.56 -18.29
C VAL B 293 11.06 -28.63 -17.44
N LEU B 294 11.02 -29.85 -17.94
CA LEU B 294 10.38 -30.91 -17.16
C LEU B 294 11.15 -31.18 -15.86
N LEU B 295 12.49 -31.18 -15.94
CA LEU B 295 13.28 -31.45 -14.74
C LEU B 295 13.11 -30.35 -13.71
N GLU B 296 13.06 -29.09 -14.18
CA GLU B 296 12.95 -28.02 -13.21
C GLU B 296 11.60 -28.06 -12.52
N LEU B 297 10.52 -28.33 -13.28
CA LEU B 297 9.20 -28.34 -12.65
C LEU B 297 8.98 -29.54 -11.74
N GLN B 298 9.41 -30.74 -12.12
CA GLN B 298 9.23 -31.80 -11.15
C GLN B 298 10.11 -31.61 -9.92
N GLU B 299 11.18 -30.79 -10.02
CA GLU B 299 11.88 -30.37 -8.80
C GLU B 299 11.08 -29.36 -7.98
N MET B 300 10.42 -28.41 -8.63
CA MET B 300 9.70 -27.38 -7.91
C MET B 300 8.52 -27.91 -7.14
N LEU B 301 8.07 -29.11 -7.44
CA LEU B 301 6.97 -29.67 -6.69
C LEU B 301 7.37 -30.16 -5.32
N GLN B 302 8.63 -30.50 -5.12
CA GLN B 302 9.04 -30.92 -3.79
C GLN B 302 9.91 -29.87 -3.11
N ASP B 303 9.93 -28.64 -3.64
CA ASP B 303 10.73 -27.56 -3.06
C ASP B 303 9.95 -26.88 -1.95
N PRO B 304 10.33 -27.04 -0.68
CA PRO B 304 9.59 -26.38 0.39
C PRO B 304 9.76 -24.89 0.40
N LYS B 305 10.67 -24.34 -0.37
CA LYS B 305 10.72 -22.89 -0.48
C LYS B 305 9.75 -22.39 -1.53
N VAL B 306 8.93 -23.27 -2.08
CA VAL B 306 7.87 -22.91 -3.03
C VAL B 306 6.54 -23.10 -2.34
N GLY B 307 5.68 -22.08 -2.41
CA GLY B 307 4.41 -22.06 -1.69
C GLY B 307 3.34 -22.98 -2.25
N ALA B 308 2.21 -23.04 -1.53
CA ALA B 308 1.20 -24.03 -1.87
C ALA B 308 0.48 -23.63 -3.15
N VAL B 309 0.09 -22.38 -3.26
CA VAL B 309 -0.70 -22.00 -4.42
C VAL B 309 0.13 -22.04 -5.70
N GLN B 310 1.43 -21.75 -5.58
CA GLN B 310 2.31 -21.83 -6.75
C GLN B 310 2.49 -23.29 -7.15
N ARG B 311 2.60 -24.18 -6.16
CA ARG B 311 2.75 -25.60 -6.45
C ARG B 311 1.52 -26.16 -7.15
N GLU B 312 0.33 -25.73 -6.74
CA GLU B 312 -0.86 -26.17 -7.45
C GLU B 312 -0.84 -25.67 -8.88
N THR B 313 -0.43 -24.42 -9.11
CA THR B 313 -0.48 -23.97 -10.50
C THR B 313 0.52 -24.70 -11.37
N CYS B 314 1.66 -25.11 -10.80
CA CYS B 314 2.56 -25.98 -11.56
C CYS B 314 1.85 -27.27 -11.90
N ILE B 315 1.13 -27.83 -10.93
CA ILE B 315 0.44 -29.06 -11.22
C ILE B 315 -0.59 -28.80 -12.30
N ASP B 316 -1.17 -27.63 -12.32
CA ASP B 316 -2.12 -27.33 -13.37
C ASP B 316 -1.46 -27.20 -14.72
N LEU B 317 -0.19 -26.81 -14.76
CA LEU B 317 0.46 -26.79 -16.06
C LEU B 317 0.81 -28.19 -16.54
N PHE B 318 1.21 -29.07 -15.62
CA PHE B 318 1.38 -30.47 -15.99
C PHE B 318 0.07 -31.05 -16.53
N LEU B 319 -1.05 -30.75 -15.86
CA LEU B 319 -2.35 -31.29 -16.26
C LEU B 319 -2.77 -30.76 -17.62
N LYS B 320 -2.61 -29.46 -17.86
CA LYS B 320 -3.07 -28.93 -19.14
C LYS B 320 -2.17 -29.34 -20.28
N ASN B 321 -0.85 -29.24 -20.10
CA ASN B 321 0.05 -29.32 -21.23
C ASN B 321 0.72 -30.66 -21.45
N LEU B 322 0.70 -31.58 -20.48
CA LEU B 322 1.41 -32.82 -20.69
C LEU B 322 0.65 -33.79 -21.61
N MET B 323 -0.60 -34.12 -21.28
CA MET B 323 -1.31 -35.22 -21.94
C MET B 323 -1.79 -34.81 -23.32
N HIS B 324 -1.46 -35.61 -24.33
CA HIS B 324 -2.01 -35.41 -25.67
C HIS B 324 -3.48 -35.83 -25.77
N MET B 325 -3.94 -36.69 -24.86
CA MET B 325 -5.36 -37.04 -24.76
C MET B 325 -6.24 -35.86 -24.41
N ASP B 326 -5.70 -34.77 -23.89
CA ASP B 326 -6.44 -33.53 -23.81
C ASP B 326 -5.86 -32.46 -24.74
N GLY B 327 -5.03 -32.88 -25.71
CA GLY B 327 -4.42 -31.97 -26.65
C GLY B 327 -3.23 -31.20 -26.11
N GLY B 328 -2.31 -31.89 -25.44
CA GLY B 328 -1.12 -31.27 -24.90
C GLY B 328 0.08 -31.71 -25.71
N ILE B 329 1.13 -32.15 -25.03
CA ILE B 329 2.36 -32.65 -25.68
C ILE B 329 2.15 -34.06 -26.21
N PRO B 330 2.66 -34.43 -27.48
CA PRO B 330 2.34 -35.74 -28.05
C PRO B 330 2.95 -36.93 -27.32
N ARG B 331 2.71 -38.12 -27.89
CA ARG B 331 2.86 -39.38 -27.16
C ARG B 331 4.31 -39.75 -26.90
N GLY B 332 4.50 -40.54 -25.83
CA GLY B 332 5.78 -41.04 -25.39
C GLY B 332 6.39 -40.27 -24.23
N TRP B 333 6.14 -38.96 -24.15
CA TRP B 333 6.72 -38.15 -23.07
C TRP B 333 6.25 -38.63 -21.71
N SER B 334 4.97 -38.92 -21.61
CA SER B 334 4.45 -39.38 -20.34
C SER B 334 5.04 -40.73 -19.92
N TRP B 335 5.41 -41.59 -20.88
CA TRP B 335 5.99 -42.88 -20.52
C TRP B 335 7.34 -42.73 -19.86
N LYS B 336 8.12 -41.77 -20.34
CA LYS B 336 9.34 -41.33 -19.67
C LYS B 336 9.03 -40.79 -18.27
N PHE B 337 7.96 -40.00 -18.13
CA PHE B 337 7.69 -39.45 -16.81
C PHE B 337 7.31 -40.57 -15.83
N VAL B 338 6.55 -41.55 -16.28
CA VAL B 338 6.19 -42.68 -15.40
C VAL B 338 7.43 -43.45 -15.00
N GLU B 339 8.31 -43.71 -15.97
CA GLU B 339 9.57 -44.39 -15.71
C GLU B 339 10.53 -43.58 -14.86
N GLU B 340 10.36 -42.26 -14.78
CA GLU B 340 11.26 -41.42 -14.02
C GLU B 340 10.69 -41.05 -12.66
N ARG B 341 11.50 -40.35 -11.88
CA ARG B 341 11.14 -40.11 -10.50
C ARG B 341 10.15 -38.97 -10.38
N GLY B 342 9.76 -38.37 -11.51
CA GLY B 342 8.76 -37.32 -11.45
C GLY B 342 7.41 -37.88 -11.03
N LEU B 343 7.11 -39.11 -11.45
CA LEU B 343 5.95 -39.80 -10.95
C LEU B 343 6.03 -40.03 -9.45
N LEU B 344 7.23 -40.27 -8.93
CA LEU B 344 7.33 -40.53 -7.51
C LEU B 344 6.99 -39.28 -6.71
N ALA B 345 7.24 -38.12 -7.30
CA ALA B 345 7.00 -36.85 -6.64
C ALA B 345 5.51 -36.62 -6.40
N LEU B 346 4.67 -36.91 -7.40
CA LEU B 346 3.24 -36.65 -7.26
C LEU B 346 2.58 -37.60 -6.28
N LEU B 347 3.09 -38.81 -6.13
CA LEU B 347 2.54 -39.65 -5.08
C LEU B 347 2.96 -39.12 -3.72
N ASP B 348 4.19 -38.59 -3.64
CA ASP B 348 4.55 -37.92 -2.40
C ASP B 348 3.64 -36.73 -2.14
N VAL B 349 3.25 -36.02 -3.21
CA VAL B 349 2.39 -34.84 -3.09
C VAL B 349 0.98 -35.22 -2.68
N ALA B 350 0.42 -36.25 -3.29
CA ALA B 350 -0.93 -36.72 -2.99
C ALA B 350 -1.06 -37.30 -1.59
N SER B 351 0.04 -37.73 -1.00
CA SER B 351 -0.04 -38.20 0.38
C SER B 351 0.17 -37.06 1.40
N GLN B 352 -0.51 -35.91 1.22
CA GLN B 352 -0.25 -34.74 2.06
C GLN B 352 -1.56 -33.99 2.43
N ILE B 353 -1.42 -33.08 3.41
CA ILE B 353 -2.44 -32.16 3.96
C ILE B 353 -1.78 -30.90 4.52
N PRO B 354 -2.50 -29.78 4.65
CA PRO B 354 -1.94 -28.63 5.39
C PRO B 354 -1.62 -28.97 6.82
N GLU B 355 -2.41 -29.86 7.43
CA GLU B 355 -2.21 -30.27 8.81
C GLU B 355 -1.00 -31.15 8.99
N LEU B 356 -0.53 -31.82 7.93
CA LEU B 356 0.70 -32.59 8.03
C LEU B 356 1.42 -32.47 6.69
N CYS B 357 2.52 -31.73 6.63
CA CYS B 357 3.24 -31.57 5.37
C CYS B 357 4.72 -31.31 5.60
N GLU B 358 5.53 -31.54 4.56
CA GLU B 358 6.91 -31.09 4.55
C GLU B 358 7.12 -29.96 3.57
N TYR B 359 6.05 -29.53 2.90
CA TYR B 359 6.09 -28.47 1.92
C TYR B 359 4.67 -27.99 1.72
N PRO B 360 4.48 -26.72 1.36
CA PRO B 360 3.16 -26.07 1.51
C PRO B 360 2.02 -26.70 0.69
N VAL B 361 0.95 -27.10 1.40
CA VAL B 361 -0.23 -27.73 0.82
C VAL B 361 -1.46 -26.94 1.25
N SER B 362 -2.34 -26.65 0.33
CA SER B 362 -3.65 -26.11 0.69
C SER B 362 -4.69 -27.22 0.61
N ALA B 363 -5.95 -26.88 0.94
CA ALA B 363 -6.96 -27.91 0.84
C ALA B 363 -7.37 -28.20 -0.60
N GLU B 364 -7.19 -27.21 -1.49
CA GLU B 364 -7.49 -27.41 -2.91
C GLU B 364 -6.48 -28.31 -3.59
N THR B 365 -5.32 -28.56 -2.97
CA THR B 365 -4.28 -29.30 -3.66
C THR B 365 -4.69 -30.73 -3.91
N ARG B 366 -5.44 -31.32 -2.99
CA ARG B 366 -5.86 -32.71 -3.16
C ARG B 366 -6.69 -32.88 -4.41
N GLN B 367 -7.62 -31.96 -4.67
CA GLN B 367 -8.46 -32.19 -5.82
C GLN B 367 -7.71 -31.93 -7.12
N HIS B 368 -6.71 -31.05 -7.10
CA HIS B 368 -5.91 -30.89 -8.30
C HIS B 368 -5.10 -32.12 -8.58
N VAL B 369 -4.59 -32.78 -7.54
CA VAL B 369 -3.86 -33.98 -7.83
C VAL B 369 -4.80 -35.08 -8.27
N ALA B 370 -6.00 -35.17 -7.66
CA ALA B 370 -6.85 -36.25 -8.10
C ALA B 370 -7.26 -36.05 -9.57
N ILE B 371 -7.45 -34.80 -9.99
CA ILE B 371 -7.75 -34.57 -11.39
C ILE B 371 -6.57 -34.96 -12.27
N CYS B 372 -5.34 -34.60 -11.89
CA CYS B 372 -4.22 -34.91 -12.78
C CYS B 372 -3.88 -36.40 -12.81
N LEU B 373 -4.11 -37.13 -11.72
CA LEU B 373 -3.93 -38.57 -11.81
C LEU B 373 -4.99 -39.24 -12.67
N GLN B 374 -6.24 -38.78 -12.61
CA GLN B 374 -7.22 -39.36 -13.51
C GLN B 374 -6.86 -39.09 -14.97
N ARG B 375 -6.36 -37.89 -15.27
CA ARG B 375 -6.00 -37.56 -16.66
C ARG B 375 -4.75 -38.32 -17.16
N LEU B 376 -3.75 -38.54 -16.29
CA LEU B 376 -2.58 -39.31 -16.68
C LEU B 376 -2.91 -40.79 -16.89
N GLU B 377 -3.75 -41.36 -16.02
CA GLU B 377 -4.20 -42.72 -16.25
C GLU B 377 -5.04 -42.81 -17.53
N GLU B 378 -5.71 -41.72 -17.92
CA GLU B 378 -6.41 -41.72 -19.22
C GLU B 378 -5.46 -41.59 -20.41
N ASP B 379 -4.20 -41.14 -20.21
CA ASP B 379 -3.25 -41.04 -21.34
C ASP B 379 -2.42 -42.32 -21.56
N MET B 380 -2.44 -43.25 -20.59
CA MET B 380 -1.81 -44.57 -20.70
C MET B 380 -2.74 -45.44 -21.53
N VAL B 381 -2.63 -45.31 -22.85
CA VAL B 381 -3.63 -45.95 -23.72
C VAL B 381 -3.32 -47.43 -23.92
N PHE B 382 -2.06 -47.84 -23.72
CA PHE B 382 -1.60 -49.21 -23.89
C PHE B 382 -1.55 -49.91 -22.53
N ASP B 383 -1.84 -51.21 -22.52
CA ASP B 383 -1.87 -51.97 -21.27
C ASP B 383 -0.47 -52.26 -20.71
N THR B 384 0.57 -52.16 -21.53
CA THR B 384 1.93 -52.23 -20.99
C THR B 384 2.26 -51.02 -20.10
N LYS B 385 1.92 -49.82 -20.56
CA LYS B 385 2.22 -48.64 -19.75
C LYS B 385 1.32 -48.57 -18.52
N ARG B 386 0.09 -49.05 -18.63
CA ARG B 386 -0.80 -49.16 -17.48
C ARG B 386 -0.29 -50.20 -16.48
N THR B 387 0.39 -51.26 -16.98
CA THR B 387 1.04 -52.23 -16.09
C THR B 387 2.20 -51.59 -15.32
N ILE B 388 3.03 -50.79 -16.01
CA ILE B 388 4.12 -50.12 -15.29
C ILE B 388 3.54 -49.15 -14.26
N PHE B 389 2.40 -48.53 -14.62
CA PHE B 389 1.70 -47.59 -13.74
C PHE B 389 1.20 -48.25 -12.47
N LYS B 390 0.66 -49.46 -12.57
CA LYS B 390 0.25 -50.12 -11.35
C LYS B 390 1.45 -50.63 -10.56
N GLU B 391 2.55 -51.00 -11.23
CA GLU B 391 3.68 -51.57 -10.50
C GLU B 391 4.39 -50.53 -9.64
N LYS B 392 4.48 -49.27 -10.14
CA LYS B 392 5.09 -48.22 -9.33
C LYS B 392 4.23 -47.91 -8.13
N VAL B 393 2.92 -47.93 -8.31
CA VAL B 393 2.09 -47.53 -7.20
C VAL B 393 2.05 -48.65 -6.16
N ASP B 394 2.29 -49.89 -6.57
CA ASP B 394 2.39 -50.94 -5.57
C ASP B 394 3.68 -50.82 -4.77
N MET B 395 4.76 -50.39 -5.41
CA MET B 395 6.01 -50.17 -4.67
C MET B 395 5.89 -49.01 -3.69
N PHE B 396 5.16 -47.96 -4.09
CA PHE B 396 4.93 -46.81 -3.21
C PHE B 396 4.09 -47.19 -1.99
N PHE B 397 3.11 -48.07 -2.18
CA PHE B 397 2.31 -48.52 -1.04
C PHE B 397 3.12 -49.43 -0.12
N ASN B 398 3.89 -50.34 -0.72
CA ASN B 398 4.61 -51.36 0.02
C ASN B 398 5.80 -50.76 0.80
N ALA B 399 6.27 -49.56 0.39
CA ALA B 399 7.24 -48.81 1.21
C ALA B 399 6.58 -48.21 2.46
N LEU B 400 5.31 -47.80 2.35
CA LEU B 400 4.56 -47.19 3.45
C LEU B 400 4.13 -48.22 4.47
N ILE B 401 3.75 -49.41 4.01
CA ILE B 401 3.39 -50.44 4.97
C ILE B 401 4.59 -50.93 5.78
N SER B 402 5.82 -50.72 5.25
CA SER B 402 7.04 -51.05 5.98
C SER B 402 7.30 -50.13 7.17
N ARG B 403 6.90 -48.86 7.07
CA ARG B 403 7.16 -47.89 8.13
C ARG B 403 5.94 -47.60 8.99
N CYS B 404 4.78 -48.11 8.64
CA CYS B 404 3.61 -47.95 9.51
C CYS B 404 3.71 -48.92 10.67
N THR B 405 4.43 -48.45 11.71
CA THR B 405 4.65 -49.19 12.95
C THR B 405 3.73 -48.66 14.07
N ASN B 406 3.67 -49.39 15.18
CA ASN B 406 2.85 -48.96 16.31
C ASN B 406 3.43 -47.72 16.98
N ASP B 407 4.66 -47.36 16.62
CA ASP B 407 5.44 -46.28 17.22
C ASP B 407 4.89 -44.91 16.82
N ASP B 408 5.34 -43.88 17.55
CA ASP B 408 4.96 -42.49 17.24
C ASP B 408 5.42 -42.09 15.83
N GLU B 409 6.59 -42.58 15.40
CA GLU B 409 6.97 -42.47 14.00
C GLU B 409 5.97 -43.20 13.11
N GLY B 410 5.53 -44.38 13.53
CA GLY B 410 4.63 -45.11 12.68
C GLY B 410 3.21 -44.56 12.65
N HIS B 411 2.86 -43.61 13.52
CA HIS B 411 1.52 -43.01 13.44
C HIS B 411 1.36 -42.12 12.21
N LYS B 412 2.38 -41.33 11.85
CA LYS B 412 2.22 -40.37 10.77
C LYS B 412 2.30 -40.98 9.37
N TYR B 413 2.91 -42.16 9.22
CA TYR B 413 2.86 -42.78 7.92
C TYR B 413 1.45 -43.26 7.61
N ARG B 414 0.68 -43.62 8.64
CA ARG B 414 -0.72 -43.93 8.41
C ARG B 414 -1.44 -42.71 7.85
N ILE B 415 -1.01 -41.52 8.26
CA ILE B 415 -1.71 -40.30 7.86
C ILE B 415 -1.39 -39.95 6.41
N LYS B 416 -0.13 -40.09 6.01
CA LYS B 416 0.16 -39.83 4.60
C LYS B 416 -0.54 -40.86 3.71
N LEU B 417 -0.64 -42.09 4.23
CA LEU B 417 -1.35 -43.14 3.53
C LEU B 417 -2.81 -42.78 3.26
N SER B 418 -3.51 -42.27 4.28
CA SER B 418 -4.92 -41.91 4.10
C SER B 418 -5.12 -40.72 3.18
N CYS B 419 -4.21 -39.74 3.23
CA CYS B 419 -4.34 -38.62 2.29
C CYS B 419 -4.21 -39.15 0.86
N PHE B 420 -3.29 -40.10 0.68
CA PHE B 420 -3.09 -40.74 -0.62
C PHE B 420 -4.36 -41.43 -1.07
N LEU B 421 -4.95 -42.23 -0.17
CA LEU B 421 -6.09 -43.01 -0.59
C LEU B 421 -7.28 -42.13 -0.89
N ILE B 422 -7.45 -41.03 -0.18
CA ILE B 422 -8.57 -40.14 -0.47
C ILE B 422 -8.40 -39.49 -1.84
N THR B 423 -7.13 -39.21 -2.19
CA THR B 423 -6.84 -38.74 -3.54
C THR B 423 -7.12 -39.83 -4.58
N MET B 424 -6.99 -41.10 -4.18
CA MET B 424 -7.33 -42.22 -5.06
C MET B 424 -8.84 -42.33 -5.30
N LEU B 425 -9.62 -42.37 -4.21
CA LEU B 425 -11.05 -42.57 -4.34
C LEU B 425 -11.70 -41.37 -5.01
N GLN B 426 -11.08 -40.19 -4.89
CA GLN B 426 -11.53 -39.01 -5.62
C GLN B 426 -10.95 -38.89 -7.03
N GLY B 427 -9.88 -39.64 -7.35
CA GLY B 427 -9.26 -39.58 -8.66
C GLY B 427 -9.33 -40.88 -9.46
N PRO B 428 -8.20 -41.71 -9.51
CA PRO B 428 -8.24 -43.02 -10.20
C PRO B 428 -9.05 -44.06 -9.43
N VAL B 429 -10.39 -43.98 -9.55
CA VAL B 429 -11.28 -44.81 -8.73
C VAL B 429 -11.10 -46.28 -9.06
N ASP B 430 -11.03 -46.60 -10.36
CA ASP B 430 -10.97 -47.99 -10.80
C ASP B 430 -9.67 -48.63 -10.32
N ILE B 431 -8.59 -47.84 -10.23
CA ILE B 431 -7.30 -48.35 -9.75
C ILE B 431 -7.32 -48.50 -8.23
N GLY B 432 -7.90 -47.54 -7.53
CA GLY B 432 -7.79 -47.56 -6.08
C GLY B 432 -8.66 -48.63 -5.47
N ILE B 433 -9.78 -48.95 -6.12
CA ILE B 433 -10.61 -50.00 -5.55
C ILE B 433 -9.85 -51.32 -5.57
N ASN B 434 -8.89 -51.50 -6.48
CA ASN B 434 -8.08 -52.70 -6.45
C ASN B 434 -7.19 -52.77 -5.20
N LEU B 435 -6.81 -51.63 -4.61
CA LEU B 435 -6.01 -51.65 -3.39
C LEU B 435 -6.83 -51.69 -2.12
N ILE B 436 -8.11 -51.31 -2.20
CA ILE B 436 -9.02 -51.48 -1.06
C ILE B 436 -9.21 -52.97 -0.78
N THR B 437 -9.13 -53.80 -1.83
CA THR B 437 -9.31 -55.24 -1.70
C THR B 437 -8.19 -55.90 -0.88
N ASN B 438 -7.09 -55.16 -0.55
CA ASN B 438 -6.05 -55.51 0.44
C ASN B 438 -6.61 -55.33 1.86
N ASP B 439 -6.68 -56.47 2.56
CA ASP B 439 -7.42 -56.84 3.77
C ASP B 439 -6.69 -56.52 5.04
N GLN B 440 -5.45 -56.22 4.82
CA GLN B 440 -4.59 -55.78 5.86
C GLN B 440 -4.97 -54.37 6.27
N LEU B 441 -5.79 -53.70 5.45
CA LEU B 441 -6.04 -52.27 5.58
C LEU B 441 -7.06 -51.95 6.69
N THR B 442 -8.20 -52.64 6.68
CA THR B 442 -9.30 -52.26 7.56
C THR B 442 -8.99 -52.40 9.06
N PRO B 443 -8.15 -53.32 9.54
CA PRO B 443 -7.84 -53.31 10.98
C PRO B 443 -6.97 -52.13 11.40
N ILE B 444 -6.15 -51.61 10.48
CA ILE B 444 -5.43 -50.38 10.77
C ILE B 444 -6.39 -49.20 10.78
N MET B 445 -7.44 -49.24 9.94
CA MET B 445 -8.54 -48.29 10.08
C MET B 445 -9.25 -48.38 11.47
N LEU B 446 -9.39 -49.60 12.01
CA LEU B 446 -9.99 -49.75 13.34
C LEU B 446 -9.04 -49.27 14.44
N GLU B 447 -7.71 -49.37 14.19
CA GLU B 447 -6.69 -48.93 15.13
C GLU B 447 -6.65 -47.41 15.25
N MET B 448 -6.65 -46.71 14.10
CA MET B 448 -6.65 -45.24 14.15
C MET B 448 -8.01 -44.67 14.57
N ALA B 449 -9.09 -45.45 14.40
CA ALA B 449 -10.38 -45.06 14.98
C ALA B 449 -10.43 -45.25 16.50
N ALA B 450 -9.65 -46.21 17.05
CA ALA B 450 -9.56 -46.54 18.47
C ALA B 450 -8.68 -45.58 19.31
N SER B 451 -7.89 -44.72 18.68
CA SER B 451 -7.13 -43.68 19.35
C SER B 451 -8.08 -42.63 19.89
N GLN B 452 -7.55 -41.71 20.70
CA GLN B 452 -8.28 -40.52 21.11
C GLN B 452 -7.92 -39.29 20.27
N ASP B 453 -6.92 -39.40 19.38
CA ASP B 453 -6.50 -38.30 18.50
C ASP B 453 -7.54 -37.98 17.44
N HIS B 454 -8.00 -36.72 17.44
CA HIS B 454 -9.14 -36.32 16.63
C HIS B 454 -8.78 -36.14 15.16
N LEU B 455 -7.52 -35.85 14.86
CA LEU B 455 -7.17 -35.73 13.45
C LEU B 455 -7.24 -37.09 12.77
N MET B 456 -6.80 -38.16 13.45
CA MET B 456 -6.87 -39.48 12.86
C MET B 456 -8.29 -40.03 12.80
N GLN B 457 -9.15 -39.67 13.75
CA GLN B 457 -10.54 -40.12 13.65
C GLN B 457 -11.23 -39.45 12.47
N GLY B 458 -11.00 -38.14 12.29
CA GLY B 458 -11.64 -37.43 11.20
C GLY B 458 -11.15 -37.91 9.86
N ILE B 459 -9.86 -38.27 9.78
CA ILE B 459 -9.40 -38.76 8.50
C ILE B 459 -9.88 -40.19 8.25
N ALA B 460 -10.13 -40.96 9.32
CA ALA B 460 -10.66 -42.30 9.07
C ALA B 460 -12.06 -42.24 8.48
N ALA B 461 -12.85 -41.28 8.97
CA ALA B 461 -14.21 -41.10 8.44
C ALA B 461 -14.19 -40.67 6.99
N GLU B 462 -13.39 -39.63 6.66
CA GLU B 462 -13.45 -39.16 5.28
C GLU B 462 -12.80 -40.11 4.29
N LEU B 463 -11.93 -41.02 4.77
CA LEU B 463 -11.51 -42.08 3.87
C LEU B 463 -12.66 -43.04 3.58
N ILE B 464 -13.27 -43.57 4.63
CA ILE B 464 -14.17 -44.65 4.32
C ILE B 464 -15.40 -44.15 3.59
N VAL B 465 -15.71 -42.86 3.65
CA VAL B 465 -16.91 -42.48 2.91
C VAL B 465 -16.66 -42.31 1.41
N ALA B 466 -15.44 -41.97 0.99
CA ALA B 466 -15.13 -41.97 -0.44
C ALA B 466 -14.87 -43.38 -0.94
N THR B 467 -14.72 -44.34 -0.02
CA THR B 467 -14.57 -45.73 -0.47
C THR B 467 -15.87 -46.25 -1.04
N VAL B 468 -17.01 -45.74 -0.57
CA VAL B 468 -18.30 -46.17 -1.09
C VAL B 468 -18.38 -45.70 -2.55
N SER B 469 -18.35 -46.65 -3.46
CA SER B 469 -18.20 -46.34 -4.89
C SER B 469 -19.40 -46.91 -5.67
N LYS B 470 -19.38 -46.72 -7.02
CA LYS B 470 -20.47 -47.06 -7.94
C LYS B 470 -20.58 -48.56 -8.16
N ASN B 476 -15.53 -53.47 -0.04
CA ASN B 476 -15.07 -54.56 0.86
C ASN B 476 -14.61 -54.03 2.22
N MET B 477 -13.92 -52.89 2.31
CA MET B 477 -13.48 -52.44 3.64
C MET B 477 -14.79 -51.96 4.37
N LEU B 478 -15.93 -51.88 3.67
CA LEU B 478 -16.99 -51.01 4.15
C LEU B 478 -17.97 -51.62 5.11
N LYS B 479 -18.36 -52.90 4.99
CA LYS B 479 -19.55 -53.41 5.76
C LYS B 479 -19.24 -53.51 7.26
N VAL B 480 -17.93 -53.56 7.57
CA VAL B 480 -17.44 -53.53 8.95
C VAL B 480 -17.43 -52.12 9.48
N GLY B 481 -17.33 -51.15 8.60
CA GLY B 481 -17.31 -49.79 9.01
C GLY B 481 -18.70 -49.22 9.19
N ILE B 482 -19.76 -50.03 9.09
CA ILE B 482 -21.15 -49.53 9.09
C ILE B 482 -21.57 -48.98 10.45
N PRO B 483 -21.43 -49.71 11.56
CA PRO B 483 -21.84 -49.14 12.87
C PRO B 483 -20.81 -48.20 13.46
N VAL B 484 -19.57 -48.28 13.01
CA VAL B 484 -18.43 -47.61 13.64
C VAL B 484 -18.54 -46.11 13.48
N LEU B 485 -18.86 -45.65 12.26
CA LEU B 485 -19.02 -44.23 12.01
C LEU B 485 -20.22 -43.67 12.75
N ARG B 486 -21.21 -44.51 13.07
CA ARG B 486 -22.29 -44.07 13.93
C ARG B 486 -21.77 -43.66 15.30
N ALA B 487 -20.64 -44.22 15.75
CA ALA B 487 -20.09 -43.77 17.02
C ALA B 487 -19.25 -42.50 16.85
N LEU B 488 -18.53 -42.34 15.72
CA LEU B 488 -17.69 -41.15 15.59
C LEU B 488 -18.48 -39.92 15.25
N TYR B 489 -19.74 -40.07 14.86
CA TYR B 489 -20.65 -38.93 14.78
C TYR B 489 -20.98 -38.42 16.19
N ASP B 490 -21.01 -39.31 17.18
CA ASP B 490 -21.39 -38.93 18.55
C ASP B 490 -20.35 -38.03 19.24
N SER B 491 -19.09 -38.04 18.79
CA SER B 491 -18.05 -37.14 19.29
C SER B 491 -18.32 -35.71 18.85
N GLU B 492 -17.77 -34.75 19.60
CA GLU B 492 -18.24 -33.36 19.55
C GLU B 492 -17.28 -32.42 18.84
N ASP B 493 -16.11 -32.89 18.48
CA ASP B 493 -15.21 -32.10 17.67
C ASP B 493 -15.88 -31.98 16.31
N PRO B 494 -16.20 -30.77 15.86
CA PRO B 494 -16.84 -30.65 14.56
C PRO B 494 -15.94 -31.09 13.41
N THR B 495 -14.63 -30.98 13.56
CA THR B 495 -13.77 -31.47 12.50
C THR B 495 -13.91 -32.98 12.32
N VAL B 496 -14.21 -33.72 13.39
CA VAL B 496 -14.51 -35.14 13.23
C VAL B 496 -15.95 -35.34 12.83
N LYS B 497 -16.82 -34.53 13.39
CA LYS B 497 -18.24 -34.83 13.28
C LYS B 497 -18.75 -34.58 11.88
N VAL B 498 -18.27 -33.56 11.17
CA VAL B 498 -18.88 -33.34 9.85
C VAL B 498 -18.38 -34.34 8.82
N ARG B 499 -17.16 -34.82 8.96
CA ARG B 499 -16.74 -35.91 8.09
C ARG B 499 -17.44 -37.20 8.48
N ALA B 500 -17.79 -37.35 9.76
CA ALA B 500 -18.63 -38.48 10.13
C ALA B 500 -20.08 -38.26 9.70
N LEU B 501 -20.47 -37.02 9.43
CA LEU B 501 -21.80 -36.74 8.91
C LEU B 501 -21.86 -37.16 7.45
N VAL B 502 -20.77 -36.95 6.73
CA VAL B 502 -20.69 -37.55 5.40
C VAL B 502 -20.59 -39.04 5.60
N GLY B 503 -21.14 -39.79 4.67
CA GLY B 503 -21.21 -41.21 4.92
C GLY B 503 -22.56 -41.59 5.45
N LEU B 504 -22.98 -41.01 6.58
CA LEU B 504 -24.40 -41.04 6.90
C LEU B 504 -25.21 -40.29 5.85
N CYS B 505 -24.66 -39.19 5.34
CA CYS B 505 -25.27 -38.54 4.20
C CYS B 505 -25.17 -39.37 2.93
N LYS B 506 -24.15 -40.21 2.83
CA LYS B 506 -23.99 -40.97 1.61
C LYS B 506 -24.83 -42.25 1.59
N ILE B 507 -24.86 -43.00 2.69
CA ILE B 507 -25.57 -44.27 2.70
C ILE B 507 -27.07 -44.12 2.90
N GLY B 508 -27.55 -42.90 3.16
CA GLY B 508 -28.99 -42.68 3.24
C GLY B 508 -29.69 -42.77 1.89
N ALA B 524 -36.97 -39.22 8.99
CA ALA B 524 -35.97 -39.99 9.73
C ALA B 524 -34.63 -39.63 9.18
N VAL B 525 -34.58 -39.49 7.87
CA VAL B 525 -33.37 -39.17 7.13
C VAL B 525 -33.27 -37.67 6.83
N ILE B 526 -34.26 -36.88 7.28
CA ILE B 526 -34.22 -35.43 7.14
C ILE B 526 -33.52 -34.76 8.34
N SER B 527 -33.25 -35.51 9.41
CA SER B 527 -32.53 -34.96 10.56
C SER B 527 -31.06 -34.67 10.24
N LEU B 528 -30.46 -35.49 9.34
CA LEU B 528 -29.11 -35.25 8.83
C LEU B 528 -29.07 -34.01 7.93
N ALA B 529 -30.16 -33.75 7.20
CA ALA B 529 -30.32 -32.48 6.49
C ALA B 529 -30.54 -31.31 7.45
N LYS B 530 -31.10 -31.58 8.63
CA LYS B 530 -31.18 -30.56 9.66
C LYS B 530 -29.82 -30.17 10.25
N THR B 531 -28.95 -31.16 10.43
CA THR B 531 -27.58 -30.93 10.90
C THR B 531 -26.76 -30.17 9.87
N CYS B 532 -26.91 -30.54 8.60
CA CYS B 532 -26.25 -29.75 7.58
C CYS B 532 -26.86 -28.35 7.50
N LYS B 533 -28.15 -28.21 7.80
CA LYS B 533 -28.78 -26.89 7.84
C LYS B 533 -28.17 -26.01 8.92
N LYS B 534 -27.79 -26.62 10.03
CA LYS B 534 -27.15 -25.88 11.10
C LYS B 534 -25.73 -25.49 10.71
N PHE B 535 -25.00 -26.38 10.01
CA PHE B 535 -23.64 -26.00 9.63
C PHE B 535 -23.61 -25.03 8.48
N LEU B 536 -24.44 -25.26 7.47
CA LEU B 536 -24.27 -24.52 6.24
C LEU B 536 -24.77 -23.09 6.34
N LEU B 537 -25.82 -22.85 7.12
CA LEU B 537 -26.40 -21.51 7.27
C LEU B 537 -25.54 -20.56 8.11
N GLU B 538 -24.69 -21.10 8.99
CA GLU B 538 -23.81 -20.29 9.82
C GLU B 538 -22.66 -19.80 8.94
N THR B 539 -22.66 -18.50 8.62
CA THR B 539 -21.84 -18.01 7.51
C THR B 539 -20.47 -17.52 7.97
N GLU B 540 -20.47 -16.49 8.81
CA GLU B 540 -19.22 -15.88 9.23
C GLU B 540 -18.51 -16.73 10.26
N LYS B 541 -19.27 -17.35 11.16
CA LYS B 541 -18.67 -18.01 12.31
C LYS B 541 -17.93 -19.27 11.92
N TYR B 542 -18.51 -20.09 11.05
CA TYR B 542 -17.82 -21.31 10.69
C TYR B 542 -16.92 -21.09 9.47
N SER B 543 -15.84 -21.84 9.43
CA SER B 543 -14.92 -21.66 8.33
C SER B 543 -15.42 -22.43 7.12
N VAL B 544 -14.80 -22.17 5.97
CA VAL B 544 -15.14 -22.90 4.75
C VAL B 544 -14.54 -24.30 4.76
N ASP B 545 -13.57 -24.54 5.64
CA ASP B 545 -12.98 -25.86 5.74
C ASP B 545 -13.97 -26.89 6.27
N ILE B 546 -14.90 -26.48 7.14
CA ILE B 546 -15.97 -27.35 7.64
C ILE B 546 -17.13 -27.47 6.66
N ARG B 547 -17.56 -26.34 6.11
CA ARG B 547 -18.77 -26.34 5.31
C ARG B 547 -18.55 -26.95 3.93
N ARG B 548 -17.29 -27.15 3.51
CA ARG B 548 -17.03 -27.89 2.28
C ARG B 548 -17.54 -29.31 2.41
N TYR B 549 -17.31 -29.94 3.55
CA TYR B 549 -17.74 -31.31 3.70
C TYR B 549 -19.25 -31.42 3.80
N ALA B 550 -19.91 -30.43 4.40
CA ALA B 550 -21.37 -30.52 4.47
C ALA B 550 -22.00 -30.33 3.11
N CYS B 551 -21.43 -29.46 2.26
CA CYS B 551 -21.95 -29.37 0.90
C CYS B 551 -21.81 -30.70 0.18
N GLU B 552 -20.69 -31.40 0.40
CA GLU B 552 -20.54 -32.69 -0.27
C GLU B 552 -21.54 -33.71 0.26
N GLY B 553 -21.78 -33.70 1.57
CA GLY B 553 -22.73 -34.65 2.13
C GLY B 553 -24.14 -34.42 1.64
N LEU B 554 -24.51 -33.16 1.47
CA LEU B 554 -25.84 -32.90 1.01
C LEU B 554 -25.99 -33.28 -0.46
N SER B 555 -24.94 -33.16 -1.26
CA SER B 555 -25.07 -33.71 -2.59
C SER B 555 -25.30 -35.22 -2.56
N TYR B 556 -24.66 -35.94 -1.62
CA TYR B 556 -24.92 -37.39 -1.53
C TYR B 556 -26.30 -37.74 -0.99
N LEU B 557 -26.94 -36.82 -0.28
CA LEU B 557 -28.34 -36.95 0.13
C LEU B 557 -29.35 -36.57 -0.95
N SER B 558 -28.89 -35.86 -1.99
CA SER B 558 -29.78 -35.23 -2.97
C SER B 558 -30.40 -36.21 -3.97
N LEU B 559 -30.22 -37.51 -3.78
CA LEU B 559 -30.85 -38.50 -4.65
C LEU B 559 -32.31 -38.81 -4.30
N ASP B 560 -32.74 -38.59 -3.05
CA ASP B 560 -34.15 -38.81 -2.69
C ASP B 560 -35.02 -37.66 -3.18
N ALA B 561 -36.17 -38.01 -3.73
CA ALA B 561 -37.00 -37.00 -4.36
C ALA B 561 -37.66 -36.08 -3.35
N ASP B 562 -38.01 -36.59 -2.16
CA ASP B 562 -38.87 -35.85 -1.24
C ASP B 562 -38.16 -34.63 -0.65
N VAL B 563 -36.85 -34.76 -0.42
CA VAL B 563 -36.05 -33.69 0.20
C VAL B 563 -35.75 -32.59 -0.81
N LYS B 564 -35.94 -32.91 -2.08
CA LYS B 564 -35.67 -31.96 -3.14
C LYS B 564 -36.61 -30.78 -3.04
N GLU B 565 -37.87 -31.04 -2.71
CA GLU B 565 -38.78 -29.90 -2.58
C GLU B 565 -38.48 -29.11 -1.32
N TRP B 566 -38.05 -29.79 -0.26
CA TRP B 566 -37.77 -29.13 1.02
C TRP B 566 -36.61 -28.15 0.90
N ILE B 567 -35.64 -28.44 0.01
CA ILE B 567 -34.54 -27.49 -0.23
C ILE B 567 -35.02 -26.26 -0.96
N VAL B 568 -35.97 -26.42 -1.89
CA VAL B 568 -36.52 -25.25 -2.56
C VAL B 568 -37.34 -24.47 -1.55
N ASP B 569 -37.92 -25.15 -0.53
CA ASP B 569 -38.79 -24.45 0.44
C ASP B 569 -38.04 -23.43 1.26
N ASP B 570 -36.74 -23.61 1.50
CA ASP B 570 -35.94 -22.57 2.10
C ASP B 570 -35.34 -21.70 0.99
N SER B 571 -35.04 -20.43 1.30
CA SER B 571 -34.34 -19.50 0.38
C SER B 571 -32.90 -19.15 0.80
N LEU B 572 -32.66 -18.85 2.07
CA LEU B 572 -31.30 -18.46 2.41
C LEU B 572 -30.39 -19.67 2.37
N LEU B 573 -30.96 -20.87 2.42
CA LEU B 573 -30.15 -22.06 2.19
C LEU B 573 -29.52 -22.02 0.81
N LEU B 574 -30.27 -21.56 -0.19
CA LEU B 574 -29.69 -21.37 -1.51
C LEU B 574 -28.73 -20.18 -1.54
N LYS B 575 -29.07 -19.14 -0.78
CA LYS B 575 -28.20 -17.99 -0.75
C LYS B 575 -26.82 -18.34 -0.22
N ALA B 576 -26.77 -19.28 0.74
CA ALA B 576 -25.49 -19.75 1.27
C ALA B 576 -24.70 -20.50 0.22
N LEU B 577 -25.37 -21.20 -0.69
CA LEU B 577 -24.62 -21.88 -1.73
C LEU B 577 -24.01 -20.87 -2.67
N VAL B 578 -24.75 -19.82 -2.96
CA VAL B 578 -24.16 -18.79 -3.81
C VAL B 578 -22.92 -18.20 -3.14
N LEU B 579 -23.00 -17.93 -1.83
CA LEU B 579 -21.84 -17.37 -1.13
C LEU B 579 -20.71 -18.38 -0.91
N LEU B 580 -21.03 -19.67 -0.93
CA LEU B 580 -20.03 -20.72 -0.89
C LEU B 580 -19.24 -20.75 -2.19
N ALA B 581 -19.92 -20.67 -3.31
CA ALA B 581 -19.20 -20.72 -4.56
C ALA B 581 -18.43 -19.42 -4.77
N LYS B 582 -19.00 -18.30 -4.36
CA LYS B 582 -18.33 -17.01 -4.51
C LYS B 582 -17.26 -16.75 -3.46
N LYS B 583 -17.16 -17.59 -2.41
CA LYS B 583 -16.05 -17.47 -1.47
C LYS B 583 -14.98 -18.54 -1.68
N ALA B 584 -15.40 -19.81 -1.80
CA ALA B 584 -14.50 -20.95 -1.99
C ALA B 584 -14.01 -21.11 -3.43
N GLY B 585 -14.61 -20.40 -4.39
CA GLY B 585 -14.14 -20.49 -5.76
C GLY B 585 -14.42 -21.85 -6.34
N ALA B 586 -13.39 -22.50 -6.86
CA ALA B 586 -13.58 -23.80 -7.47
C ALA B 586 -13.30 -24.92 -6.49
N LEU B 587 -13.63 -24.74 -5.22
CA LEU B 587 -13.16 -25.69 -4.24
C LEU B 587 -14.05 -26.92 -4.09
N CYS B 588 -15.34 -26.82 -4.38
CA CYS B 588 -16.24 -27.91 -4.09
C CYS B 588 -17.16 -28.15 -5.27
N VAL B 589 -16.56 -28.34 -6.44
CA VAL B 589 -17.37 -28.34 -7.66
C VAL B 589 -18.11 -29.65 -7.77
N TYR B 590 -17.50 -30.74 -7.32
CA TYR B 590 -18.16 -32.04 -7.32
C TYR B 590 -19.47 -32.01 -6.55
N THR B 591 -19.52 -31.23 -5.46
CA THR B 591 -20.67 -31.24 -4.53
C THR B 591 -21.79 -30.39 -5.06
N LEU B 592 -21.47 -29.16 -5.42
CA LEU B 592 -22.50 -28.26 -5.88
C LEU B 592 -23.01 -28.69 -7.25
N ALA B 593 -22.12 -29.23 -8.12
CA ALA B 593 -22.62 -29.68 -9.41
C ALA B 593 -23.49 -30.93 -9.27
N THR B 594 -23.16 -31.81 -8.33
CA THR B 594 -24.03 -32.95 -8.07
C THR B 594 -25.38 -32.49 -7.57
N ILE B 595 -25.40 -31.45 -6.74
CA ILE B 595 -26.67 -30.91 -6.31
C ILE B 595 -27.45 -30.33 -7.47
N TYR B 596 -26.82 -29.54 -8.32
CA TYR B 596 -27.55 -29.00 -9.46
C TYR B 596 -28.06 -30.09 -10.40
N ALA B 597 -27.34 -31.19 -10.47
CA ALA B 597 -27.83 -32.29 -11.30
C ALA B 597 -29.08 -32.91 -10.69
N ASN B 598 -29.05 -33.19 -9.39
CA ASN B 598 -30.19 -33.89 -8.82
C ASN B 598 -31.41 -32.99 -8.74
N LEU B 599 -31.23 -31.69 -8.56
CA LEU B 599 -32.40 -30.84 -8.57
C LEU B 599 -32.97 -30.71 -9.97
N SER B 600 -32.12 -30.68 -10.98
CA SER B 600 -32.68 -30.63 -12.31
C SER B 600 -33.11 -32.00 -12.82
N ASN B 601 -32.71 -33.07 -12.14
CA ASN B 601 -33.02 -34.44 -12.57
C ASN B 601 -32.52 -34.72 -13.97
N ALA B 602 -31.33 -34.22 -14.27
CA ALA B 602 -30.79 -34.29 -15.62
C ALA B 602 -30.27 -35.66 -15.96
N PHE B 603 -30.34 -36.62 -15.04
CA PHE B 603 -29.90 -37.98 -15.34
C PHE B 603 -30.78 -38.66 -16.37
N GLU B 604 -30.14 -39.46 -17.23
CA GLU B 604 -30.85 -40.13 -18.31
C GLU B 604 -31.59 -41.37 -17.79
N LYS B 605 -32.73 -41.65 -18.43
CA LYS B 605 -33.57 -42.81 -18.11
C LYS B 605 -33.91 -43.70 -19.33
N HIS B 627 -41.50 -42.07 -9.16
CA HIS B 627 -41.99 -41.35 -7.99
C HIS B 627 -42.89 -40.15 -8.27
N PRO B 628 -44.02 -40.08 -7.58
CA PRO B 628 -45.05 -39.12 -7.99
C PRO B 628 -44.68 -37.68 -7.65
N LYS B 629 -43.81 -37.46 -6.67
CA LYS B 629 -43.41 -36.10 -6.31
C LYS B 629 -42.40 -35.51 -7.28
N ASP B 630 -41.95 -36.33 -8.24
CA ASP B 630 -41.08 -35.99 -9.37
C ASP B 630 -41.93 -35.59 -10.57
N THR B 631 -42.77 -34.59 -10.34
CA THR B 631 -43.70 -34.06 -11.34
C THR B 631 -43.07 -32.94 -12.14
N GLU B 632 -43.42 -32.89 -13.43
CA GLU B 632 -42.82 -31.92 -14.32
C GLU B 632 -43.10 -30.49 -13.88
N GLU B 633 -44.27 -30.25 -13.30
CA GLU B 633 -44.50 -28.91 -12.79
C GLU B 633 -43.72 -28.66 -11.50
N TYR B 634 -43.54 -29.69 -10.66
CA TYR B 634 -42.70 -29.52 -9.47
C TYR B 634 -41.25 -29.31 -9.85
N VAL B 635 -40.78 -29.98 -10.92
CA VAL B 635 -39.42 -29.78 -11.38
C VAL B 635 -39.26 -28.39 -12.00
N GLU B 636 -40.26 -27.92 -12.73
CA GLU B 636 -40.19 -26.54 -13.22
C GLU B 636 -40.19 -25.54 -12.08
N LYS B 637 -40.95 -25.85 -11.02
CA LYS B 637 -40.93 -25.06 -9.81
C LYS B 637 -39.57 -25.10 -9.16
N ARG B 638 -38.93 -26.26 -9.20
CA ARG B 638 -37.61 -26.35 -8.63
C ARG B 638 -36.66 -25.41 -9.36
N VAL B 639 -36.70 -25.42 -10.69
CA VAL B 639 -35.75 -24.64 -11.49
C VAL B 639 -35.99 -23.14 -11.32
N ARG B 640 -37.26 -22.73 -11.15
CA ARG B 640 -37.49 -21.29 -11.09
C ARG B 640 -36.86 -20.65 -9.85
N ALA B 641 -36.80 -21.39 -8.73
CA ALA B 641 -36.17 -20.86 -7.52
C ALA B 641 -34.68 -20.67 -7.72
N LEU B 642 -34.06 -21.61 -8.43
CA LEU B 642 -32.62 -21.57 -8.61
C LEU B 642 -32.24 -20.43 -9.53
N VAL B 643 -33.00 -20.21 -10.59
CA VAL B 643 -32.64 -19.09 -11.45
C VAL B 643 -32.96 -17.75 -10.79
N GLU B 644 -34.02 -17.70 -9.96
CA GLU B 644 -34.34 -16.47 -9.22
C GLU B 644 -33.28 -16.10 -8.18
N GLU B 645 -32.58 -17.09 -7.63
CA GLU B 645 -31.54 -16.84 -6.65
C GLU B 645 -30.15 -17.16 -7.17
N GLY B 646 -29.93 -16.88 -8.44
CA GLY B 646 -28.62 -16.77 -9.07
C GLY B 646 -27.81 -18.05 -9.16
N ALA B 647 -28.39 -19.09 -9.77
CA ALA B 647 -27.62 -20.32 -9.94
C ALA B 647 -26.59 -20.16 -11.04
N VAL B 648 -26.86 -19.31 -12.02
CA VAL B 648 -26.02 -19.13 -13.18
C VAL B 648 -24.64 -18.53 -12.83
N PRO B 649 -24.56 -17.46 -12.02
CA PRO B 649 -23.24 -17.00 -11.60
C PRO B 649 -22.59 -17.95 -10.63
N ALA B 650 -23.36 -18.78 -9.94
CA ALA B 650 -22.78 -19.86 -9.14
C ALA B 650 -22.14 -20.91 -10.04
N CYS B 651 -22.69 -21.11 -11.24
CA CYS B 651 -22.13 -22.08 -12.17
C CYS B 651 -20.84 -21.55 -12.76
N VAL B 652 -20.83 -20.26 -13.12
CA VAL B 652 -19.58 -19.76 -13.66
C VAL B 652 -18.53 -19.66 -12.56
N ALA B 653 -18.92 -19.64 -11.28
CA ALA B 653 -17.88 -19.52 -10.24
C ALA B 653 -17.17 -20.85 -9.92
N VAL B 654 -17.69 -22.00 -10.35
CA VAL B 654 -17.03 -23.30 -10.17
C VAL B 654 -16.49 -23.86 -11.50
N SER B 655 -16.32 -23.03 -12.52
CA SER B 655 -15.95 -23.56 -13.81
C SER B 655 -14.47 -23.88 -13.91
N LYS B 656 -13.60 -23.22 -13.14
CA LYS B 656 -12.18 -23.29 -13.48
C LYS B 656 -11.48 -24.54 -12.99
N THR B 657 -12.22 -25.61 -12.70
CA THR B 657 -11.54 -26.88 -12.46
C THR B 657 -11.40 -27.60 -13.79
N GLU B 658 -10.82 -28.79 -13.75
CA GLU B 658 -10.68 -29.58 -14.96
C GLU B 658 -11.39 -30.92 -14.87
N SER B 659 -12.29 -31.07 -13.89
CA SER B 659 -12.99 -32.33 -13.62
C SER B 659 -14.09 -32.52 -14.68
N LYS B 660 -13.78 -33.33 -15.71
CA LYS B 660 -14.78 -33.58 -16.75
C LYS B 660 -15.98 -34.28 -16.18
N ASN B 661 -15.80 -35.01 -15.07
CA ASN B 661 -16.95 -35.50 -14.33
C ASN B 661 -17.80 -34.32 -13.88
N ALA B 662 -17.16 -33.34 -13.22
CA ALA B 662 -17.87 -32.20 -12.66
C ALA B 662 -18.33 -31.24 -13.75
N LEU B 663 -17.54 -31.09 -14.81
CA LEU B 663 -17.99 -30.22 -15.89
C LEU B 663 -19.12 -30.85 -16.71
N GLU B 664 -19.19 -32.17 -16.76
CA GLU B 664 -20.38 -32.85 -17.26
C GLU B 664 -21.60 -32.52 -16.43
N LEU B 665 -21.47 -32.58 -15.10
CA LEU B 665 -22.64 -32.38 -14.27
C LEU B 665 -23.13 -30.95 -14.40
N ILE B 666 -22.21 -30.02 -14.62
CA ILE B 666 -22.63 -28.67 -14.94
C ILE B 666 -23.29 -28.61 -16.32
N ALA B 667 -22.78 -29.37 -17.30
CA ALA B 667 -23.37 -29.24 -18.63
C ALA B 667 -24.80 -29.75 -18.64
N ARG B 668 -25.06 -30.87 -17.95
CA ARG B 668 -26.42 -31.39 -17.82
C ARG B 668 -27.32 -30.43 -17.05
N SER B 669 -26.75 -29.74 -16.05
CA SER B 669 -27.59 -28.84 -15.26
C SER B 669 -28.01 -27.64 -16.08
N LEU B 670 -27.10 -27.13 -16.93
CA LEU B 670 -27.43 -25.99 -17.78
C LEU B 670 -28.40 -26.38 -18.87
N LEU B 671 -28.34 -27.65 -19.26
CA LEU B 671 -29.23 -28.10 -20.32
C LEU B 671 -30.68 -27.97 -19.89
N ALA B 672 -30.99 -28.27 -18.62
CA ALA B 672 -32.34 -28.07 -18.15
C ALA B 672 -32.67 -26.62 -17.86
N PHE B 673 -31.67 -25.75 -17.67
CA PHE B 673 -31.97 -24.36 -17.34
C PHE B 673 -32.46 -23.61 -18.57
N ALA B 674 -31.97 -23.94 -19.74
CA ALA B 674 -32.47 -23.19 -20.87
C ALA B 674 -33.70 -23.85 -21.49
N GLU B 675 -34.38 -24.70 -20.71
CA GLU B 675 -35.55 -25.42 -21.17
C GLU B 675 -36.73 -24.49 -21.46
N TYR B 676 -36.78 -23.31 -20.84
CA TYR B 676 -37.94 -22.45 -20.83
C TYR B 676 -37.60 -21.07 -21.35
N GLU B 677 -38.57 -20.41 -21.96
CA GLU B 677 -38.21 -19.36 -22.87
C GLU B 677 -37.92 -18.02 -22.20
N ASP B 678 -38.41 -17.79 -20.98
CA ASP B 678 -38.21 -16.52 -20.30
C ASP B 678 -36.81 -16.41 -19.67
N LEU B 679 -36.21 -17.52 -19.29
CA LEU B 679 -35.05 -17.49 -18.41
C LEU B 679 -33.76 -17.17 -19.13
N ARG B 680 -33.75 -17.22 -20.45
CA ARG B 680 -32.49 -17.16 -21.17
C ARG B 680 -31.85 -15.79 -21.10
N GLY B 681 -32.64 -14.73 -20.90
CA GLY B 681 -32.07 -13.40 -20.87
C GLY B 681 -31.11 -13.18 -19.72
N ARG B 682 -31.44 -13.69 -18.54
CA ARG B 682 -30.53 -13.58 -17.41
C ARG B 682 -29.31 -14.51 -17.56
N ILE B 683 -29.52 -15.65 -18.21
CA ILE B 683 -28.47 -16.66 -18.42
C ILE B 683 -27.39 -16.17 -19.38
N ILE B 684 -27.80 -15.50 -20.46
CA ILE B 684 -26.82 -15.04 -21.43
C ILE B 684 -25.95 -13.92 -20.88
N ALA B 685 -26.57 -12.96 -20.15
CA ALA B 685 -25.85 -11.81 -19.61
C ALA B 685 -24.92 -12.18 -18.47
N GLU B 686 -25.11 -13.38 -17.91
CA GLU B 686 -24.28 -13.89 -16.84
C GLU B 686 -23.22 -14.88 -17.35
N GLY B 687 -22.86 -14.75 -18.63
CA GLY B 687 -21.74 -15.48 -19.20
C GLY B 687 -22.00 -16.95 -19.35
N GLY B 688 -23.29 -17.36 -19.36
CA GLY B 688 -23.64 -18.76 -19.55
C GLY B 688 -23.40 -19.26 -20.97
N THR B 689 -23.50 -18.37 -21.95
CA THR B 689 -23.01 -18.70 -23.27
C THR B 689 -21.49 -18.85 -23.24
N VAL B 690 -20.79 -17.95 -22.54
CA VAL B 690 -19.34 -18.08 -22.40
C VAL B 690 -18.98 -19.35 -21.63
N LEU B 691 -19.80 -19.70 -20.63
CA LEU B 691 -19.62 -20.97 -19.90
C LEU B 691 -19.86 -22.17 -20.80
N CYS B 692 -20.90 -22.13 -21.63
CA CYS B 692 -21.15 -23.29 -22.48
C CYS B 692 -20.08 -23.41 -23.56
N LEU B 693 -19.59 -22.29 -24.06
CA LEU B 693 -18.55 -22.31 -25.06
C LEU B 693 -17.30 -22.93 -24.49
N ARG B 694 -17.02 -22.66 -23.22
CA ARG B 694 -15.92 -23.33 -22.52
C ARG B 694 -16.23 -24.80 -22.24
N LEU B 695 -17.50 -25.10 -21.89
CA LEU B 695 -17.89 -26.47 -21.54
C LEU B 695 -17.84 -27.38 -22.74
N THR B 696 -18.22 -26.85 -23.88
CA THR B 696 -18.15 -27.61 -25.11
C THR B 696 -16.71 -27.75 -25.57
N LYS B 697 -15.75 -27.02 -24.96
CA LYS B 697 -14.35 -27.19 -25.32
C LYS B 697 -13.63 -28.20 -24.44
N GLU B 698 -13.74 -28.10 -23.11
CA GLU B 698 -12.78 -28.85 -22.30
C GLU B 698 -13.44 -29.81 -21.32
N ALA B 699 -14.71 -30.21 -21.55
CA ALA B 699 -15.44 -31.09 -20.65
C ALA B 699 -15.34 -32.53 -21.12
N SER B 700 -16.06 -33.44 -20.47
CA SER B 700 -16.18 -34.79 -21.01
C SER B 700 -16.95 -34.75 -22.32
N GLY B 701 -16.65 -35.68 -23.23
CA GLY B 701 -17.26 -35.62 -24.56
C GLY B 701 -18.75 -35.82 -24.50
N GLU B 702 -19.21 -36.60 -23.53
CA GLU B 702 -20.63 -36.73 -23.27
C GLU B 702 -21.20 -35.39 -22.78
N GLY B 703 -20.41 -34.67 -21.97
CA GLY B 703 -20.83 -33.34 -21.55
C GLY B 703 -20.71 -32.32 -22.64
N LYS B 704 -19.86 -32.57 -23.64
CA LYS B 704 -19.83 -31.70 -24.81
C LYS B 704 -21.14 -31.83 -25.57
N ILE B 705 -21.65 -33.07 -25.61
CA ILE B 705 -22.96 -33.30 -26.20
C ILE B 705 -23.99 -32.47 -25.44
N LYS B 706 -23.91 -32.50 -24.10
CA LYS B 706 -24.88 -31.73 -23.32
C LYS B 706 -24.71 -30.21 -23.52
N ALA B 707 -23.45 -29.78 -23.72
CA ALA B 707 -23.09 -28.37 -23.78
C ALA B 707 -23.67 -27.70 -25.01
N GLY B 708 -23.55 -28.39 -26.15
CA GLY B 708 -24.10 -27.82 -27.37
C GLY B 708 -25.60 -27.75 -27.39
N HIS B 709 -26.27 -28.66 -26.66
CA HIS B 709 -27.72 -28.57 -26.56
C HIS B 709 -28.17 -27.34 -25.77
N ALA B 710 -27.47 -27.04 -24.67
CA ALA B 710 -27.86 -25.80 -23.99
C ALA B 710 -27.58 -24.58 -24.88
N ILE B 711 -26.49 -24.62 -25.67
CA ILE B 711 -26.21 -23.48 -26.56
C ILE B 711 -27.34 -23.32 -27.57
N ALA B 712 -27.86 -24.44 -28.09
CA ALA B 712 -28.91 -24.35 -29.10
C ALA B 712 -30.18 -23.78 -28.53
N LYS B 713 -30.47 -24.11 -27.26
CA LYS B 713 -31.70 -23.59 -26.68
C LYS B 713 -31.61 -22.10 -26.46
N LEU B 714 -30.38 -21.56 -26.25
CA LEU B 714 -30.26 -20.13 -25.99
C LEU B 714 -30.58 -19.27 -27.22
N GLY B 715 -30.19 -19.73 -28.41
CA GLY B 715 -30.36 -18.90 -29.60
C GLY B 715 -31.53 -19.37 -30.42
N ALA B 716 -32.49 -19.99 -29.72
CA ALA B 716 -33.72 -20.49 -30.34
C ALA B 716 -34.58 -19.34 -30.82
N LYS B 717 -34.98 -18.46 -29.90
CA LYS B 717 -35.85 -17.36 -30.28
C LYS B 717 -35.19 -16.02 -29.99
N ALA B 718 -33.86 -15.97 -30.04
CA ALA B 718 -33.08 -14.82 -29.60
C ALA B 718 -32.59 -14.00 -30.79
N ASP B 719 -32.23 -12.73 -30.51
CA ASP B 719 -31.52 -11.90 -31.49
C ASP B 719 -30.06 -12.25 -31.40
N PRO B 720 -29.49 -12.86 -32.46
CA PRO B 720 -28.14 -13.43 -32.36
C PRO B 720 -27.00 -12.40 -32.27
N MET B 721 -27.20 -11.14 -32.71
CA MET B 721 -26.15 -10.14 -32.59
C MET B 721 -25.92 -9.75 -31.14
N ILE B 722 -27.00 -9.42 -30.42
CA ILE B 722 -26.84 -9.01 -29.03
C ILE B 722 -26.45 -10.21 -28.17
N SER B 723 -27.12 -11.35 -28.37
CA SER B 723 -26.90 -12.53 -27.53
C SER B 723 -25.59 -13.24 -27.87
N PHE B 724 -24.96 -12.91 -28.98
CA PHE B 724 -23.68 -13.52 -29.36
C PHE B 724 -22.82 -12.49 -30.07
N PRO B 725 -21.90 -11.85 -29.37
CA PRO B 725 -21.01 -10.89 -30.04
C PRO B 725 -19.84 -11.59 -30.74
N GLY B 726 -19.83 -11.47 -32.08
CA GLY B 726 -18.67 -11.67 -32.94
C GLY B 726 -18.01 -13.03 -32.90
N GLN B 727 -16.80 -13.09 -32.36
CA GLN B 727 -16.08 -14.37 -32.24
C GLN B 727 -16.81 -15.33 -31.30
N ARG B 728 -17.51 -14.79 -30.28
CA ARG B 728 -18.41 -15.62 -29.49
C ARG B 728 -19.48 -16.25 -30.37
N ALA B 729 -19.99 -15.50 -31.35
CA ALA B 729 -20.93 -16.14 -32.27
C ALA B 729 -20.21 -17.13 -33.19
N TYR B 730 -18.94 -16.87 -33.55
CA TYR B 730 -18.29 -17.69 -34.55
C TYR B 730 -18.05 -19.09 -34.03
N GLU B 731 -17.58 -19.23 -32.80
CA GLU B 731 -17.32 -20.56 -32.30
C GLU B 731 -18.59 -21.28 -31.92
N VAL B 732 -19.73 -20.68 -32.23
CA VAL B 732 -20.94 -21.44 -32.11
C VAL B 732 -20.93 -22.59 -33.11
N VAL B 733 -20.24 -22.40 -34.25
CA VAL B 733 -20.43 -23.25 -35.42
C VAL B 733 -19.92 -24.67 -35.15
N LYS B 734 -18.73 -24.79 -34.61
CA LYS B 734 -18.12 -26.11 -34.41
C LYS B 734 -18.93 -27.08 -33.55
N PRO B 735 -19.54 -26.69 -32.41
CA PRO B 735 -20.34 -27.67 -31.65
C PRO B 735 -21.60 -28.04 -32.37
N LEU B 736 -22.28 -27.03 -32.89
CA LEU B 736 -23.61 -27.21 -33.45
C LEU B 736 -23.57 -27.99 -34.74
N CYS B 737 -22.45 -27.96 -35.43
CA CYS B 737 -22.30 -28.80 -36.60
C CYS B 737 -21.96 -30.25 -36.26
N ASP B 738 -21.62 -30.56 -35.01
CA ASP B 738 -21.26 -31.93 -34.66
C ASP B 738 -22.30 -32.76 -33.89
N LEU B 739 -23.35 -32.16 -33.33
CA LEU B 739 -24.42 -32.91 -32.67
C LEU B 739 -25.42 -33.56 -33.64
N LEU B 740 -25.33 -33.26 -34.94
CA LEU B 740 -26.29 -33.67 -35.96
C LEU B 740 -26.12 -35.14 -36.29
N HIS B 741 -27.02 -35.99 -35.72
CA HIS B 741 -27.13 -37.42 -35.98
C HIS B 741 -28.59 -37.83 -36.18
N PRO B 742 -28.95 -38.21 -37.41
CA PRO B 742 -30.34 -38.65 -37.66
C PRO B 742 -30.67 -40.01 -37.00
N ASP B 743 -29.66 -40.87 -36.68
CA ASP B 743 -29.80 -42.17 -35.99
C ASP B 743 -30.15 -42.06 -34.51
N VAL B 744 -29.93 -40.88 -33.92
CA VAL B 744 -30.34 -40.55 -32.55
C VAL B 744 -31.79 -40.06 -32.51
N GLU B 745 -32.08 -39.03 -33.30
CA GLU B 745 -33.39 -38.38 -33.35
C GLU B 745 -33.78 -37.86 -31.96
N GLY B 746 -32.99 -36.84 -31.50
CA GLY B 746 -33.37 -36.01 -30.37
C GLY B 746 -34.04 -34.74 -30.85
N LYS B 747 -34.62 -33.96 -29.92
CA LYS B 747 -35.20 -32.68 -30.30
C LYS B 747 -34.16 -31.59 -30.42
N ALA B 748 -32.90 -32.00 -30.26
CA ALA B 748 -31.79 -31.06 -30.33
C ALA B 748 -31.46 -30.74 -31.77
N ASN B 749 -31.89 -31.57 -32.73
CA ASN B 749 -31.61 -31.25 -34.13
C ASN B 749 -32.43 -30.07 -34.59
N TYR B 750 -33.74 -30.05 -34.25
CA TYR B 750 -34.53 -28.84 -34.49
C TYR B 750 -34.00 -27.66 -33.67
N ASP B 751 -33.60 -27.90 -32.41
CA ASP B 751 -33.10 -26.76 -31.62
C ASP B 751 -31.87 -26.15 -32.28
N SER B 752 -31.00 -27.03 -32.81
CA SER B 752 -29.76 -26.68 -33.49
C SER B 752 -30.02 -25.94 -34.79
N LEU B 753 -30.90 -26.49 -35.61
CA LEU B 753 -31.12 -25.93 -36.93
C LEU B 753 -31.86 -24.61 -36.86
N LEU B 754 -32.81 -24.45 -35.91
CA LEU B 754 -33.47 -23.15 -35.74
C LEU B 754 -32.50 -22.07 -35.27
N THR B 755 -31.65 -22.43 -34.31
CA THR B 755 -30.61 -21.50 -33.90
C THR B 755 -29.75 -21.12 -35.10
N LEU B 756 -29.35 -22.13 -35.87
CA LEU B 756 -28.47 -21.89 -37.00
C LEU B 756 -29.16 -21.06 -38.08
N THR B 757 -30.46 -21.22 -38.21
CA THR B 757 -31.20 -20.47 -39.22
C THR B 757 -31.25 -19.00 -38.85
N ASN B 758 -31.48 -18.70 -37.59
CA ASN B 758 -31.43 -17.29 -37.22
C ASN B 758 -30.01 -16.75 -37.32
N LEU B 759 -29.00 -17.59 -37.10
CA LEU B 759 -27.62 -17.17 -37.22
C LEU B 759 -27.27 -16.87 -38.67
N ALA B 760 -27.95 -17.55 -39.59
CA ALA B 760 -27.68 -17.51 -41.01
C ALA B 760 -28.19 -16.25 -41.68
N SER B 761 -28.60 -15.24 -40.92
CA SER B 761 -29.08 -14.03 -41.58
C SER B 761 -28.19 -12.80 -41.36
N VAL B 762 -27.10 -12.90 -40.59
CA VAL B 762 -26.38 -11.69 -40.16
C VAL B 762 -25.21 -11.37 -41.10
N SER B 763 -24.31 -12.32 -41.33
CA SER B 763 -23.12 -11.94 -42.09
C SER B 763 -22.59 -13.14 -42.86
N ASP B 764 -21.82 -12.81 -43.90
CA ASP B 764 -21.15 -13.82 -44.72
C ASP B 764 -20.07 -14.52 -43.91
N SER B 765 -19.46 -13.81 -42.94
CA SER B 765 -18.44 -14.45 -42.11
C SER B 765 -19.05 -15.54 -41.24
N ILE B 766 -20.33 -15.40 -40.93
CA ILE B 766 -21.08 -16.46 -40.26
C ILE B 766 -21.22 -17.66 -41.18
N ARG B 767 -21.89 -17.45 -42.31
CA ARG B 767 -22.32 -18.56 -43.12
C ARG B 767 -21.17 -19.21 -43.90
N GLY B 768 -20.02 -18.54 -44.03
CA GLY B 768 -18.89 -19.17 -44.68
C GLY B 768 -18.28 -20.27 -43.82
N ARG B 769 -18.30 -20.06 -42.51
CA ARG B 769 -17.71 -21.02 -41.57
C ARG B 769 -18.55 -22.27 -41.46
N ILE B 770 -19.84 -22.16 -41.81
CA ILE B 770 -20.73 -23.29 -41.64
C ILE B 770 -20.40 -24.34 -42.69
N LEU B 771 -20.13 -23.91 -43.91
CA LEU B 771 -19.90 -24.84 -45.00
C LEU B 771 -18.62 -25.62 -44.76
N LYS B 772 -17.64 -24.98 -44.10
CA LYS B 772 -16.35 -25.58 -43.85
C LYS B 772 -16.45 -26.81 -42.96
N GLU B 773 -17.46 -26.93 -42.12
CA GLU B 773 -17.51 -28.04 -41.18
C GLU B 773 -18.27 -29.26 -41.72
N LYS B 774 -18.30 -29.48 -43.05
CA LYS B 774 -19.00 -30.63 -43.69
C LYS B 774 -20.50 -30.66 -43.37
N ALA B 775 -21.16 -29.52 -43.58
CA ALA B 775 -22.56 -29.42 -43.21
C ALA B 775 -23.51 -30.14 -44.15
N ILE B 776 -23.12 -30.32 -45.40
CA ILE B 776 -24.06 -30.56 -46.49
C ILE B 776 -24.78 -31.90 -46.43
N PRO B 777 -24.09 -33.05 -46.36
CA PRO B 777 -24.85 -34.32 -46.35
C PRO B 777 -25.61 -34.58 -45.04
N LYS B 778 -25.12 -34.02 -43.93
CA LYS B 778 -25.85 -34.08 -42.66
C LYS B 778 -27.12 -33.26 -42.73
N ILE B 779 -27.05 -32.12 -43.41
CA ILE B 779 -28.24 -31.34 -43.63
C ILE B 779 -29.21 -32.07 -44.55
N GLU B 780 -28.69 -32.86 -45.48
CA GLU B 780 -29.55 -33.47 -46.50
C GLU B 780 -30.61 -34.39 -45.88
N GLU B 781 -30.19 -35.22 -44.92
CA GLU B 781 -31.05 -36.29 -44.43
C GLU B 781 -32.24 -35.78 -43.65
N PHE B 782 -32.06 -34.69 -42.93
CA PHE B 782 -33.13 -34.00 -42.23
C PHE B 782 -34.02 -33.25 -43.21
N TRP B 783 -33.45 -32.87 -44.34
CA TRP B 783 -34.15 -32.30 -45.47
C TRP B 783 -34.83 -33.37 -46.31
N PHE B 784 -34.61 -34.67 -46.00
CA PHE B 784 -35.37 -35.79 -46.58
C PHE B 784 -36.56 -36.22 -45.72
N MET B 785 -36.62 -35.80 -44.43
CA MET B 785 -37.57 -36.34 -43.46
C MET B 785 -38.98 -35.87 -43.76
N THR B 786 -39.95 -36.79 -43.71
CA THR B 786 -41.22 -36.52 -44.38
C THR B 786 -42.37 -36.18 -43.44
N ASP B 787 -42.69 -37.09 -42.51
CA ASP B 787 -43.87 -36.96 -41.65
C ASP B 787 -43.70 -35.87 -40.59
N HIS B 788 -42.51 -35.28 -40.52
CA HIS B 788 -42.19 -34.26 -39.54
C HIS B 788 -42.74 -32.92 -40.02
N GLU B 789 -42.85 -31.98 -39.09
CA GLU B 789 -43.31 -30.65 -39.44
C GLU B 789 -42.23 -29.60 -39.18
N HIS B 790 -41.25 -29.88 -38.31
CA HIS B 790 -40.24 -28.89 -37.96
C HIS B 790 -38.82 -29.16 -38.48
N LEU B 791 -38.38 -30.41 -38.67
CA LEU B 791 -36.95 -30.65 -38.98
C LEU B 791 -36.60 -30.14 -40.36
N ARG B 792 -37.32 -30.64 -41.36
CA ARG B 792 -37.12 -30.15 -42.69
C ARG B 792 -37.61 -28.70 -42.83
N ALA B 793 -38.55 -28.26 -41.96
CA ALA B 793 -38.97 -26.86 -41.92
C ALA B 793 -37.85 -25.92 -41.49
N ALA B 794 -36.95 -26.40 -40.61
CA ALA B 794 -35.74 -25.65 -40.24
C ALA B 794 -34.68 -25.69 -41.32
N ALA B 795 -34.53 -26.85 -41.99
CA ALA B 795 -33.66 -26.96 -43.15
C ALA B 795 -34.09 -26.01 -44.24
N ALA B 796 -35.37 -25.68 -44.30
CA ALA B 796 -35.95 -24.79 -45.29
C ALA B 796 -35.42 -23.36 -45.25
N GLU B 797 -35.60 -22.66 -44.12
CA GLU B 797 -35.03 -21.32 -43.96
C GLU B 797 -33.53 -21.32 -43.70
N LEU B 798 -32.95 -22.43 -43.21
CA LEU B 798 -31.50 -22.55 -43.21
C LEU B 798 -30.93 -22.42 -44.61
N LEU B 799 -31.32 -23.35 -45.51
CA LEU B 799 -30.79 -23.36 -46.86
C LEU B 799 -31.28 -22.21 -47.69
N LEU B 800 -32.44 -21.63 -47.33
CA LEU B 800 -32.86 -20.34 -47.90
C LEU B 800 -31.89 -19.22 -47.50
N ASN B 801 -31.51 -19.14 -46.21
CA ASN B 801 -30.61 -18.07 -45.84
C ASN B 801 -29.22 -18.31 -46.42
N LEU B 802 -28.91 -19.56 -46.77
CA LEU B 802 -27.60 -19.87 -47.30
C LEU B 802 -27.43 -19.49 -48.76
N LEU B 803 -28.46 -18.99 -49.43
CA LEU B 803 -28.28 -18.57 -50.81
C LEU B 803 -27.71 -17.15 -50.94
N PHE B 804 -27.42 -16.45 -49.84
CA PHE B 804 -26.58 -15.24 -49.92
C PHE B 804 -25.14 -15.63 -50.23
N PHE B 805 -24.73 -16.79 -49.75
CA PHE B 805 -23.38 -17.28 -49.91
C PHE B 805 -23.21 -17.78 -51.34
N GLU B 806 -22.18 -17.29 -51.99
CA GLU B 806 -22.08 -17.51 -53.41
C GLU B 806 -21.70 -18.93 -53.69
N LYS B 807 -20.90 -19.49 -52.81
CA LYS B 807 -20.40 -20.80 -53.11
C LYS B 807 -21.44 -21.90 -52.98
N PHE B 808 -22.33 -21.77 -52.01
CA PHE B 808 -23.42 -22.72 -51.96
C PHE B 808 -24.37 -22.56 -53.13
N TYR B 809 -24.60 -21.32 -53.55
CA TYR B 809 -25.47 -21.04 -54.69
C TYR B 809 -24.99 -21.75 -55.94
N GLU B 810 -23.72 -21.58 -56.26
CA GLU B 810 -23.25 -22.16 -57.49
C GLU B 810 -22.98 -23.64 -57.34
N GLU B 811 -22.69 -24.14 -56.13
CA GLU B 811 -22.58 -25.59 -55.98
C GLU B 811 -23.95 -26.26 -56.05
N THR B 812 -25.02 -25.51 -55.81
CA THR B 812 -26.34 -26.06 -56.12
C THR B 812 -26.48 -26.15 -57.64
N VAL B 813 -26.00 -25.14 -58.36
CA VAL B 813 -26.05 -25.21 -59.82
C VAL B 813 -25.06 -26.19 -60.42
N ALA B 814 -24.10 -26.75 -59.66
CA ALA B 814 -22.96 -27.52 -60.21
C ALA B 814 -23.36 -28.83 -60.91
N PRO B 815 -22.77 -29.15 -62.06
CA PRO B 815 -23.26 -30.30 -62.83
C PRO B 815 -22.95 -31.64 -62.20
N GLY B 816 -21.92 -31.75 -61.36
CA GLY B 816 -21.70 -33.04 -60.71
C GLY B 816 -22.78 -33.35 -59.70
N THR B 817 -23.48 -32.32 -59.24
CA THR B 817 -24.47 -32.49 -58.20
C THR B 817 -25.84 -32.81 -58.77
N ASP B 818 -26.61 -33.54 -57.98
CA ASP B 818 -28.02 -33.81 -58.21
C ASP B 818 -28.89 -33.01 -57.28
N ARG B 819 -28.42 -31.81 -56.94
CA ARG B 819 -29.16 -30.96 -56.02
C ARG B 819 -30.28 -30.29 -56.79
N LEU B 820 -30.05 -29.99 -58.06
CA LEU B 820 -31.17 -29.43 -58.78
C LEU B 820 -32.24 -30.48 -58.97
N LYS B 821 -31.88 -31.76 -58.89
CA LYS B 821 -32.91 -32.78 -58.79
C LYS B 821 -33.75 -32.59 -57.52
N LEU B 822 -33.09 -32.38 -56.36
CA LEU B 822 -33.80 -32.40 -55.09
C LEU B 822 -34.56 -31.12 -54.84
N TRP B 823 -34.06 -29.99 -55.34
CA TRP B 823 -34.69 -28.69 -55.16
C TRP B 823 -35.93 -28.52 -56.00
N VAL B 824 -36.15 -29.41 -56.96
CA VAL B 824 -37.35 -29.36 -57.79
C VAL B 824 -38.29 -30.51 -57.45
N LEU B 825 -37.77 -31.71 -57.19
CA LEU B 825 -38.65 -32.78 -56.76
C LEU B 825 -39.26 -32.49 -55.40
N TYR B 826 -38.53 -31.79 -54.51
CA TYR B 826 -39.04 -31.39 -53.21
C TYR B 826 -39.95 -30.17 -53.26
N SER B 827 -40.12 -29.52 -54.41
CA SER B 827 -41.19 -28.55 -54.53
C SER B 827 -42.54 -29.23 -54.75
N ALA B 828 -42.54 -30.49 -55.18
CA ALA B 828 -43.76 -31.15 -55.62
C ALA B 828 -44.56 -31.75 -54.46
N GLU B 829 -43.87 -32.21 -53.44
CA GLU B 829 -44.54 -32.80 -52.28
C GLU B 829 -45.31 -31.73 -51.50
N VAL B 830 -46.65 -31.70 -51.59
CA VAL B 830 -47.44 -30.69 -50.84
C VAL B 830 -48.46 -31.35 -49.91
N GLU B 831 -48.18 -32.58 -49.46
CA GLU B 831 -49.01 -33.16 -48.40
C GLU B 831 -48.80 -32.40 -47.09
N GLU B 832 -47.57 -31.87 -46.85
CA GLU B 832 -47.26 -30.87 -45.84
C GLU B 832 -46.81 -29.58 -46.54
N GLU B 833 -46.67 -28.50 -45.75
CA GLU B 833 -46.43 -27.14 -46.25
C GLU B 833 -45.03 -26.57 -46.00
N ARG B 834 -44.18 -27.25 -45.24
CA ARG B 834 -42.83 -26.72 -44.97
C ARG B 834 -41.92 -26.80 -46.22
N LEU B 835 -41.86 -27.98 -46.86
CA LEU B 835 -40.93 -28.26 -47.94
C LEU B 835 -41.42 -27.78 -49.31
N SER B 836 -42.73 -27.74 -49.56
CA SER B 836 -43.14 -27.20 -50.85
C SER B 836 -42.84 -25.70 -50.93
N ARG B 837 -43.02 -24.98 -49.79
CA ARG B 837 -42.71 -23.56 -49.69
C ARG B 837 -41.21 -23.31 -49.77
N ALA B 838 -40.43 -24.21 -49.14
CA ALA B 838 -38.98 -24.08 -49.17
C ALA B 838 -38.44 -24.29 -50.57
N SER B 839 -38.76 -25.44 -51.17
CA SER B 839 -38.18 -25.78 -52.44
C SER B 839 -38.74 -24.92 -53.56
N ALA B 840 -39.87 -24.23 -53.36
CA ALA B 840 -40.24 -23.25 -54.37
C ALA B 840 -39.57 -21.90 -54.13
N ALA B 841 -39.31 -21.53 -52.86
CA ALA B 841 -38.66 -20.23 -52.63
C ALA B 841 -37.25 -20.24 -53.20
N GLY B 842 -36.53 -21.34 -52.97
CA GLY B 842 -35.17 -21.44 -53.49
C GLY B 842 -35.13 -21.42 -55.00
N PHE B 843 -36.16 -22.00 -55.62
CA PHE B 843 -36.37 -21.97 -57.06
C PHE B 843 -36.60 -20.55 -57.61
N ALA B 844 -37.38 -19.74 -56.88
CA ALA B 844 -37.62 -18.36 -57.33
C ALA B 844 -36.34 -17.57 -57.30
N ILE B 845 -35.38 -18.01 -56.47
CA ILE B 845 -34.09 -17.31 -56.46
C ILE B 845 -33.18 -17.84 -57.56
N LEU B 846 -33.12 -19.16 -57.74
CA LEU B 846 -32.17 -19.78 -58.68
C LEU B 846 -32.51 -19.52 -60.14
N THR B 847 -33.76 -19.27 -60.45
CA THR B 847 -34.02 -19.17 -61.87
C THR B 847 -33.71 -17.77 -62.43
N GLU B 848 -33.22 -16.86 -61.61
CA GLU B 848 -32.75 -15.62 -62.21
C GLU B 848 -31.41 -15.83 -62.93
N ASP B 849 -30.73 -16.97 -62.68
CA ASP B 849 -29.51 -17.38 -63.41
C ASP B 849 -29.93 -18.11 -64.67
N GLU B 850 -29.35 -17.73 -65.81
CA GLU B 850 -29.80 -18.29 -67.10
C GLU B 850 -29.37 -19.74 -67.29
N ASN B 851 -28.14 -20.07 -66.91
CA ASN B 851 -27.62 -21.42 -67.06
C ASN B 851 -28.29 -22.39 -66.07
N ALA B 852 -28.88 -21.87 -65.00
CA ALA B 852 -29.63 -22.69 -64.05
C ALA B 852 -30.90 -23.27 -64.68
N CYS B 853 -31.49 -22.54 -65.64
CA CYS B 853 -32.66 -23.03 -66.37
C CYS B 853 -32.33 -24.17 -67.36
N ALA B 854 -31.08 -24.25 -67.83
CA ALA B 854 -30.74 -25.24 -68.85
C ALA B 854 -30.64 -26.65 -68.25
N ARG B 855 -30.13 -26.77 -67.04
CA ARG B 855 -30.02 -28.10 -66.43
C ARG B 855 -31.36 -28.60 -65.90
N ILE B 856 -32.41 -27.75 -65.91
CA ILE B 856 -33.76 -28.16 -65.48
C ILE B 856 -34.38 -29.15 -66.48
N MET B 857 -34.34 -28.78 -67.77
CA MET B 857 -35.13 -29.51 -68.74
C MET B 857 -34.49 -30.84 -69.07
N ASP B 858 -33.20 -30.80 -69.46
CA ASP B 858 -32.49 -31.97 -70.00
C ASP B 858 -32.16 -33.03 -68.95
N GLU B 859 -31.90 -32.62 -67.70
CA GLU B 859 -31.44 -33.56 -66.68
C GLU B 859 -32.59 -34.21 -65.91
N ILE B 860 -33.82 -33.76 -66.11
CA ILE B 860 -34.99 -34.28 -65.39
C ILE B 860 -35.81 -35.04 -66.43
N LYS B 861 -35.75 -36.37 -66.36
CA LYS B 861 -36.64 -37.15 -67.18
C LYS B 861 -38.06 -36.96 -66.66
N SER B 862 -39.02 -36.91 -67.58
CA SER B 862 -40.44 -36.70 -67.28
C SER B 862 -40.73 -35.37 -66.55
N TRP B 863 -39.97 -34.32 -66.90
CA TRP B 863 -40.13 -33.00 -66.28
C TRP B 863 -41.50 -32.33 -66.43
N PRO B 864 -42.23 -32.43 -67.56
CA PRO B 864 -43.52 -31.75 -67.59
C PRO B 864 -44.56 -32.45 -66.74
N GLU B 865 -44.31 -33.73 -66.39
CA GLU B 865 -45.20 -34.46 -65.48
C GLU B 865 -45.25 -33.80 -64.10
N VAL B 866 -44.09 -33.44 -63.56
CA VAL B 866 -44.04 -32.69 -62.28
C VAL B 866 -44.54 -31.28 -62.49
N PHE B 867 -44.28 -30.69 -63.66
CA PHE B 867 -44.58 -29.27 -63.77
C PHE B 867 -46.08 -29.01 -63.87
N LYS B 868 -46.85 -29.90 -64.49
CA LYS B 868 -48.29 -29.67 -64.51
C LYS B 868 -48.94 -30.02 -63.19
N ASP B 869 -48.28 -30.86 -62.39
CA ASP B 869 -48.78 -31.22 -61.06
C ASP B 869 -48.57 -30.07 -60.06
N ILE B 870 -47.51 -29.26 -60.23
CA ILE B 870 -47.26 -28.10 -59.37
C ILE B 870 -47.81 -26.77 -59.90
N ALA B 871 -48.22 -26.71 -61.16
CA ALA B 871 -48.90 -25.50 -61.62
C ALA B 871 -50.33 -25.46 -61.10
N MET B 872 -51.08 -26.54 -61.38
CA MET B 872 -52.41 -26.81 -60.84
C MET B 872 -52.21 -27.21 -59.39
N HIS B 873 -52.06 -26.20 -58.53
CA HIS B 873 -51.53 -26.44 -57.21
C HIS B 873 -52.45 -25.92 -56.10
N GLU B 874 -52.47 -26.66 -54.99
CA GLU B 874 -53.40 -26.37 -53.91
C GLU B 874 -52.94 -25.20 -53.04
N ASP B 875 -51.85 -25.39 -52.31
CA ASP B 875 -51.35 -24.40 -51.38
C ASP B 875 -50.98 -23.14 -52.16
N ALA B 876 -51.36 -21.98 -51.65
CA ALA B 876 -51.22 -20.80 -52.51
C ALA B 876 -49.78 -20.27 -52.48
N GLU B 877 -49.10 -20.29 -51.32
CA GLU B 877 -47.74 -19.72 -51.22
C GLU B 877 -46.71 -20.57 -51.95
N THR B 878 -46.88 -21.91 -51.95
CA THR B 878 -46.04 -22.75 -52.79
C THR B 878 -46.21 -22.41 -54.26
N GLN B 879 -47.46 -22.18 -54.67
CA GLN B 879 -47.76 -21.83 -56.05
C GLN B 879 -47.18 -20.47 -56.40
N ARG B 880 -47.17 -19.55 -55.43
CA ARG B 880 -46.66 -18.19 -55.61
C ARG B 880 -45.15 -18.17 -55.79
N ARG B 881 -44.42 -18.98 -55.00
CA ARG B 881 -42.98 -19.02 -55.15
C ARG B 881 -42.58 -19.71 -56.46
N GLY B 882 -43.28 -20.80 -56.81
CA GLY B 882 -42.89 -21.55 -57.98
C GLY B 882 -43.22 -20.84 -59.30
N LEU B 883 -44.43 -20.28 -59.43
CA LEU B 883 -44.78 -19.68 -60.71
C LEU B 883 -44.01 -18.38 -60.96
N MET B 884 -43.68 -17.62 -59.90
CA MET B 884 -42.80 -16.48 -60.14
C MET B 884 -41.38 -16.93 -60.43
N GLY B 885 -40.96 -18.09 -59.91
CA GLY B 885 -39.67 -18.64 -60.34
C GLY B 885 -39.65 -19.19 -61.76
N ILE B 886 -40.84 -19.42 -62.34
CA ILE B 886 -40.98 -19.74 -63.77
C ILE B 886 -41.14 -18.46 -64.61
N ALA B 887 -41.56 -17.36 -63.99
CA ALA B 887 -41.76 -16.11 -64.73
C ALA B 887 -40.45 -15.61 -65.33
N ASN B 888 -39.38 -15.63 -64.53
CA ASN B 888 -38.04 -15.27 -64.96
C ASN B 888 -37.38 -16.33 -65.83
N ILE B 889 -37.98 -17.52 -65.95
CA ILE B 889 -37.46 -18.57 -66.85
C ILE B 889 -37.69 -18.20 -68.33
N MET B 890 -38.93 -17.88 -68.71
CA MET B 890 -39.21 -17.43 -70.08
C MET B 890 -38.60 -16.05 -70.35
N HIS B 891 -38.25 -15.29 -69.27
CA HIS B 891 -37.43 -14.07 -69.36
C HIS B 891 -35.95 -14.37 -69.67
N SER B 892 -35.44 -15.57 -69.30
CA SER B 892 -34.03 -15.91 -69.46
C SER B 892 -33.74 -16.40 -70.87
N SER B 893 -34.28 -17.55 -71.24
CA SER B 893 -33.96 -18.22 -72.49
C SER B 893 -35.22 -18.40 -73.31
N ASN B 894 -35.05 -18.34 -74.64
CA ASN B 894 -36.11 -18.59 -75.62
C ASN B 894 -36.16 -20.03 -76.11
N LYS B 895 -35.04 -20.76 -76.22
CA LYS B 895 -35.17 -22.13 -76.72
C LYS B 895 -35.84 -23.05 -75.70
N LEU B 896 -35.65 -22.78 -74.40
CA LEU B 896 -36.39 -23.51 -73.37
C LEU B 896 -37.89 -23.21 -73.45
N CYS B 897 -38.23 -21.93 -73.68
CA CYS B 897 -39.63 -21.51 -73.85
C CYS B 897 -40.25 -22.07 -75.13
N SER B 898 -39.43 -22.34 -76.15
CA SER B 898 -39.84 -23.04 -77.39
C SER B 898 -40.10 -24.53 -77.14
N GLU B 899 -39.40 -25.12 -76.16
CA GLU B 899 -39.63 -26.52 -75.84
C GLU B 899 -40.74 -26.75 -74.81
N ILE B 900 -41.23 -25.68 -74.15
CA ILE B 900 -42.37 -25.82 -73.19
C ILE B 900 -43.72 -25.66 -73.91
N VAL B 901 -43.80 -24.83 -74.95
CA VAL B 901 -44.96 -24.81 -75.82
C VAL B 901 -45.10 -26.15 -76.55
N SER B 902 -43.99 -26.82 -76.88
CA SER B 902 -44.06 -28.19 -77.41
C SER B 902 -44.46 -29.21 -76.35
N SER B 903 -44.37 -28.85 -75.08
CA SER B 903 -44.78 -29.74 -74.00
C SER B 903 -46.17 -29.34 -73.55
N GLU B 904 -46.62 -29.99 -72.49
CA GLU B 904 -48.02 -29.97 -72.11
C GLU B 904 -48.41 -28.84 -71.15
N VAL B 905 -47.48 -28.36 -70.32
CA VAL B 905 -47.86 -27.58 -69.15
C VAL B 905 -48.38 -26.19 -69.48
N PHE B 906 -48.27 -25.72 -70.72
CA PHE B 906 -48.52 -24.32 -71.03
C PHE B 906 -49.99 -23.90 -70.94
N ARG B 907 -50.94 -24.80 -71.09
CA ARG B 907 -52.34 -24.35 -71.15
C ARG B 907 -52.91 -23.94 -69.78
N VAL B 908 -52.48 -24.63 -68.72
CA VAL B 908 -52.97 -24.29 -67.39
C VAL B 908 -52.30 -23.02 -66.94
N LEU B 909 -51.19 -22.67 -67.58
CA LEU B 909 -50.48 -21.46 -67.22
C LEU B 909 -51.30 -20.24 -67.60
N VAL B 910 -51.87 -20.23 -68.79
CA VAL B 910 -52.61 -19.03 -69.11
C VAL B 910 -53.86 -18.91 -68.26
N ALA B 911 -54.33 -20.02 -67.68
CA ALA B 911 -55.51 -19.98 -66.81
C ALA B 911 -55.30 -19.14 -65.55
N VAL B 912 -54.07 -19.11 -65.01
CA VAL B 912 -53.81 -18.45 -63.73
C VAL B 912 -53.82 -16.93 -63.88
N THR B 913 -53.48 -16.42 -65.06
CA THR B 913 -53.60 -14.99 -65.29
C THR B 913 -55.06 -14.54 -65.42
N LYS B 914 -55.97 -15.50 -65.73
CA LYS B 914 -57.40 -15.29 -66.02
C LYS B 914 -58.32 -15.35 -64.78
N LEU B 915 -57.75 -15.59 -63.59
CA LEU B 915 -58.47 -15.56 -62.31
C LEU B 915 -58.27 -14.18 -61.70
#